data_1OH8
#
_entry.id   1OH8
#
_cell.length_a   89.381
_cell.length_b   91.719
_cell.length_c   259.694
_cell.angle_alpha   90.00
_cell.angle_beta   90.00
_cell.angle_gamma   90.00
#
_symmetry.space_group_name_H-M   'P 21 21 21'
#
loop_
_entity.id
_entity.type
_entity.pdbx_description
1 polymer 'DNA MISMATCH REPAIR PROTEIN MUTS'
2 polymer "5'-D(*AP*GP*CP*TP*GP*CP*CP*AP*GP*GP *CP*AP*CP*CP*AP*GP*TP*GP*TP*CP*AP*GP*CP*GP*TP*CP*CP* TP*AP*T)-3'"
3 polymer "5'-D(*AP*TP*AP*GP*GP*AP*CP*GP*CP*TP *GP*AP*CP*AP*CP*TP*GP*GP*TP*GP*CP*CP*TP*TP*GP*GP*CP* AP*GP*CP*T)-3'"
4 non-polymer "ADENOSINE-5'-DIPHOSPHATE"
5 non-polymer 'MAGNESIUM ION'
6 water water
#
loop_
_entity_poly.entity_id
_entity_poly.type
_entity_poly.pdbx_seq_one_letter_code
_entity_poly.pdbx_strand_id
1 'polypeptide(L)'
;MSAIENFDAHTPMMQQYLRLKAQHPEILLFYRMGDFYELFYDDAKRASQLLDISLTKRGASAGEPIPMAGIPYHAVENYL
AKLVNQGESVAICEQIGDPATSKGPVERKVVRIVTPGTISDEALLQERQDNLLAAIWQDSKGFGYATLDISSGRFRLSEP
ADRETMAAELQRTNPAELLYAEDFAEMSLIEGRRGLRRRPLWEFEIDTARQQLNLQFGTRDLVGFGVENAPRGLCAAGCL
LQYAKDTQRTTLPHIRSITMEREQDSIIMDAATRRNLEITQNLAGGAENTLASVLDCTVTPMGSRMLKRWLHMPVRDTRV
LLERQQTIGALQDFTAGLQPVLRQVGDLERILARLALRTARPRDLARMRHAFQQLPELRAQLETVDSAPVQALREKMGEF
AELRDLLERAIIDTPPVLVRDGGVIASGYNEELDEWRALADGATDYLERLEVRERERTGLDTLKVGFNAVHGYYIQISRG
QSHLAPINYMRRQTLKNAERYIIPELKEYEDKVLTSKGKALALEKQLYEELFDLLLPHLEALQQSASALAELDVLVNLAE
RAYTLNYTCPTFIDKPGIRITEGRHPVVEQVLNEPFIANPLNLSPQRRMLIITGPNMGGKSTYMRQTALIALMAYIGSYV
PAQKVEIGPIDRIFTRVGAADDLASGRSTFMVEMTETANILHNATEYSLVLMDEIGRGTSTYDGLSLAWACAENLANKIK
ALTLFATHYFELTQLPEKMEGVANVHLDALEHGDTIAFMHSVQDGAASKSYGLAVAALAGVPKEVIKRARQKLRELESIS
;
A,B
2 'polydeoxyribonucleotide'
;(DA)(DG)(DC)(DT)(DG)(DC)(DC)(DA)(DG)(DG)(DC)(DA)(DC)(DC)(DA)(DG)(DT)(DG)(DT)(DC)
(DA)(DG)(DC)(DG)(DT)(DC)(DC)(DT)(DA)(DT)
;
E
3 'polydeoxyribonucleotide'
;(DA)(DT)(DA)(DG)(DG)(DA)(DC)(DG)(DC)(DT)(DG)(DA)(DC)(DA)(DC)(DT)(DG)(DG)(DT)(DG)
(DC)(DC)(DT)(DT)(DG)(DG)(DC)(DA)(DG)(DC)(DT)
;
F
#
# COMPACT_ATOMS: atom_id res chain seq x y z
N SER A 2 -12.42 -16.67 35.37
CA SER A 2 -12.71 -16.99 33.94
C SER A 2 -13.85 -17.99 33.83
N ALA A 3 -14.96 -17.60 33.20
CA ALA A 3 -16.23 -18.31 33.35
C ALA A 3 -16.34 -19.59 32.56
N ILE A 4 -17.01 -20.58 33.17
CA ILE A 4 -17.34 -21.84 32.52
C ILE A 4 -18.61 -21.66 31.70
N GLU A 5 -18.47 -21.79 30.38
CA GLU A 5 -19.51 -21.41 29.44
C GLU A 5 -20.12 -22.62 28.71
N ASN A 6 -20.25 -23.70 29.47
CA ASN A 6 -21.03 -24.87 29.09
C ASN A 6 -22.43 -24.49 28.59
N PHE A 7 -22.87 -25.19 27.54
CA PHE A 7 -24.15 -24.94 26.87
C PHE A 7 -25.26 -24.37 27.75
N ASP A 8 -25.59 -25.07 28.84
CA ASP A 8 -26.84 -24.80 29.58
C ASP A 8 -26.69 -23.64 30.57
N ALA A 9 -25.49 -23.06 30.64
CA ALA A 9 -25.28 -21.81 31.38
C ALA A 9 -25.64 -20.56 30.54
N HIS A 10 -25.75 -20.74 29.21
CA HIS A 10 -26.06 -19.66 28.27
C HIS A 10 -27.58 -19.47 28.04
N THR A 11 -27.91 -18.34 27.44
CA THR A 11 -29.29 -17.99 27.13
C THR A 11 -29.70 -18.66 25.82
N PRO A 12 -31.00 -18.83 25.60
CA PRO A 12 -31.50 -19.53 24.39
C PRO A 12 -30.92 -18.95 23.11
N MET A 13 -30.68 -17.65 23.15
CA MET A 13 -30.16 -16.92 22.01
C MET A 13 -28.69 -17.26 21.82
N MET A 14 -27.91 -17.15 22.88
CA MET A 14 -26.47 -17.37 22.81
C MET A 14 -26.11 -18.84 22.58
N GLN A 15 -26.99 -19.73 23.02
CA GLN A 15 -26.92 -21.15 22.62
C GLN A 15 -26.95 -21.27 21.10
N GLN A 16 -28.02 -20.75 20.50
CA GLN A 16 -28.18 -20.71 19.04
C GLN A 16 -26.99 -20.04 18.35
N TYR A 17 -26.49 -18.95 18.92
CA TYR A 17 -25.32 -18.28 18.34
C TYR A 17 -24.14 -19.21 18.46
N LEU A 18 -23.77 -19.58 19.67
CA LEU A 18 -22.55 -20.36 19.87
C LEU A 18 -22.48 -21.65 19.07
N ARG A 19 -23.65 -22.19 18.71
CA ARG A 19 -23.72 -23.39 17.88
C ARG A 19 -23.35 -23.06 16.45
N LEU A 20 -23.99 -22.03 15.89
CA LEU A 20 -23.70 -21.57 14.54
C LEU A 20 -22.27 -21.04 14.40
N LYS A 21 -21.79 -20.37 15.44
CA LYS A 21 -20.45 -19.80 15.44
C LYS A 21 -19.42 -20.90 15.53
N ALA A 22 -19.71 -21.96 16.26
CA ALA A 22 -18.80 -23.11 16.37
C ALA A 22 -18.61 -23.84 15.02
N GLN A 23 -19.51 -23.58 14.08
CA GLN A 23 -19.41 -24.06 12.70
C GLN A 23 -18.64 -23.11 11.78
N HIS A 24 -18.03 -22.09 12.37
CA HIS A 24 -17.33 -21.03 11.63
C HIS A 24 -16.29 -20.37 12.52
N PRO A 25 -15.48 -21.17 13.20
CA PRO A 25 -14.66 -20.67 14.30
C PRO A 25 -13.60 -19.66 13.86
N GLU A 26 -13.09 -19.82 12.63
CA GLU A 26 -12.01 -18.99 12.12
C GLU A 26 -12.43 -17.69 11.43
N ILE A 27 -13.71 -17.57 11.08
CA ILE A 27 -14.19 -16.44 10.27
C ILE A 27 -15.29 -15.65 10.95
N LEU A 28 -15.39 -14.36 10.61
CA LEU A 28 -16.39 -13.49 11.22
C LEU A 28 -17.77 -14.04 10.87
N LEU A 29 -18.71 -13.89 11.80
CA LEU A 29 -20.10 -14.26 11.63
C LEU A 29 -20.94 -13.00 11.81
N PHE A 30 -21.49 -12.51 10.72
CA PHE A 30 -22.57 -11.53 10.78
C PHE A 30 -23.78 -12.33 11.24
N TYR A 31 -24.48 -11.83 12.25
CA TYR A 31 -25.59 -12.53 12.85
C TYR A 31 -26.81 -11.60 12.84
N ARG A 32 -27.74 -11.87 11.93
CA ARG A 32 -28.95 -11.09 11.82
C ARG A 32 -29.75 -11.12 13.11
N MET A 33 -29.84 -9.95 13.72
CA MET A 33 -30.67 -9.70 14.87
C MET A 33 -31.52 -8.47 14.55
N GLY A 34 -32.74 -8.73 14.09
CA GLY A 34 -33.64 -7.65 13.74
C GLY A 34 -33.11 -6.94 12.52
N ASP A 35 -32.82 -5.66 12.67
CA ASP A 35 -32.44 -4.87 11.51
C ASP A 35 -30.92 -4.82 11.38
N PHE A 36 -30.20 -5.55 12.23
CA PHE A 36 -28.75 -5.40 12.31
C PHE A 36 -28.05 -6.71 12.14
N TYR A 37 -27.01 -6.73 11.31
CA TYR A 37 -26.03 -7.79 11.40
C TYR A 37 -25.15 -7.47 12.61
N GLU A 38 -25.10 -8.41 13.56
CA GLU A 38 -24.37 -8.25 14.79
C GLU A 38 -23.28 -9.26 14.89
N LEU A 39 -22.32 -8.96 15.75
CA LEU A 39 -21.14 -9.78 15.96
C LEU A 39 -20.84 -9.76 17.43
N PHE A 40 -20.41 -10.88 17.99
CA PHE A 40 -20.20 -10.95 19.44
C PHE A 40 -18.82 -11.49 19.78
N TYR A 41 -18.43 -11.38 21.04
CA TYR A 41 -17.10 -11.75 21.52
C TYR A 41 -16.03 -11.29 20.53
N ASP A 42 -14.84 -11.87 20.62
CA ASP A 42 -13.78 -11.74 19.61
C ASP A 42 -14.15 -11.12 18.25
N ASP A 43 -15.10 -11.74 17.55
CA ASP A 43 -15.61 -11.21 16.26
C ASP A 43 -15.96 -9.72 16.31
N ALA A 44 -16.69 -9.33 17.33
CA ALA A 44 -17.03 -7.95 17.55
C ALA A 44 -15.77 -7.14 17.76
N LYS A 45 -14.87 -7.66 18.59
CA LYS A 45 -13.61 -6.95 18.86
C LYS A 45 -12.86 -6.71 17.55
N ARG A 46 -12.84 -7.71 16.68
CA ARG A 46 -12.12 -7.63 15.42
C ARG A 46 -12.87 -6.72 14.46
N ALA A 47 -14.14 -7.04 14.20
CA ALA A 47 -15.02 -6.21 13.38
C ALA A 47 -14.84 -4.74 13.70
N SER A 48 -14.82 -4.43 15.00
CA SER A 48 -14.61 -3.06 15.44
C SER A 48 -13.33 -2.47 14.87
N GLN A 49 -12.23 -3.19 14.99
CA GLN A 49 -10.95 -2.77 14.38
C GLN A 49 -11.00 -2.73 12.85
N LEU A 50 -11.59 -3.73 12.21
CA LEU A 50 -11.53 -3.88 10.76
C LEU A 50 -12.41 -2.88 10.04
N LEU A 51 -13.66 -2.78 10.47
CA LEU A 51 -14.65 -1.89 9.86
C LEU A 51 -14.82 -0.52 10.55
N ASP A 52 -13.96 -0.20 11.51
CA ASP A 52 -14.12 1.02 12.30
C ASP A 52 -15.59 1.16 12.69
N ILE A 53 -16.00 0.40 13.69
CA ILE A 53 -17.29 0.59 14.34
C ILE A 53 -17.15 0.38 15.82
N SER A 54 -18.08 0.97 16.57
CA SER A 54 -18.06 0.94 18.03
C SER A 54 -18.15 -0.49 18.57
N LEU A 55 -17.29 -0.77 19.56
CA LEU A 55 -17.33 -1.99 20.35
C LEU A 55 -18.05 -1.68 21.64
N THR A 56 -19.16 -2.36 21.88
CA THR A 56 -20.03 -2.05 23.01
C THR A 56 -20.40 -3.36 23.75
N LYS A 57 -21.34 -3.29 24.68
CA LYS A 57 -21.81 -4.48 25.42
C LYS A 57 -23.33 -4.61 25.36
N ARG A 58 -23.81 -5.86 25.35
CA ARG A 58 -25.24 -6.12 25.48
C ARG A 58 -25.46 -7.36 26.35
N GLY A 59 -25.84 -7.13 27.60
CA GLY A 59 -26.27 -8.15 28.54
C GLY A 59 -25.52 -9.48 28.53
N ALA A 60 -24.73 -9.74 29.55
CA ALA A 60 -24.07 -11.04 29.78
C ALA A 60 -24.98 -12.26 29.51
N SER A 61 -24.36 -13.40 29.18
CA SER A 61 -25.11 -14.66 29.08
C SER A 61 -24.81 -15.61 30.25
N ALA A 62 -23.65 -16.29 30.22
CA ALA A 62 -23.36 -17.30 31.25
C ALA A 62 -22.38 -16.73 32.25
N GLY A 63 -22.79 -15.64 32.90
CA GLY A 63 -21.96 -14.98 33.88
C GLY A 63 -21.27 -13.76 33.32
N GLU A 64 -20.52 -13.94 32.23
CA GLU A 64 -19.66 -12.87 31.69
C GLU A 64 -20.39 -12.02 30.63
N PRO A 65 -20.00 -10.73 30.49
CA PRO A 65 -20.62 -9.82 29.51
C PRO A 65 -20.29 -10.15 28.04
N ILE A 66 -21.09 -9.63 27.13
CA ILE A 66 -20.95 -9.93 25.70
C ILE A 66 -20.48 -8.72 24.88
N PRO A 67 -19.22 -8.70 24.45
CA PRO A 67 -18.78 -7.71 23.47
C PRO A 67 -19.72 -7.75 22.28
N MET A 68 -19.95 -6.61 21.64
CA MET A 68 -20.90 -6.51 20.53
C MET A 68 -20.49 -5.43 19.55
N ALA A 69 -20.69 -5.74 18.27
CA ALA A 69 -20.52 -4.76 17.22
C ALA A 69 -21.50 -5.08 16.11
N GLY A 70 -22.07 -4.07 15.46
CA GLY A 70 -23.00 -4.34 14.38
C GLY A 70 -23.13 -3.25 13.34
N ILE A 71 -23.88 -3.58 12.31
CA ILE A 71 -24.17 -2.69 11.20
C ILE A 71 -25.57 -3.02 10.71
N PRO A 72 -26.38 -2.01 10.38
CA PRO A 72 -27.75 -2.23 9.94
C PRO A 72 -27.77 -3.03 8.65
N TYR A 73 -28.80 -3.83 8.42
CA TYR A 73 -28.81 -4.77 7.28
C TYR A 73 -28.64 -4.05 5.95
N HIS A 74 -29.26 -2.87 5.83
CA HIS A 74 -29.29 -2.15 4.56
C HIS A 74 -27.94 -1.62 4.08
N ALA A 75 -26.97 -1.48 4.99
CA ALA A 75 -25.62 -1.05 4.64
C ALA A 75 -24.60 -2.18 4.68
N VAL A 76 -25.05 -3.42 4.51
CA VAL A 76 -24.18 -4.60 4.67
C VAL A 76 -23.09 -4.69 3.61
N GLU A 77 -23.38 -4.24 2.39
CA GLU A 77 -22.48 -4.43 1.23
C GLU A 77 -21.26 -3.48 1.22
N ASN A 78 -21.38 -2.29 1.80
CA ASN A 78 -20.22 -1.41 2.02
C ASN A 78 -19.18 -2.12 2.87
N TYR A 79 -19.67 -2.88 3.85
CA TYR A 79 -18.84 -3.53 4.85
C TYR A 79 -18.35 -4.88 4.38
N LEU A 80 -19.14 -5.54 3.56
CA LEU A 80 -18.67 -6.74 2.89
C LEU A 80 -17.53 -6.35 1.96
N ALA A 81 -17.62 -5.16 1.35
CA ALA A 81 -16.54 -4.67 0.50
C ALA A 81 -15.25 -4.52 1.29
N LYS A 82 -15.30 -3.81 2.42
CA LYS A 82 -14.12 -3.54 3.23
C LYS A 82 -13.40 -4.83 3.63
N LEU A 83 -14.17 -5.82 4.09
CA LEU A 83 -13.62 -7.07 4.62
C LEU A 83 -13.03 -7.95 3.53
N VAL A 84 -13.75 -8.02 2.41
CA VAL A 84 -13.31 -8.85 1.31
C VAL A 84 -12.00 -8.34 0.74
N ASN A 85 -11.82 -7.01 0.80
CA ASN A 85 -10.63 -6.35 0.27
C ASN A 85 -9.38 -6.53 1.13
N GLN A 86 -9.58 -6.95 2.38
CA GLN A 86 -8.46 -7.31 3.25
C GLN A 86 -8.39 -8.83 3.39
N GLY A 87 -8.84 -9.56 2.37
CA GLY A 87 -8.81 -11.01 2.37
C GLY A 87 -9.53 -11.73 3.50
N GLU A 88 -10.66 -11.19 3.96
CA GLU A 88 -11.42 -11.75 5.08
C GLU A 88 -12.71 -12.35 4.59
N SER A 89 -13.03 -13.54 5.08
CA SER A 89 -14.33 -14.14 4.88
C SER A 89 -15.33 -13.65 5.91
N VAL A 90 -16.61 -13.64 5.56
CA VAL A 90 -17.68 -13.35 6.49
C VAL A 90 -18.79 -14.35 6.27
N ALA A 91 -19.20 -15.02 7.33
CA ALA A 91 -20.35 -15.91 7.27
C ALA A 91 -21.60 -15.10 7.54
N ILE A 92 -22.51 -15.05 6.57
CA ILE A 92 -23.80 -14.39 6.75
C ILE A 92 -24.85 -15.34 7.29
N CYS A 93 -25.34 -15.06 8.49
CA CYS A 93 -26.40 -15.84 9.12
C CYS A 93 -27.71 -15.05 9.11
N GLU A 94 -28.74 -15.59 8.48
CA GLU A 94 -30.03 -14.93 8.37
C GLU A 94 -31.09 -15.57 9.25
N GLN A 95 -32.20 -14.84 9.39
CA GLN A 95 -33.37 -15.30 10.11
C GLN A 95 -34.28 -15.95 9.12
N ILE A 96 -34.72 -17.16 9.44
CA ILE A 96 -35.54 -17.95 8.51
C ILE A 96 -36.98 -17.87 8.95
N GLY A 97 -37.18 -17.95 10.26
CA GLY A 97 -38.51 -18.11 10.83
C GLY A 97 -39.38 -16.86 10.85
N ASP A 98 -40.32 -16.85 11.78
CA ASP A 98 -41.32 -15.80 11.93
C ASP A 98 -41.55 -15.60 13.43
N PRO A 99 -40.86 -14.63 14.04
CA PRO A 99 -40.89 -14.41 15.50
C PRO A 99 -42.27 -14.40 16.15
N ALA A 100 -43.31 -14.04 15.40
CA ALA A 100 -44.69 -14.04 15.90
C ALA A 100 -45.25 -15.44 16.19
N THR A 101 -44.64 -16.48 15.61
CA THR A 101 -44.98 -17.87 15.91
C THR A 101 -43.71 -18.67 16.24
N SER A 102 -42.72 -18.00 16.82
CA SER A 102 -41.49 -18.65 17.27
C SER A 102 -41.37 -18.43 18.76
N LYS A 103 -41.36 -19.52 19.50
CA LYS A 103 -41.43 -19.47 20.95
C LYS A 103 -40.11 -18.94 21.48
N GLY A 104 -39.06 -19.72 21.31
CA GLY A 104 -37.71 -19.26 21.61
C GLY A 104 -37.23 -18.32 20.50
N PRO A 105 -35.92 -18.22 20.36
CA PRO A 105 -35.34 -17.48 19.24
C PRO A 105 -35.79 -18.01 17.88
N VAL A 106 -36.01 -17.09 16.95
CA VAL A 106 -36.32 -17.40 15.57
C VAL A 106 -35.22 -18.28 14.99
N GLU A 107 -35.60 -19.20 14.10
CA GLU A 107 -34.62 -20.08 13.47
C GLU A 107 -33.60 -19.21 12.75
N ARG A 108 -32.35 -19.69 12.68
CA ARG A 108 -31.28 -18.97 12.02
C ARG A 108 -30.31 -19.96 11.36
N LYS A 109 -30.13 -19.79 10.06
CA LYS A 109 -29.20 -20.59 9.28
C LYS A 109 -28.21 -19.63 8.63
N VAL A 110 -26.96 -20.04 8.47
CA VAL A 110 -26.03 -19.28 7.63
C VAL A 110 -26.47 -19.57 6.20
N VAL A 111 -26.81 -18.54 5.44
CA VAL A 111 -27.30 -18.74 4.08
C VAL A 111 -26.20 -18.65 3.03
N ARG A 112 -25.24 -17.73 3.19
CA ARG A 112 -24.04 -17.67 2.32
C ARG A 112 -22.77 -17.32 3.08
N ILE A 113 -21.61 -17.43 2.43
CA ILE A 113 -20.33 -16.98 2.99
C ILE A 113 -19.52 -16.26 1.93
N VAL A 114 -19.34 -14.96 2.14
CA VAL A 114 -18.56 -14.13 1.26
C VAL A 114 -17.11 -14.39 1.58
N THR A 115 -16.35 -14.85 0.60
CA THR A 115 -14.90 -15.00 0.71
C THR A 115 -14.26 -14.43 -0.54
N PRO A 116 -12.98 -14.07 -0.48
CA PRO A 116 -12.41 -13.24 -1.55
C PRO A 116 -12.38 -13.94 -2.91
N GLY A 117 -12.37 -15.28 -2.92
CA GLY A 117 -12.41 -16.03 -4.16
C GLY A 117 -13.79 -16.46 -4.66
N THR A 118 -14.85 -16.08 -3.96
CA THR A 118 -16.19 -16.51 -4.30
C THR A 118 -17.20 -15.37 -4.48
N ILE A 119 -16.70 -14.13 -4.40
CA ILE A 119 -17.50 -12.94 -4.65
C ILE A 119 -17.97 -12.93 -6.09
N SER A 120 -19.20 -12.49 -6.28
CA SER A 120 -19.86 -12.46 -7.58
C SER A 120 -20.82 -11.28 -7.70
N ASP A 121 -20.52 -10.20 -6.97
CA ASP A 121 -21.34 -9.00 -6.96
C ASP A 121 -20.56 -7.90 -7.68
N GLU A 122 -21.25 -7.09 -8.48
CA GLU A 122 -20.57 -6.12 -9.32
C GLU A 122 -19.67 -5.17 -8.51
N ALA A 123 -20.10 -4.85 -7.30
CA ALA A 123 -19.45 -3.86 -6.47
C ALA A 123 -18.19 -4.39 -5.75
N LEU A 124 -18.08 -5.71 -5.60
CA LEU A 124 -16.93 -6.32 -4.90
C LEU A 124 -15.80 -6.74 -5.86
N LEU A 125 -16.13 -6.86 -7.14
CA LEU A 125 -15.21 -7.29 -8.18
C LEU A 125 -14.64 -6.10 -8.94
N GLN A 126 -13.65 -6.37 -9.78
CA GLN A 126 -13.15 -5.39 -10.71
C GLN A 126 -13.54 -5.78 -12.11
N GLU A 127 -14.09 -4.82 -12.84
CA GLU A 127 -14.61 -5.03 -14.19
C GLU A 127 -13.61 -5.70 -15.13
N ARG A 128 -12.37 -5.25 -15.16
CA ARG A 128 -11.42 -5.69 -16.18
C ARG A 128 -10.34 -6.60 -15.62
N GLN A 129 -10.74 -7.54 -14.78
CA GLN A 129 -9.77 -8.31 -14.01
C GLN A 129 -10.44 -9.53 -13.46
N ASP A 130 -9.92 -10.71 -13.80
CA ASP A 130 -10.50 -11.95 -13.29
C ASP A 130 -10.31 -12.05 -11.77
N ASN A 131 -11.20 -12.81 -11.13
CA ASN A 131 -11.15 -13.09 -9.69
C ASN A 131 -11.41 -14.60 -9.47
N LEU A 132 -10.32 -15.34 -9.35
CA LEU A 132 -10.38 -16.78 -9.30
C LEU A 132 -10.32 -17.32 -7.88
N LEU A 133 -11.18 -18.29 -7.57
CA LEU A 133 -10.93 -19.19 -6.44
C LEU A 133 -9.97 -20.23 -6.97
N ALA A 134 -9.18 -20.83 -6.08
CA ALA A 134 -8.23 -21.86 -6.50
C ALA A 134 -7.87 -22.81 -5.37
N ALA A 135 -7.44 -24.00 -5.75
CA ALA A 135 -7.05 -25.03 -4.81
C ALA A 135 -5.74 -25.61 -5.28
N ILE A 136 -4.85 -25.86 -4.35
CA ILE A 136 -3.59 -26.48 -4.69
C ILE A 136 -3.38 -27.64 -3.75
N TRP A 137 -2.68 -28.66 -4.23
CA TRP A 137 -2.23 -29.73 -3.35
C TRP A 137 -1.03 -30.46 -3.92
N GLN A 138 -0.32 -31.18 -3.06
CA GLN A 138 0.93 -31.83 -3.45
C GLN A 138 0.94 -33.35 -3.26
N ASP A 139 1.43 -34.00 -4.30
CA ASP A 139 1.65 -35.42 -4.30
C ASP A 139 3.11 -35.66 -4.00
N SER A 140 3.43 -36.92 -3.81
CA SER A 140 4.80 -37.32 -3.54
C SER A 140 5.66 -37.06 -4.77
N LYS A 141 5.01 -36.92 -5.93
CA LYS A 141 5.68 -36.79 -7.23
C LYS A 141 5.19 -35.61 -8.12
N GLY A 142 4.39 -34.67 -7.58
CA GLY A 142 3.97 -33.50 -8.35
C GLY A 142 3.01 -32.52 -7.68
N PHE A 143 2.10 -31.94 -8.47
CA PHE A 143 1.15 -30.93 -7.97
C PHE A 143 -0.22 -31.04 -8.65
N GLY A 144 -1.28 -31.13 -7.86
CA GLY A 144 -2.63 -30.93 -8.36
C GLY A 144 -3.05 -29.48 -8.21
N TYR A 145 -3.96 -29.01 -9.05
CA TYR A 145 -4.32 -27.59 -9.05
C TYR A 145 -5.62 -27.37 -9.78
N ALA A 146 -6.46 -26.48 -9.24
CA ALA A 146 -7.75 -26.18 -9.87
C ALA A 146 -8.15 -24.71 -9.64
N THR A 147 -8.84 -24.15 -10.63
CA THR A 147 -9.32 -22.77 -10.57
C THR A 147 -10.81 -22.66 -10.93
N LEU A 148 -11.55 -21.85 -10.20
CA LEU A 148 -12.91 -21.48 -10.59
C LEU A 148 -12.99 -19.98 -10.72
N ASP A 149 -13.73 -19.52 -11.72
CA ASP A 149 -14.11 -18.13 -11.80
C ASP A 149 -15.59 -18.18 -11.55
N ILE A 150 -15.99 -18.00 -10.29
CA ILE A 150 -17.38 -18.25 -9.89
C ILE A 150 -18.44 -17.40 -10.62
N SER A 151 -18.01 -16.28 -11.19
CA SER A 151 -18.94 -15.38 -11.88
C SER A 151 -18.97 -15.65 -13.38
N SER A 152 -18.49 -16.82 -13.79
CA SER A 152 -18.70 -17.28 -15.16
C SER A 152 -18.78 -18.80 -15.28
N GLY A 153 -18.44 -19.51 -14.20
CA GLY A 153 -18.52 -20.95 -14.19
C GLY A 153 -17.29 -21.63 -14.74
N ARG A 154 -16.33 -20.84 -15.23
CA ARG A 154 -15.11 -21.36 -15.83
C ARG A 154 -14.29 -22.15 -14.82
N PHE A 155 -14.10 -23.43 -15.11
CA PHE A 155 -13.63 -24.38 -14.12
C PHE A 155 -12.54 -25.22 -14.72
N ARG A 156 -11.29 -24.85 -14.45
CA ARG A 156 -10.16 -25.59 -15.01
C ARG A 156 -9.48 -26.39 -13.92
N LEU A 157 -8.73 -27.40 -14.34
CA LEU A 157 -7.88 -28.20 -13.47
C LEU A 157 -6.54 -28.43 -14.20
N SER A 158 -5.49 -28.81 -13.47
CA SER A 158 -4.18 -29.02 -14.08
C SER A 158 -3.26 -29.78 -13.13
N GLU A 159 -2.14 -30.27 -13.63
CA GLU A 159 -1.20 -30.98 -12.77
C GLU A 159 0.27 -30.67 -13.09
N PRO A 160 0.75 -29.49 -12.69
CA PRO A 160 2.17 -29.15 -12.80
C PRO A 160 3.16 -30.21 -12.28
N ALA A 161 4.17 -30.52 -13.10
CA ALA A 161 5.19 -31.53 -12.76
C ALA A 161 6.25 -31.10 -11.72
N ASP A 162 6.60 -29.81 -11.65
CA ASP A 162 7.68 -29.36 -10.74
C ASP A 162 7.38 -28.06 -10.01
N ARG A 163 8.28 -27.68 -9.09
CA ARG A 163 8.17 -26.42 -8.36
C ARG A 163 8.06 -25.18 -9.24
N GLU A 164 8.86 -25.10 -10.30
CA GLU A 164 8.86 -23.88 -11.10
C GLU A 164 7.63 -23.74 -12.01
N THR A 165 7.11 -24.84 -12.55
CA THR A 165 5.86 -24.78 -13.32
C THR A 165 4.68 -24.39 -12.44
N MET A 166 4.67 -24.94 -11.23
CA MET A 166 3.66 -24.61 -10.23
C MET A 166 3.77 -23.13 -9.89
N ALA A 167 4.99 -22.64 -9.75
CA ALA A 167 5.20 -21.22 -9.46
C ALA A 167 4.75 -20.35 -10.62
N ALA A 168 4.91 -20.87 -11.84
CA ALA A 168 4.39 -20.22 -13.03
C ALA A 168 2.86 -20.16 -12.97
N GLU A 169 2.23 -21.24 -12.56
CA GLU A 169 0.78 -21.32 -12.59
C GLU A 169 0.08 -20.46 -11.55
N LEU A 170 0.69 -20.30 -10.37
CA LEU A 170 0.10 -19.41 -9.37
C LEU A 170 0.18 -18.00 -9.94
N GLN A 171 1.36 -17.62 -10.42
CA GLN A 171 1.57 -16.27 -10.91
C GLN A 171 0.60 -15.92 -12.03
N ARG A 172 0.31 -16.90 -12.87
CA ARG A 172 -0.46 -16.70 -14.08
C ARG A 172 -1.90 -16.41 -13.73
N THR A 173 -2.43 -17.22 -12.79
CA THR A 173 -3.86 -17.26 -12.44
C THR A 173 -4.20 -16.33 -11.28
N ASN A 174 -3.29 -16.25 -10.32
CA ASN A 174 -3.31 -15.19 -9.33
C ASN A 174 -4.62 -15.24 -8.61
N PRO A 175 -4.85 -16.30 -7.85
CA PRO A 175 -6.15 -16.49 -7.19
C PRO A 175 -6.34 -15.58 -5.97
N ALA A 176 -7.46 -14.86 -5.95
CA ALA A 176 -7.79 -14.06 -4.80
C ALA A 176 -7.78 -14.92 -3.56
N GLU A 177 -8.11 -16.19 -3.71
CA GLU A 177 -8.16 -17.13 -2.59
C GLU A 177 -7.48 -18.45 -3.02
N LEU A 178 -6.82 -19.10 -2.08
CA LEU A 178 -6.14 -20.38 -2.31
C LEU A 178 -6.38 -21.43 -1.21
N LEU A 179 -7.31 -22.34 -1.44
CA LEU A 179 -7.46 -23.48 -0.52
C LEU A 179 -6.22 -24.33 -0.76
N TYR A 180 -5.60 -24.88 0.28
CA TYR A 180 -4.44 -25.75 0.08
C TYR A 180 -4.41 -26.89 1.09
N ALA A 181 -3.91 -28.05 0.68
CA ALA A 181 -4.00 -29.22 1.54
C ALA A 181 -3.10 -29.08 2.77
N GLU A 182 -3.52 -29.68 3.89
CA GLU A 182 -2.85 -29.48 5.16
C GLU A 182 -1.45 -30.06 5.19
N ASP A 183 -1.15 -31.01 4.31
CA ASP A 183 0.16 -31.69 4.32
C ASP A 183 1.12 -31.18 3.24
N PHE A 184 0.78 -30.05 2.63
CA PHE A 184 1.54 -29.42 1.54
C PHE A 184 2.98 -29.12 1.98
N ALA A 185 3.97 -29.58 1.20
CA ALA A 185 5.39 -29.41 1.56
C ALA A 185 5.94 -28.03 1.17
N GLU A 186 5.81 -27.67 -0.10
CA GLU A 186 6.41 -26.46 -0.64
C GLU A 186 5.69 -25.16 -0.23
N MET A 187 5.83 -24.77 1.04
CA MET A 187 5.24 -23.53 1.51
C MET A 187 5.95 -22.32 0.89
N SER A 188 7.08 -22.54 0.23
CA SER A 188 7.71 -21.46 -0.53
C SER A 188 6.77 -20.89 -1.61
N LEU A 189 6.09 -21.75 -2.35
CA LEU A 189 5.15 -21.30 -3.38
C LEU A 189 3.96 -20.51 -2.81
N ILE A 190 3.40 -21.00 -1.70
CA ILE A 190 2.07 -20.63 -1.25
C ILE A 190 2.05 -19.68 -0.05
N GLU A 191 3.03 -19.77 0.85
CA GLU A 191 3.17 -18.82 1.95
C GLU A 191 3.29 -17.42 1.38
N GLY A 192 2.73 -16.45 2.09
CA GLY A 192 2.72 -15.08 1.62
C GLY A 192 1.78 -14.74 0.47
N ARG A 193 0.91 -15.66 0.03
CA ARG A 193 -0.16 -15.27 -0.89
C ARG A 193 -1.36 -14.75 -0.11
N ARG A 194 -2.24 -14.02 -0.80
CA ARG A 194 -3.46 -13.46 -0.21
C ARG A 194 -4.52 -14.50 -0.22
N GLY A 195 -5.44 -14.40 0.73
CA GLY A 195 -6.54 -15.35 0.83
C GLY A 195 -6.12 -16.81 0.99
N LEU A 196 -5.05 -17.06 1.74
CA LEU A 196 -4.60 -18.41 1.98
C LEU A 196 -5.54 -19.11 2.94
N ARG A 197 -5.86 -20.37 2.62
CA ARG A 197 -6.88 -21.13 3.32
C ARG A 197 -6.43 -22.57 3.51
N ARG A 198 -6.00 -22.92 4.72
CA ARG A 198 -5.53 -24.27 5.00
C ARG A 198 -6.73 -25.18 5.16
N ARG A 199 -6.77 -26.23 4.35
CA ARG A 199 -7.85 -27.19 4.39
C ARG A 199 -7.32 -28.57 4.73
N PRO A 200 -8.12 -29.36 5.44
CA PRO A 200 -7.73 -30.70 5.89
C PRO A 200 -7.67 -31.72 4.79
N LEU A 201 -6.75 -32.66 4.90
CA LEU A 201 -6.53 -33.67 3.87
C LEU A 201 -7.83 -34.26 3.33
N TRP A 202 -8.79 -34.57 4.20
CA TRP A 202 -9.95 -35.35 3.75
C TRP A 202 -10.66 -34.70 2.55
N GLU A 203 -10.64 -33.37 2.44
CA GLU A 203 -11.29 -32.68 1.31
C GLU A 203 -10.66 -32.97 -0.05
N PHE A 204 -9.40 -33.40 -0.05
CA PHE A 204 -8.67 -33.71 -1.27
C PHE A 204 -8.68 -35.21 -1.62
N GLU A 205 -9.45 -35.99 -0.85
CA GLU A 205 -9.61 -37.42 -1.12
C GLU A 205 -10.29 -37.61 -2.48
N ILE A 206 -9.72 -38.49 -3.29
CA ILE A 206 -10.08 -38.65 -4.71
C ILE A 206 -11.49 -39.19 -5.03
N ASP A 207 -11.94 -40.28 -4.38
CA ASP A 207 -13.30 -40.84 -4.62
C ASP A 207 -14.40 -39.87 -4.29
N THR A 208 -14.12 -38.98 -3.36
CA THR A 208 -15.03 -37.94 -2.93
C THR A 208 -15.07 -36.85 -3.96
N ALA A 209 -13.91 -36.51 -4.50
CA ALA A 209 -13.83 -35.49 -5.55
C ALA A 209 -14.64 -35.93 -6.75
N ARG A 210 -14.43 -37.16 -7.17
CA ARG A 210 -15.13 -37.71 -8.32
C ARG A 210 -16.63 -37.69 -8.07
N GLN A 211 -17.01 -38.16 -6.88
CA GLN A 211 -18.40 -38.25 -6.46
C GLN A 211 -19.09 -36.89 -6.61
N GLN A 212 -18.52 -35.87 -5.98
CA GLN A 212 -19.04 -34.51 -6.06
C GLN A 212 -19.07 -33.93 -7.47
N LEU A 213 -17.98 -34.08 -8.22
CA LEU A 213 -17.80 -33.46 -9.54
C LEU A 213 -18.76 -34.04 -10.57
N ASN A 214 -18.79 -35.37 -10.65
CA ASN A 214 -19.80 -36.12 -11.39
C ASN A 214 -21.17 -35.61 -11.01
N LEU A 215 -21.44 -35.48 -9.71
CA LEU A 215 -22.79 -35.16 -9.26
C LEU A 215 -23.21 -33.75 -9.67
N GLN A 216 -22.23 -32.84 -9.74
CA GLN A 216 -22.45 -31.42 -10.08
C GLN A 216 -22.73 -31.29 -11.57
N PHE A 217 -22.02 -32.11 -12.35
CA PHE A 217 -22.12 -32.11 -13.82
C PHE A 217 -23.21 -33.03 -14.37
N GLY A 218 -23.86 -33.79 -13.48
CA GLY A 218 -24.84 -34.78 -13.86
C GLY A 218 -24.31 -35.84 -14.79
N THR A 219 -23.23 -36.52 -14.39
CA THR A 219 -22.64 -37.61 -15.18
C THR A 219 -22.32 -38.85 -14.37
N ARG A 220 -22.24 -39.98 -15.06
CA ARG A 220 -21.85 -41.23 -14.43
C ARG A 220 -20.34 -41.28 -14.20
N ASP A 221 -19.59 -40.67 -15.13
CA ASP A 221 -18.12 -40.53 -15.00
C ASP A 221 -17.59 -39.24 -15.67
N LEU A 222 -16.29 -39.00 -15.57
CA LEU A 222 -15.73 -37.72 -16.06
C LEU A 222 -15.00 -37.89 -17.38
N VAL A 223 -15.33 -38.97 -18.07
CA VAL A 223 -14.62 -39.35 -19.28
C VAL A 223 -14.80 -38.29 -20.39
N GLY A 224 -16.00 -37.74 -20.55
CA GLY A 224 -16.26 -36.76 -21.59
C GLY A 224 -15.68 -35.37 -21.35
N PHE A 225 -15.21 -35.09 -20.14
CA PHE A 225 -14.53 -33.82 -19.84
C PHE A 225 -13.02 -34.00 -19.96
N GLY A 226 -12.60 -35.22 -20.32
CA GLY A 226 -11.20 -35.58 -20.37
C GLY A 226 -10.44 -35.22 -19.10
N VAL A 227 -10.97 -35.62 -17.94
CA VAL A 227 -10.26 -35.52 -16.67
C VAL A 227 -10.34 -36.78 -15.84
N GLU A 228 -11.10 -37.78 -16.29
CA GLU A 228 -11.23 -39.04 -15.56
C GLU A 228 -9.82 -39.61 -15.34
N ASN A 229 -8.90 -39.20 -16.20
CA ASN A 229 -7.48 -39.53 -16.17
C ASN A 229 -6.61 -38.82 -15.14
N ALA A 230 -7.14 -37.82 -14.46
CA ALA A 230 -6.28 -36.84 -13.79
C ALA A 230 -6.62 -36.74 -12.32
N PRO A 231 -6.32 -37.77 -11.54
CA PRO A 231 -6.62 -37.75 -10.11
C PRO A 231 -5.79 -36.74 -9.30
N ARG A 232 -4.53 -36.51 -9.66
CA ARG A 232 -3.75 -35.45 -9.01
C ARG A 232 -4.56 -34.15 -9.00
N GLY A 233 -5.03 -33.75 -10.17
CA GLY A 233 -5.75 -32.49 -10.31
C GLY A 233 -7.19 -32.53 -9.85
N LEU A 234 -7.86 -33.65 -10.10
CA LEU A 234 -9.24 -33.85 -9.65
C LEU A 234 -9.36 -33.57 -8.16
N CYS A 235 -8.38 -34.02 -7.39
CA CYS A 235 -8.38 -33.80 -5.94
C CYS A 235 -8.44 -32.31 -5.59
N ALA A 236 -7.80 -31.49 -6.40
CA ALA A 236 -7.99 -30.05 -6.30
C ALA A 236 -9.42 -29.68 -6.63
N ALA A 237 -9.90 -30.05 -7.81
CA ALA A 237 -11.27 -29.73 -8.20
C ALA A 237 -12.25 -30.07 -7.07
N GLY A 238 -12.10 -31.27 -6.49
CA GLY A 238 -12.98 -31.76 -5.45
C GLY A 238 -13.04 -30.80 -4.31
N CYS A 239 -11.87 -30.46 -3.77
CA CYS A 239 -11.75 -29.49 -2.67
C CYS A 239 -12.18 -28.07 -3.04
N LEU A 240 -12.06 -27.74 -4.31
CA LEU A 240 -12.49 -26.46 -4.83
C LEU A 240 -13.99 -26.47 -4.73
N LEU A 241 -14.64 -27.38 -5.47
CA LEU A 241 -16.10 -27.46 -5.55
C LEU A 241 -16.77 -27.56 -4.19
N GLN A 242 -16.27 -28.45 -3.34
CA GLN A 242 -16.84 -28.66 -2.02
C GLN A 242 -16.91 -27.34 -1.30
N TYR A 243 -15.87 -26.54 -1.50
CA TYR A 243 -15.78 -25.19 -0.96
C TYR A 243 -16.80 -24.24 -1.60
N ALA A 244 -16.83 -24.14 -2.93
CA ALA A 244 -17.77 -23.26 -3.62
C ALA A 244 -19.18 -23.48 -3.08
N LYS A 245 -19.61 -24.74 -3.09
CA LYS A 245 -20.92 -25.15 -2.62
C LYS A 245 -21.21 -24.66 -1.22
N ASP A 246 -20.24 -24.79 -0.33
CA ASP A 246 -20.38 -24.34 1.06
C ASP A 246 -20.37 -22.81 1.22
N THR A 247 -19.70 -22.09 0.32
CA THR A 247 -19.84 -20.64 0.30
C THR A 247 -21.23 -20.24 -0.21
N GLN A 248 -21.58 -20.71 -1.39
CA GLN A 248 -22.81 -20.26 -2.04
C GLN A 248 -24.09 -20.79 -1.40
N ARG A 249 -24.08 -22.06 -1.02
CA ARG A 249 -25.25 -22.75 -0.46
C ARG A 249 -26.51 -22.67 -1.35
N THR A 250 -26.32 -22.53 -2.66
CA THR A 250 -27.40 -22.67 -3.62
C THR A 250 -26.92 -23.67 -4.66
N THR A 251 -27.76 -24.03 -5.63
CA THR A 251 -27.23 -24.78 -6.77
C THR A 251 -26.25 -23.88 -7.51
N LEU A 252 -25.49 -24.46 -8.44
CA LEU A 252 -24.52 -23.70 -9.23
C LEU A 252 -24.62 -24.14 -10.71
N PRO A 253 -25.75 -23.86 -11.35
CA PRO A 253 -26.03 -24.37 -12.70
C PRO A 253 -25.05 -23.87 -13.76
N HIS A 254 -24.40 -22.74 -13.51
CA HIS A 254 -23.40 -22.19 -14.42
C HIS A 254 -22.03 -22.90 -14.38
N ILE A 255 -21.81 -23.75 -13.38
CA ILE A 255 -20.64 -24.63 -13.31
C ILE A 255 -21.06 -25.98 -13.87
N ARG A 256 -20.91 -26.14 -15.18
CA ARG A 256 -21.46 -27.28 -15.88
C ARG A 256 -20.40 -28.25 -16.40
N SER A 257 -19.16 -27.79 -16.47
CA SER A 257 -18.05 -28.62 -16.92
C SER A 257 -16.75 -28.25 -16.23
N ILE A 258 -15.76 -29.12 -16.40
CA ILE A 258 -14.39 -28.81 -16.06
C ILE A 258 -13.51 -29.14 -17.28
N THR A 259 -12.37 -28.49 -17.39
CA THR A 259 -11.49 -28.73 -18.53
C THR A 259 -10.05 -28.79 -18.08
N MET A 260 -9.35 -29.84 -18.50
CA MET A 260 -7.92 -29.95 -18.17
C MET A 260 -7.10 -28.99 -19.00
N GLU A 261 -6.07 -28.45 -18.38
CA GLU A 261 -5.09 -27.68 -19.09
C GLU A 261 -3.88 -28.59 -19.20
N ARG A 262 -3.69 -29.17 -20.39
CA ARG A 262 -2.54 -30.03 -20.64
C ARG A 262 -1.32 -29.17 -20.91
N GLU A 263 -0.13 -29.72 -20.67
CA GLU A 263 1.13 -28.98 -20.84
C GLU A 263 1.37 -28.65 -22.31
N GLN A 264 0.99 -29.61 -23.17
CA GLN A 264 1.23 -29.55 -24.61
C GLN A 264 0.26 -28.62 -25.34
N ASP A 265 -0.88 -28.33 -24.71
CA ASP A 265 -1.93 -27.50 -25.31
C ASP A 265 -1.57 -26.02 -25.39
N SER A 266 -0.49 -25.61 -24.75
CA SER A 266 -0.16 -24.19 -24.64
C SER A 266 1.30 -23.95 -24.30
N ILE A 267 1.79 -22.75 -24.63
CA ILE A 267 3.18 -22.35 -24.34
C ILE A 267 3.37 -22.01 -22.86
N ILE A 268 4.06 -22.90 -22.18
CA ILE A 268 4.34 -22.75 -20.76
C ILE A 268 5.49 -21.76 -20.56
N MET A 269 5.19 -20.62 -19.94
CA MET A 269 6.24 -19.67 -19.55
C MET A 269 6.35 -19.61 -18.05
N ASP A 270 7.55 -19.31 -17.57
CA ASP A 270 7.86 -19.38 -16.13
C ASP A 270 7.91 -18.00 -15.46
N ALA A 271 7.78 -18.01 -14.12
CA ALA A 271 7.79 -16.78 -13.30
C ALA A 271 8.56 -15.66 -13.98
N ALA A 272 9.85 -15.90 -14.22
CA ALA A 272 10.74 -14.91 -14.81
C ALA A 272 10.20 -14.29 -16.08
N THR A 273 9.89 -15.15 -17.05
CA THR A 273 9.40 -14.76 -18.36
C THR A 273 8.16 -13.87 -18.33
N ARG A 274 7.24 -14.16 -17.44
CA ARG A 274 5.99 -13.41 -17.30
C ARG A 274 6.28 -12.04 -16.70
N ARG A 275 7.10 -12.03 -15.66
CA ARG A 275 7.51 -10.79 -15.02
C ARG A 275 8.26 -9.89 -16.01
N ASN A 276 9.15 -10.50 -16.80
CA ASN A 276 10.08 -9.77 -17.65
C ASN A 276 9.48 -9.34 -19.00
N LEU A 277 8.38 -9.96 -19.41
CA LEU A 277 7.69 -9.56 -20.62
C LEU A 277 6.64 -8.50 -20.33
N GLU A 278 6.37 -8.27 -19.04
CA GLU A 278 5.45 -7.26 -18.60
C GLU A 278 4.11 -7.42 -19.31
N ILE A 279 3.59 -8.65 -19.39
CA ILE A 279 2.36 -8.93 -20.13
C ILE A 279 1.17 -8.08 -19.63
N THR A 280 0.94 -8.06 -18.32
CA THR A 280 -0.15 -7.28 -17.69
C THR A 280 0.30 -6.42 -16.51
N GLN A 281 1.43 -6.78 -15.91
CA GLN A 281 2.03 -6.08 -14.80
C GLN A 281 3.41 -5.53 -15.20
N ASN A 282 3.59 -4.21 -15.07
CA ASN A 282 4.90 -3.63 -15.33
C ASN A 282 5.84 -4.07 -14.21
N LEU A 283 7.12 -3.83 -14.40
CA LEU A 283 8.13 -4.45 -13.57
C LEU A 283 8.19 -3.84 -12.16
N ALA A 284 7.38 -2.80 -11.93
CA ALA A 284 7.15 -2.23 -10.61
C ALA A 284 5.86 -2.74 -9.94
N GLY A 285 4.87 -3.12 -10.73
CA GLY A 285 3.60 -3.57 -10.18
C GLY A 285 2.37 -2.87 -10.77
N GLY A 286 2.59 -1.85 -11.59
CA GLY A 286 1.48 -1.14 -12.20
C GLY A 286 1.00 -1.87 -13.44
N ALA A 287 -0.04 -1.34 -14.06
CA ALA A 287 -0.50 -1.81 -15.36
C ALA A 287 -0.01 -0.91 -16.49
N GLU A 288 0.56 0.25 -16.14
CA GLU A 288 1.00 1.24 -17.14
C GLU A 288 2.08 0.65 -18.04
N ASN A 289 1.83 0.70 -19.34
CA ASN A 289 2.81 0.26 -20.34
C ASN A 289 3.28 -1.18 -20.16
N THR A 290 2.34 -2.07 -20.41
CA THR A 290 2.57 -3.49 -20.52
C THR A 290 2.08 -3.92 -21.88
N LEU A 291 2.25 -5.19 -22.22
CA LEU A 291 1.67 -5.72 -23.45
C LEU A 291 0.19 -5.37 -23.48
N ALA A 292 -0.51 -5.74 -22.41
CA ALA A 292 -1.96 -5.64 -22.32
C ALA A 292 -2.46 -4.20 -22.44
N SER A 293 -1.72 -3.25 -21.89
CA SER A 293 -2.07 -1.84 -22.03
C SER A 293 -2.10 -1.48 -23.50
N VAL A 294 -1.04 -1.83 -24.22
CA VAL A 294 -0.93 -1.50 -25.64
C VAL A 294 -1.99 -2.19 -26.49
N LEU A 295 -2.30 -3.45 -26.19
CA LEU A 295 -3.19 -4.24 -27.03
C LEU A 295 -4.65 -4.21 -26.57
N ASP A 296 -4.92 -3.79 -25.34
CA ASP A 296 -6.28 -3.97 -24.80
C ASP A 296 -7.19 -2.77 -25.03
N CYS A 297 -7.86 -2.76 -26.18
CA CYS A 297 -8.89 -1.78 -26.49
C CYS A 297 -10.26 -2.43 -26.76
N THR A 298 -10.44 -3.66 -26.26
CA THR A 298 -11.75 -4.28 -26.06
C THR A 298 -12.75 -3.26 -25.61
N VAL A 299 -14.01 -3.50 -25.90
CA VAL A 299 -15.05 -2.58 -25.50
C VAL A 299 -15.89 -3.10 -24.35
N THR A 300 -16.01 -4.43 -24.20
CA THR A 300 -16.63 -5.00 -22.99
C THR A 300 -15.56 -5.40 -22.00
N PRO A 301 -15.93 -5.50 -20.74
CA PRO A 301 -15.02 -6.00 -19.70
C PRO A 301 -14.77 -7.51 -19.78
N MET A 302 -15.79 -8.28 -20.17
CA MET A 302 -15.68 -9.72 -20.25
C MET A 302 -14.74 -10.08 -21.38
N GLY A 303 -14.59 -9.15 -22.31
CA GLY A 303 -13.65 -9.27 -23.40
C GLY A 303 -12.24 -8.86 -22.99
N SER A 304 -12.11 -7.78 -22.25
CA SER A 304 -10.80 -7.35 -21.77
C SER A 304 -10.11 -8.46 -20.96
N ARG A 305 -10.92 -9.20 -20.21
CA ARG A 305 -10.45 -10.26 -19.34
C ARG A 305 -9.91 -11.43 -20.14
N MET A 306 -10.58 -11.71 -21.26
CA MET A 306 -10.27 -12.86 -22.11
C MET A 306 -8.97 -12.66 -22.88
N LEU A 307 -8.81 -11.48 -23.47
CA LEU A 307 -7.56 -11.05 -24.12
C LEU A 307 -6.36 -11.26 -23.20
N LYS A 308 -6.61 -11.06 -21.91
CA LYS A 308 -5.56 -11.19 -20.90
C LYS A 308 -5.26 -12.62 -20.51
N ARG A 309 -6.25 -13.51 -20.62
CA ARG A 309 -6.03 -14.95 -20.41
C ARG A 309 -5.33 -15.54 -21.61
N TRP A 310 -5.69 -15.04 -22.78
CA TRP A 310 -5.04 -15.42 -24.03
C TRP A 310 -3.58 -15.03 -23.98
N LEU A 311 -3.32 -13.75 -23.74
CA LEU A 311 -1.96 -13.23 -23.68
C LEU A 311 -1.13 -14.07 -22.73
N HIS A 312 -1.78 -14.55 -21.66
CA HIS A 312 -1.10 -15.29 -20.61
C HIS A 312 -0.97 -16.80 -20.83
N MET A 313 -1.77 -17.35 -21.75
CA MET A 313 -1.72 -18.77 -22.11
C MET A 313 -1.79 -18.97 -23.62
N PRO A 314 -0.67 -18.77 -24.29
CA PRO A 314 -0.59 -18.94 -25.74
C PRO A 314 -0.94 -20.36 -26.15
N VAL A 315 -1.74 -20.51 -27.21
CA VAL A 315 -2.21 -21.82 -27.64
C VAL A 315 -1.30 -22.43 -28.69
N ARG A 316 -1.17 -23.74 -28.67
CA ARG A 316 -0.32 -24.47 -29.60
C ARG A 316 -1.11 -25.32 -30.60
N ASP A 317 -2.41 -25.04 -30.75
CA ASP A 317 -3.27 -25.72 -31.72
C ASP A 317 -3.13 -24.96 -33.03
N THR A 318 -2.46 -25.56 -34.02
CA THR A 318 -2.28 -24.86 -35.30
C THR A 318 -3.63 -24.43 -35.92
N ARG A 319 -4.68 -25.20 -35.65
CA ARG A 319 -6.02 -24.93 -36.20
C ARG A 319 -6.76 -23.77 -35.54
N VAL A 320 -6.63 -23.66 -34.21
CA VAL A 320 -7.23 -22.54 -33.48
C VAL A 320 -6.55 -21.23 -33.90
N LEU A 321 -5.23 -21.28 -34.15
CA LEU A 321 -4.43 -20.10 -34.51
C LEU A 321 -4.76 -19.56 -35.90
N LEU A 322 -4.93 -20.47 -36.86
CA LEU A 322 -5.23 -20.07 -38.21
C LEU A 322 -6.64 -19.51 -38.30
N GLU A 323 -7.58 -20.10 -37.56
CA GLU A 323 -8.94 -19.61 -37.54
C GLU A 323 -8.98 -18.22 -36.92
N ARG A 324 -8.08 -17.98 -35.98
CA ARG A 324 -8.03 -16.68 -35.31
C ARG A 324 -7.46 -15.61 -36.21
N GLN A 325 -6.36 -15.93 -36.90
CA GLN A 325 -5.74 -15.01 -37.85
C GLN A 325 -6.72 -14.65 -38.97
N GLN A 326 -7.48 -15.65 -39.44
CA GLN A 326 -8.47 -15.47 -40.51
C GLN A 326 -9.53 -14.45 -40.07
N THR A 327 -9.89 -14.48 -38.79
CA THR A 327 -10.90 -13.55 -38.26
C THR A 327 -10.38 -12.11 -38.24
N ILE A 328 -9.19 -11.92 -37.71
CA ILE A 328 -8.55 -10.60 -37.69
C ILE A 328 -8.44 -10.04 -39.10
N GLY A 329 -8.36 -10.91 -40.11
CA GLY A 329 -8.31 -10.49 -41.49
C GLY A 329 -9.63 -9.99 -42.02
N ALA A 330 -10.63 -10.84 -41.94
CA ALA A 330 -11.93 -10.54 -42.52
C ALA A 330 -12.53 -9.27 -41.90
N LEU A 331 -12.34 -9.13 -40.60
CA LEU A 331 -13.04 -8.14 -39.80
C LEU A 331 -12.33 -6.78 -39.75
N GLN A 332 -11.19 -6.65 -40.41
CA GLN A 332 -10.40 -5.42 -40.31
C GLN A 332 -11.22 -4.20 -40.72
N ASP A 333 -12.04 -4.34 -41.77
CA ASP A 333 -12.90 -3.25 -42.21
C ASP A 333 -14.13 -3.00 -41.32
N PHE A 334 -14.49 -3.97 -40.49
CA PHE A 334 -15.72 -3.91 -39.71
C PHE A 334 -15.54 -3.49 -38.25
N THR A 335 -14.33 -3.07 -37.86
CA THR A 335 -14.09 -2.75 -36.46
C THR A 335 -14.80 -1.47 -35.99
N ALA A 336 -14.88 -0.47 -36.86
CA ALA A 336 -15.46 0.82 -36.45
C ALA A 336 -16.98 0.75 -36.22
N GLY A 337 -17.65 -0.20 -36.86
CA GLY A 337 -19.10 -0.36 -36.74
C GLY A 337 -19.53 -1.31 -35.63
N LEU A 338 -18.77 -2.38 -35.44
CA LEU A 338 -19.07 -3.42 -34.47
C LEU A 338 -18.79 -2.97 -33.03
N GLN A 339 -17.65 -2.30 -32.83
CA GLN A 339 -17.16 -1.93 -31.49
C GLN A 339 -18.13 -1.04 -30.69
N PRO A 340 -18.68 0.02 -31.29
CA PRO A 340 -19.70 0.83 -30.59
C PRO A 340 -20.97 0.05 -30.25
N VAL A 341 -21.30 -0.96 -31.05
CA VAL A 341 -22.43 -1.85 -30.77
C VAL A 341 -22.04 -2.90 -29.76
N LEU A 342 -20.83 -3.44 -29.91
CA LEU A 342 -20.34 -4.52 -29.06
C LEU A 342 -20.19 -4.04 -27.63
N ARG A 343 -20.05 -2.73 -27.47
CA ARG A 343 -19.86 -2.08 -26.19
C ARG A 343 -21.12 -2.18 -25.36
N GLN A 344 -22.28 -2.00 -26.00
CA GLN A 344 -23.57 -2.05 -25.31
C GLN A 344 -23.95 -3.46 -24.82
N VAL A 345 -23.32 -4.51 -25.35
CA VAL A 345 -23.50 -5.85 -24.78
C VAL A 345 -23.11 -5.87 -23.32
N GLY A 346 -22.07 -5.11 -22.98
CA GLY A 346 -21.66 -4.97 -21.60
C GLY A 346 -21.06 -6.23 -21.05
N ASP A 347 -21.11 -6.38 -19.74
CA ASP A 347 -20.52 -7.51 -19.07
C ASP A 347 -21.58 -8.54 -18.79
N LEU A 348 -22.04 -9.18 -19.85
CA LEU A 348 -23.10 -10.20 -19.78
C LEU A 348 -22.61 -11.44 -19.07
N GLU A 349 -21.33 -11.76 -19.26
CA GLU A 349 -20.72 -12.92 -18.61
C GLU A 349 -21.12 -12.94 -17.13
N ARG A 350 -20.81 -11.84 -16.44
CA ARG A 350 -21.02 -11.76 -15.00
C ARG A 350 -22.47 -11.54 -14.61
N ILE A 351 -23.28 -11.01 -15.53
CA ILE A 351 -24.72 -10.93 -15.28
C ILE A 351 -25.31 -12.32 -15.18
N LEU A 352 -25.00 -13.18 -16.15
CA LEU A 352 -25.52 -14.56 -16.17
C LEU A 352 -25.02 -15.35 -14.98
N ALA A 353 -23.93 -14.89 -14.39
CA ALA A 353 -23.45 -15.48 -13.16
C ALA A 353 -24.43 -15.21 -12.04
N ARG A 354 -24.77 -13.95 -11.84
CA ARG A 354 -25.77 -13.59 -10.85
C ARG A 354 -27.12 -14.28 -11.16
N LEU A 355 -27.43 -14.44 -12.45
CA LEU A 355 -28.63 -15.17 -12.84
C LEU A 355 -28.57 -16.63 -12.40
N ALA A 356 -27.41 -17.26 -12.56
CA ALA A 356 -27.26 -18.65 -12.17
C ALA A 356 -27.47 -18.84 -10.68
N LEU A 357 -26.96 -17.87 -9.91
CA LEU A 357 -27.02 -17.91 -8.45
C LEU A 357 -28.32 -17.31 -7.87
N ARG A 358 -29.25 -16.90 -8.73
CA ARG A 358 -30.50 -16.26 -8.28
C ARG A 358 -30.23 -14.97 -7.46
N THR A 359 -29.14 -14.31 -7.82
CA THR A 359 -28.68 -13.10 -7.18
C THR A 359 -28.94 -11.84 -8.03
N ALA A 360 -29.12 -11.99 -9.34
CA ALA A 360 -29.19 -10.84 -10.25
C ALA A 360 -30.19 -9.80 -9.78
N ARG A 361 -29.81 -8.55 -9.87
CA ARG A 361 -30.66 -7.46 -9.43
C ARG A 361 -31.40 -6.90 -10.64
N PRO A 362 -32.30 -5.95 -10.44
CA PRO A 362 -33.10 -5.39 -11.54
C PRO A 362 -32.28 -4.80 -12.67
N ARG A 363 -31.29 -3.97 -12.35
CA ARG A 363 -30.40 -3.40 -13.37
C ARG A 363 -29.53 -4.46 -14.05
N ASP A 364 -29.40 -5.64 -13.44
CA ASP A 364 -28.77 -6.76 -14.15
C ASP A 364 -29.67 -7.24 -15.29
N LEU A 365 -30.96 -7.46 -15.01
CA LEU A 365 -31.89 -7.91 -16.05
C LEU A 365 -32.11 -6.85 -17.11
N ALA A 366 -31.97 -5.58 -16.74
CA ALA A 366 -32.16 -4.47 -17.68
C ALA A 366 -31.01 -4.41 -18.67
N ARG A 367 -29.81 -4.76 -18.21
CA ARG A 367 -28.65 -4.77 -19.08
C ARG A 367 -28.53 -6.08 -19.84
N MET A 368 -29.23 -7.11 -19.38
CA MET A 368 -29.36 -8.36 -20.14
C MET A 368 -30.31 -8.10 -21.32
N ARG A 369 -31.42 -7.46 -21.02
CA ARG A 369 -32.36 -6.99 -22.02
C ARG A 369 -31.63 -6.16 -23.05
N HIS A 370 -30.77 -5.27 -22.58
CA HIS A 370 -30.12 -4.32 -23.47
C HIS A 370 -29.14 -5.04 -24.39
N ALA A 371 -28.43 -6.02 -23.84
CA ALA A 371 -27.54 -6.87 -24.62
C ALA A 371 -28.32 -7.60 -25.71
N PHE A 372 -29.39 -8.29 -25.32
CA PHE A 372 -30.30 -8.95 -26.26
C PHE A 372 -30.69 -8.04 -27.41
N GLN A 373 -30.79 -6.73 -27.11
CA GLN A 373 -31.24 -5.71 -28.07
C GLN A 373 -30.16 -5.31 -29.07
N GLN A 374 -28.91 -5.67 -28.80
CA GLN A 374 -27.81 -5.38 -29.69
C GLN A 374 -27.48 -6.56 -30.61
N LEU A 375 -28.12 -7.70 -30.37
CA LEU A 375 -27.83 -8.91 -31.14
C LEU A 375 -28.26 -8.82 -32.60
N PRO A 376 -29.46 -8.35 -32.88
CA PRO A 376 -29.94 -8.26 -34.27
C PRO A 376 -29.06 -7.35 -35.16
N GLU A 377 -28.49 -6.30 -34.56
CA GLU A 377 -27.57 -5.41 -35.27
C GLU A 377 -26.17 -6.05 -35.39
N LEU A 378 -25.79 -6.92 -34.46
CA LEU A 378 -24.54 -7.68 -34.60
C LEU A 378 -24.67 -8.78 -35.66
N ARG A 379 -25.87 -9.34 -35.79
CA ARG A 379 -26.12 -10.39 -36.78
C ARG A 379 -26.13 -9.82 -38.19
N ALA A 380 -26.58 -8.58 -38.33
CA ALA A 380 -26.53 -7.90 -39.61
C ALA A 380 -25.08 -7.61 -40.00
N GLN A 381 -24.35 -6.95 -39.11
CA GLN A 381 -23.00 -6.49 -39.39
C GLN A 381 -22.06 -7.63 -39.76
N LEU A 382 -22.32 -8.81 -39.18
CA LEU A 382 -21.46 -9.97 -39.37
C LEU A 382 -21.91 -10.95 -40.46
N GLU A 383 -23.14 -10.86 -40.96
CA GLU A 383 -23.56 -11.79 -42.01
C GLU A 383 -22.71 -11.60 -43.25
N THR A 384 -22.59 -10.36 -43.68
CA THR A 384 -21.83 -10.02 -44.88
C THR A 384 -20.34 -10.37 -44.81
N VAL A 385 -19.79 -10.57 -43.61
CA VAL A 385 -18.38 -10.93 -43.45
C VAL A 385 -18.09 -12.37 -43.92
N ASP A 386 -17.33 -12.49 -45.00
CA ASP A 386 -16.92 -13.79 -45.53
C ASP A 386 -15.80 -14.36 -44.69
N SER A 387 -16.17 -15.15 -43.70
CA SER A 387 -15.21 -15.93 -42.92
C SER A 387 -15.98 -16.91 -42.03
N ALA A 388 -15.75 -18.20 -42.20
CA ALA A 388 -16.53 -19.21 -41.49
C ALA A 388 -16.41 -19.07 -39.96
N PRO A 389 -15.20 -18.89 -39.42
CA PRO A 389 -15.00 -18.69 -37.98
C PRO A 389 -15.82 -17.55 -37.43
N VAL A 390 -15.89 -16.44 -38.15
CA VAL A 390 -16.75 -15.33 -37.76
C VAL A 390 -18.20 -15.76 -37.76
N GLN A 391 -18.62 -16.51 -38.78
CA GLN A 391 -20.01 -16.94 -38.90
C GLN A 391 -20.43 -17.94 -37.83
N ALA A 392 -19.46 -18.68 -37.27
CA ALA A 392 -19.74 -19.62 -36.20
C ALA A 392 -19.88 -18.89 -34.86
N LEU A 393 -19.30 -17.70 -34.76
CA LEU A 393 -19.50 -16.79 -33.62
C LEU A 393 -20.81 -16.01 -33.75
N ARG A 394 -21.15 -15.57 -34.96
CA ARG A 394 -22.46 -14.96 -35.21
C ARG A 394 -23.55 -15.97 -34.83
N GLU A 395 -23.28 -17.22 -35.13
CA GLU A 395 -24.17 -18.34 -34.84
C GLU A 395 -24.25 -18.51 -33.32
N LYS A 396 -23.10 -18.71 -32.69
CA LYS A 396 -23.02 -19.06 -31.28
C LYS A 396 -23.56 -17.95 -30.37
N MET A 397 -23.59 -16.72 -30.86
CA MET A 397 -24.04 -15.58 -30.04
C MET A 397 -25.56 -15.42 -30.03
N GLY A 398 -26.26 -16.29 -30.77
CA GLY A 398 -27.71 -16.38 -30.72
C GLY A 398 -28.42 -15.09 -31.05
N GLU A 399 -29.67 -14.98 -30.61
CA GLU A 399 -30.50 -13.78 -30.80
C GLU A 399 -31.45 -13.59 -29.61
N PHE A 400 -32.15 -14.68 -29.25
CA PHE A 400 -32.91 -14.75 -28.00
C PHE A 400 -34.15 -13.89 -28.02
N ALA A 401 -34.83 -13.85 -29.16
CA ALA A 401 -35.99 -12.98 -29.36
C ALA A 401 -37.02 -13.09 -28.24
N GLU A 402 -37.26 -14.30 -27.76
CA GLU A 402 -38.31 -14.57 -26.76
C GLU A 402 -37.96 -13.96 -25.39
N LEU A 403 -36.75 -14.24 -24.91
CA LEU A 403 -36.30 -13.75 -23.60
C LEU A 403 -36.17 -12.23 -23.59
N ARG A 404 -35.87 -11.64 -24.74
CA ARG A 404 -35.82 -10.20 -24.91
C ARG A 404 -37.21 -9.59 -24.78
N ASP A 405 -38.22 -10.25 -25.34
CA ASP A 405 -39.60 -9.78 -25.25
C ASP A 405 -40.16 -9.97 -23.84
N LEU A 406 -39.57 -10.89 -23.07
CA LEU A 406 -39.97 -11.11 -21.69
C LEU A 406 -39.53 -9.92 -20.84
N LEU A 407 -38.27 -9.50 -20.99
CA LEU A 407 -37.73 -8.45 -20.15
C LEU A 407 -38.28 -7.09 -20.55
N GLU A 408 -38.59 -6.91 -21.83
CA GLU A 408 -39.22 -5.68 -22.29
C GLU A 408 -40.65 -5.49 -21.73
N ARG A 409 -41.35 -6.60 -21.48
CA ARG A 409 -42.71 -6.58 -20.92
C ARG A 409 -42.71 -6.67 -19.40
N ALA A 410 -41.61 -7.18 -18.84
CA ALA A 410 -41.55 -7.53 -17.41
C ALA A 410 -41.07 -6.40 -16.56
N ILE A 411 -40.17 -5.58 -17.10
CA ILE A 411 -39.45 -4.59 -16.32
C ILE A 411 -39.47 -3.22 -16.97
N ILE A 412 -39.48 -2.18 -16.14
CA ILE A 412 -39.47 -0.79 -16.61
C ILE A 412 -38.09 -0.42 -17.17
N ASP A 413 -38.02 0.70 -17.89
CA ASP A 413 -36.78 1.07 -18.60
C ASP A 413 -35.56 1.14 -17.67
N THR A 414 -35.67 1.99 -16.65
CA THR A 414 -34.60 2.18 -15.67
C THR A 414 -35.14 1.87 -14.28
N PRO A 415 -35.08 0.59 -13.89
CA PRO A 415 -35.54 0.19 -12.55
C PRO A 415 -34.57 0.65 -11.45
N PRO A 416 -34.95 0.54 -10.18
CA PRO A 416 -34.05 0.84 -9.07
C PRO A 416 -33.01 -0.26 -8.89
N VAL A 417 -32.01 -0.02 -8.04
CA VAL A 417 -30.89 -0.95 -7.85
C VAL A 417 -31.38 -2.30 -7.30
N LEU A 418 -32.37 -2.24 -6.42
CA LEU A 418 -32.86 -3.42 -5.73
C LEU A 418 -34.35 -3.62 -5.95
N VAL A 419 -34.77 -4.86 -5.72
CA VAL A 419 -36.19 -5.25 -5.77
C VAL A 419 -36.91 -4.87 -4.48
N ARG A 420 -36.15 -4.67 -3.40
CA ARG A 420 -36.71 -4.64 -2.03
C ARG A 420 -37.80 -3.59 -1.75
N ASP A 421 -37.90 -2.54 -2.58
CA ASP A 421 -38.92 -1.49 -2.43
C ASP A 421 -39.97 -1.52 -3.56
N GLY A 422 -39.86 -2.47 -4.48
CA GLY A 422 -40.79 -2.57 -5.59
C GLY A 422 -40.41 -1.61 -6.71
N GLY A 423 -41.39 -1.27 -7.55
CA GLY A 423 -41.15 -0.33 -8.62
C GLY A 423 -40.21 -0.88 -9.67
N VAL A 424 -40.32 -2.19 -9.91
CA VAL A 424 -39.48 -2.92 -10.84
C VAL A 424 -40.33 -3.51 -11.95
N ILE A 425 -41.34 -4.28 -11.57
CA ILE A 425 -42.24 -4.93 -12.53
C ILE A 425 -43.16 -3.87 -13.17
N ALA A 426 -43.41 -4.00 -14.47
CA ALA A 426 -44.10 -2.96 -15.22
C ALA A 426 -45.58 -3.25 -15.39
N SER A 427 -46.31 -2.23 -15.82
CA SER A 427 -47.74 -2.33 -15.96
C SER A 427 -48.10 -3.11 -17.20
N GLY A 428 -48.93 -4.13 -17.03
CA GLY A 428 -49.39 -4.96 -18.13
C GLY A 428 -48.97 -6.41 -17.95
N TYR A 429 -47.87 -6.60 -17.24
CA TYR A 429 -47.25 -7.91 -17.09
C TYR A 429 -48.10 -8.86 -16.24
N ASN A 430 -48.59 -8.35 -15.12
CA ASN A 430 -49.42 -9.12 -14.21
C ASN A 430 -50.63 -8.28 -13.82
N GLU A 431 -51.83 -8.78 -14.11
CA GLU A 431 -53.06 -8.01 -13.90
C GLU A 431 -53.41 -7.85 -12.43
N GLU A 432 -53.08 -8.85 -11.63
CA GLU A 432 -53.27 -8.81 -10.18
C GLU A 432 -52.41 -7.74 -9.49
N LEU A 433 -51.29 -7.39 -10.12
CA LEU A 433 -50.38 -6.37 -9.59
C LEU A 433 -50.84 -4.97 -9.99
N ASP A 434 -51.25 -4.82 -11.25
CA ASP A 434 -51.87 -3.59 -11.73
C ASP A 434 -53.04 -3.21 -10.84
N GLU A 435 -53.75 -4.23 -10.34
CA GLU A 435 -54.91 -4.06 -9.49
C GLU A 435 -54.49 -3.60 -8.10
N TRP A 436 -53.43 -4.21 -7.56
CA TRP A 436 -52.94 -3.91 -6.21
C TRP A 436 -52.25 -2.52 -6.15
N ARG A 437 -51.44 -2.22 -7.16
CA ARG A 437 -50.84 -0.91 -7.31
C ARG A 437 -51.86 0.23 -7.29
N ALA A 438 -52.97 0.03 -7.99
CA ALA A 438 -53.97 1.09 -8.20
C ALA A 438 -54.76 1.42 -6.93
N LEU A 439 -55.12 0.38 -6.17
CA LEU A 439 -55.76 0.53 -4.87
C LEU A 439 -54.82 1.20 -3.86
N ALA A 440 -53.51 0.98 -4.02
CA ALA A 440 -52.50 1.59 -3.14
C ALA A 440 -52.28 3.07 -3.44
N ASP A 441 -52.53 3.46 -4.69
CA ASP A 441 -52.26 4.83 -5.14
C ASP A 441 -53.53 5.67 -5.25
N GLY A 442 -54.36 5.64 -4.19
CA GLY A 442 -55.48 6.55 -4.08
C GLY A 442 -55.02 7.98 -3.79
N ALA A 443 -53.73 8.13 -3.50
CA ALA A 443 -53.11 9.44 -3.24
C ALA A 443 -53.22 10.46 -4.39
N THR A 444 -53.27 9.98 -5.65
CA THR A 444 -53.34 10.85 -6.85
C THR A 444 -54.17 12.14 -6.63
N ASP A 445 -55.21 12.04 -5.80
CA ASP A 445 -55.87 13.22 -5.24
C ASP A 445 -56.69 13.01 -3.93
N TYR A 446 -56.46 11.94 -3.16
CA TYR A 446 -57.36 11.62 -2.03
C TYR A 446 -57.02 12.29 -0.70
N LEU A 447 -55.80 12.07 -0.22
CA LEU A 447 -55.38 12.71 1.01
C LEU A 447 -55.41 14.22 0.83
N GLU A 448 -55.16 14.68 -0.40
CA GLU A 448 -55.31 16.09 -0.73
C GLU A 448 -56.77 16.53 -0.60
N ARG A 449 -57.71 15.71 -1.07
CA ARG A 449 -59.14 16.04 -1.06
C ARG A 449 -59.72 16.04 0.36
N LEU A 450 -59.46 14.96 1.11
CA LEU A 450 -59.87 14.87 2.51
C LEU A 450 -59.26 15.98 3.35
N GLU A 451 -58.03 16.36 3.05
CA GLU A 451 -57.37 17.46 3.75
C GLU A 451 -58.15 18.76 3.51
N VAL A 452 -58.45 19.04 2.25
CA VAL A 452 -59.11 20.28 1.90
C VAL A 452 -60.53 20.32 2.44
N ARG A 453 -61.22 19.18 2.44
CA ARG A 453 -62.62 19.13 2.90
C ARG A 453 -62.69 19.22 4.43
N GLU A 454 -61.63 18.82 5.10
CA GLU A 454 -61.57 18.90 6.56
C GLU A 454 -61.11 20.28 7.04
N ARG A 455 -60.42 21.01 6.18
CA ARG A 455 -59.98 22.35 6.51
C ARG A 455 -61.16 23.31 6.41
N GLU A 456 -62.08 23.02 5.51
CA GLU A 456 -63.27 23.86 5.28
C GLU A 456 -64.38 23.52 6.27
N ARG A 457 -64.51 22.22 6.60
CA ARG A 457 -65.48 21.78 7.58
C ARG A 457 -65.13 22.32 8.96
N THR A 458 -63.87 22.23 9.36
CA THR A 458 -63.43 22.71 10.67
C THR A 458 -63.21 24.22 10.70
N GLY A 459 -62.82 24.77 9.55
CA GLY A 459 -62.50 26.19 9.43
C GLY A 459 -61.18 26.53 10.07
N LEU A 460 -60.27 25.55 10.05
CA LEU A 460 -59.00 25.64 10.75
C LEU A 460 -57.88 25.57 9.75
N ASP A 461 -57.47 26.74 9.27
CA ASP A 461 -56.57 26.88 8.11
C ASP A 461 -55.24 26.14 8.18
N THR A 462 -54.73 25.92 9.39
CA THR A 462 -53.46 25.20 9.56
C THR A 462 -53.61 23.67 9.44
N LEU A 463 -54.78 23.17 9.04
CA LEU A 463 -55.02 21.73 9.01
C LEU A 463 -54.38 21.08 7.78
N LYS A 464 -53.46 20.15 8.00
CA LYS A 464 -52.78 19.42 6.92
C LYS A 464 -52.89 17.92 7.13
N VAL A 465 -52.96 17.15 6.04
CA VAL A 465 -52.92 15.70 6.16
C VAL A 465 -51.50 15.26 5.85
N GLY A 466 -51.02 14.28 6.61
CA GLY A 466 -49.67 13.79 6.41
C GLY A 466 -49.43 12.42 7.00
N PHE A 467 -48.53 11.67 6.35
CA PHE A 467 -48.10 10.39 6.87
C PHE A 467 -46.69 10.50 7.44
N ASN A 468 -46.49 9.90 8.59
CA ASN A 468 -45.20 9.79 9.24
C ASN A 468 -45.09 8.33 9.68
N ALA A 469 -43.96 7.71 9.37
CA ALA A 469 -43.80 6.24 9.38
C ALA A 469 -44.03 5.54 10.72
N VAL A 470 -43.97 6.28 11.83
CA VAL A 470 -44.01 5.68 13.15
C VAL A 470 -45.43 5.66 13.76
N HIS A 471 -46.27 6.62 13.35
CA HIS A 471 -47.61 6.80 13.89
C HIS A 471 -48.71 6.75 12.81
N GLY A 472 -48.34 6.35 11.60
CA GLY A 472 -49.29 6.25 10.50
C GLY A 472 -49.77 7.59 9.96
N TYR A 473 -50.82 7.55 9.13
CA TYR A 473 -51.46 8.75 8.62
C TYR A 473 -52.04 9.56 9.77
N TYR A 474 -52.27 10.85 9.51
CA TYR A 474 -52.84 11.75 10.51
C TYR A 474 -53.45 12.98 9.90
N ILE A 475 -54.22 13.69 10.71
CA ILE A 475 -54.63 15.06 10.43
C ILE A 475 -53.93 15.93 11.45
N GLN A 476 -53.17 16.92 10.99
CA GLN A 476 -52.39 17.76 11.88
C GLN A 476 -53.06 19.10 12.05
N ILE A 477 -53.05 19.62 13.27
CA ILE A 477 -53.49 20.97 13.56
C ILE A 477 -52.43 21.66 14.41
N SER A 478 -52.21 22.95 14.13
CA SER A 478 -51.31 23.80 14.93
C SER A 478 -51.81 23.91 16.37
N ARG A 479 -50.93 24.17 17.31
CA ARG A 479 -51.35 24.20 18.72
C ARG A 479 -52.23 25.41 19.00
N GLY A 480 -52.10 26.47 18.22
CA GLY A 480 -52.96 27.63 18.36
C GLY A 480 -54.43 27.27 18.13
N GLN A 481 -54.67 26.33 17.23
CA GLN A 481 -56.03 25.92 16.86
C GLN A 481 -56.43 24.50 17.32
N SER A 482 -55.55 23.84 18.07
CA SER A 482 -55.75 22.42 18.42
C SER A 482 -56.89 22.20 19.40
N HIS A 483 -57.22 23.23 20.19
CA HIS A 483 -58.31 23.16 21.16
C HIS A 483 -59.68 23.35 20.49
N LEU A 484 -59.67 23.55 19.19
CA LEU A 484 -60.89 23.88 18.45
C LEU A 484 -61.29 22.76 17.50
N ALA A 485 -60.52 21.68 17.55
CA ALA A 485 -60.69 20.55 16.65
C ALA A 485 -61.93 19.77 17.05
N PRO A 486 -62.53 19.05 16.10
CA PRO A 486 -63.72 18.25 16.41
C PRO A 486 -63.47 17.30 17.58
N ILE A 487 -64.49 17.14 18.41
CA ILE A 487 -64.48 16.19 19.53
C ILE A 487 -64.32 14.73 19.06
N ASN A 488 -64.63 14.50 17.79
CA ASN A 488 -64.45 13.22 17.11
C ASN A 488 -62.99 12.84 16.85
N TYR A 489 -62.15 13.85 16.64
CA TYR A 489 -60.74 13.65 16.36
C TYR A 489 -60.05 13.01 17.55
N MET A 490 -59.56 11.79 17.36
CA MET A 490 -58.85 11.05 18.40
C MET A 490 -57.37 11.45 18.32
N ARG A 491 -56.83 11.92 19.44
CA ARG A 491 -55.44 12.36 19.49
C ARG A 491 -54.54 11.16 19.31
N ARG A 492 -53.52 11.32 18.48
CA ARG A 492 -52.68 10.22 18.00
C ARG A 492 -51.20 10.49 18.24
N GLN A 493 -50.75 11.67 17.83
CA GLN A 493 -49.38 12.12 18.05
C GLN A 493 -49.32 13.62 18.35
N THR A 494 -48.64 13.97 19.44
CA THR A 494 -48.41 15.35 19.85
C THR A 494 -47.01 15.83 19.45
N LEU A 495 -46.89 17.13 19.16
CA LEU A 495 -45.58 17.77 18.94
C LEU A 495 -45.52 19.13 19.62
N LYS A 496 -44.34 19.73 19.63
CA LYS A 496 -44.11 20.97 20.37
C LYS A 496 -45.12 22.05 20.01
N ASN A 497 -45.36 22.23 18.72
CA ASN A 497 -46.23 23.31 18.24
C ASN A 497 -47.39 22.85 17.37
N ALA A 498 -47.74 21.57 17.47
CA ALA A 498 -48.80 20.99 16.66
C ALA A 498 -49.22 19.63 17.20
N GLU A 499 -50.50 19.30 16.99
CA GLU A 499 -51.14 18.13 17.58
C GLU A 499 -51.87 17.34 16.47
N ARG A 500 -51.34 16.18 16.12
CA ARG A 500 -51.92 15.31 15.08
C ARG A 500 -53.00 14.34 15.58
N TYR A 501 -54.09 14.24 14.80
CA TYR A 501 -55.24 13.42 15.16
C TYR A 501 -55.52 12.33 14.11
N ILE A 502 -56.48 11.47 14.41
CA ILE A 502 -56.89 10.40 13.50
C ILE A 502 -58.39 10.15 13.60
N ILE A 503 -59.03 9.85 12.48
CA ILE A 503 -60.47 9.58 12.45
C ILE A 503 -60.73 8.26 11.70
N PRO A 504 -61.91 7.66 11.86
CA PRO A 504 -62.23 6.40 11.19
C PRO A 504 -61.94 6.40 9.69
N GLU A 505 -62.50 7.36 8.95
CA GLU A 505 -62.26 7.50 7.51
C GLU A 505 -60.79 7.32 7.12
N LEU A 506 -59.90 7.81 7.97
CA LEU A 506 -58.46 7.83 7.68
C LEU A 506 -57.76 6.56 8.10
N LYS A 507 -58.06 6.08 9.31
CA LYS A 507 -57.49 4.82 9.80
C LYS A 507 -57.81 3.68 8.84
N GLU A 508 -59.01 3.74 8.26
CA GLU A 508 -59.45 2.79 7.25
C GLU A 508 -58.64 2.92 5.97
N TYR A 509 -58.37 4.15 5.51
CA TYR A 509 -57.48 4.39 4.35
C TYR A 509 -56.02 4.08 4.67
N GLU A 510 -55.67 4.14 5.95
CA GLU A 510 -54.37 3.72 6.42
C GLU A 510 -54.20 2.24 6.14
N ASP A 511 -55.26 1.48 6.41
CA ASP A 511 -55.25 0.03 6.28
C ASP A 511 -55.39 -0.41 4.83
N LYS A 512 -56.34 0.17 4.11
CA LYS A 512 -56.51 -0.07 2.67
C LYS A 512 -55.16 0.08 1.95
N VAL A 513 -54.40 1.09 2.37
CA VAL A 513 -53.16 1.44 1.70
C VAL A 513 -52.01 0.51 2.10
N LEU A 514 -51.86 0.24 3.39
CA LEU A 514 -50.70 -0.48 3.88
C LEU A 514 -50.75 -1.97 3.58
N THR A 515 -51.90 -2.62 3.79
CA THR A 515 -52.03 -4.04 3.44
C THR A 515 -51.92 -4.26 1.93
N SER A 516 -52.43 -3.33 1.14
CA SER A 516 -52.31 -3.42 -0.32
C SER A 516 -50.88 -3.19 -0.82
N LYS A 517 -50.15 -2.29 -0.15
CA LYS A 517 -48.78 -1.95 -0.58
C LYS A 517 -47.86 -3.15 -0.35
N GLY A 518 -48.05 -3.83 0.79
CA GLY A 518 -47.30 -5.03 1.12
C GLY A 518 -47.70 -6.25 0.30
N LYS A 519 -48.99 -6.38 0.02
CA LYS A 519 -49.52 -7.42 -0.88
C LYS A 519 -48.91 -7.26 -2.26
N ALA A 520 -48.74 -6.00 -2.68
CA ALA A 520 -48.23 -5.67 -4.00
C ALA A 520 -46.74 -5.87 -4.09
N LEU A 521 -46.06 -5.81 -2.94
CA LEU A 521 -44.62 -5.97 -2.91
C LEU A 521 -44.24 -7.45 -2.87
N ALA A 522 -45.02 -8.23 -2.14
CA ALA A 522 -44.80 -9.66 -2.06
C ALA A 522 -45.02 -10.29 -3.42
N LEU A 523 -46.05 -9.82 -4.13
CA LEU A 523 -46.43 -10.39 -5.42
C LEU A 523 -45.41 -10.03 -6.47
N GLU A 524 -45.00 -8.76 -6.46
CA GLU A 524 -43.91 -8.23 -7.29
C GLU A 524 -42.61 -9.01 -7.10
N LYS A 525 -42.22 -9.21 -5.85
CA LYS A 525 -41.05 -10.02 -5.51
C LYS A 525 -41.23 -11.46 -5.97
N GLN A 526 -42.49 -11.91 -6.03
CA GLN A 526 -42.84 -13.24 -6.52
C GLN A 526 -42.72 -13.32 -8.04
N LEU A 527 -43.15 -12.26 -8.71
CA LEU A 527 -43.01 -12.13 -10.17
C LEU A 527 -41.55 -12.01 -10.59
N TYR A 528 -40.75 -11.30 -9.78
CA TYR A 528 -39.35 -11.09 -10.09
C TYR A 528 -38.61 -12.41 -10.05
N GLU A 529 -38.77 -13.15 -8.95
CA GLU A 529 -38.16 -14.47 -8.84
C GLU A 529 -38.72 -15.43 -9.91
N GLU A 530 -39.94 -15.18 -10.39
CA GLU A 530 -40.51 -15.93 -11.54
C GLU A 530 -39.70 -15.71 -12.83
N LEU A 531 -39.20 -14.49 -13.04
CA LEU A 531 -38.30 -14.19 -14.18
C LEU A 531 -37.12 -15.16 -14.22
N PHE A 532 -36.52 -15.43 -13.07
CA PHE A 532 -35.36 -16.32 -13.00
C PHE A 532 -35.67 -17.72 -13.51
N ASP A 533 -36.84 -18.26 -13.20
CA ASP A 533 -37.19 -19.63 -13.63
C ASP A 533 -37.54 -19.68 -15.10
N LEU A 534 -38.01 -18.56 -15.65
CA LEU A 534 -38.31 -18.48 -17.08
C LEU A 534 -37.01 -18.41 -17.87
N LEU A 535 -36.08 -17.56 -17.41
CA LEU A 535 -34.77 -17.40 -18.05
C LEU A 535 -33.85 -18.63 -17.88
N LEU A 536 -33.70 -19.10 -16.65
CA LEU A 536 -32.74 -20.16 -16.29
C LEU A 536 -32.68 -21.40 -17.17
N PRO A 537 -33.81 -21.91 -17.64
CA PRO A 537 -33.81 -23.04 -18.57
C PRO A 537 -32.87 -22.83 -19.76
N HIS A 538 -32.68 -21.59 -20.21
CA HIS A 538 -31.81 -21.28 -21.35
C HIS A 538 -30.36 -20.97 -20.97
N LEU A 539 -30.03 -21.11 -19.69
CA LEU A 539 -28.75 -20.67 -19.17
C LEU A 539 -27.58 -21.11 -20.06
N GLU A 540 -27.62 -22.35 -20.53
CA GLU A 540 -26.48 -22.84 -21.29
C GLU A 540 -26.26 -22.06 -22.58
N ALA A 541 -27.29 -21.94 -23.41
CA ALA A 541 -27.21 -21.18 -24.67
C ALA A 541 -26.88 -19.71 -24.44
N LEU A 542 -27.24 -19.20 -23.26
CA LEU A 542 -26.93 -17.83 -22.84
C LEU A 542 -25.45 -17.68 -22.50
N GLN A 543 -24.89 -18.65 -21.78
CA GLN A 543 -23.47 -18.65 -21.46
C GLN A 543 -22.65 -18.70 -22.73
N GLN A 544 -23.10 -19.52 -23.68
CA GLN A 544 -22.39 -19.70 -24.94
C GLN A 544 -22.44 -18.42 -25.74
N SER A 545 -23.46 -17.60 -25.51
CA SER A 545 -23.57 -16.29 -26.15
C SER A 545 -22.52 -15.31 -25.62
N ALA A 546 -22.52 -15.12 -24.30
CA ALA A 546 -21.58 -14.22 -23.64
C ALA A 546 -20.15 -14.54 -24.07
N SER A 547 -19.86 -15.83 -24.16
CA SER A 547 -18.54 -16.28 -24.55
C SER A 547 -18.24 -15.83 -25.97
N ALA A 548 -19.23 -16.01 -26.84
CA ALA A 548 -19.12 -15.61 -28.23
C ALA A 548 -18.83 -14.11 -28.33
N LEU A 549 -19.60 -13.31 -27.61
CA LEU A 549 -19.48 -11.86 -27.68
C LEU A 549 -18.15 -11.38 -27.08
N ALA A 550 -17.60 -12.14 -26.14
CA ALA A 550 -16.33 -11.78 -25.54
C ALA A 550 -15.21 -12.05 -26.55
N GLU A 551 -15.23 -13.22 -27.15
CA GLU A 551 -14.26 -13.61 -28.17
C GLU A 551 -14.31 -12.67 -29.37
N LEU A 552 -15.49 -12.14 -29.67
CA LEU A 552 -15.67 -11.24 -30.80
C LEU A 552 -15.02 -9.92 -30.46
N ASP A 553 -15.40 -9.40 -29.28
CA ASP A 553 -14.73 -8.26 -28.71
C ASP A 553 -13.20 -8.39 -28.82
N VAL A 554 -12.68 -9.56 -28.49
CA VAL A 554 -11.25 -9.76 -28.48
C VAL A 554 -10.69 -9.74 -29.90
N LEU A 555 -11.38 -10.37 -30.84
CA LEU A 555 -10.84 -10.53 -32.18
C LEU A 555 -11.00 -9.24 -32.94
N VAL A 556 -12.21 -8.71 -32.97
CA VAL A 556 -12.46 -7.35 -33.47
C VAL A 556 -11.44 -6.36 -32.92
N ASN A 557 -11.04 -6.54 -31.67
CA ASN A 557 -10.01 -5.70 -31.06
C ASN A 557 -8.70 -5.92 -31.76
N LEU A 558 -8.17 -7.14 -31.66
CA LEU A 558 -6.89 -7.51 -32.25
C LEU A 558 -6.77 -7.12 -33.74
N ALA A 559 -7.91 -7.09 -34.43
CA ALA A 559 -7.99 -6.61 -35.81
C ALA A 559 -7.68 -5.12 -35.90
N GLU A 560 -8.40 -4.33 -35.10
CA GLU A 560 -8.17 -2.90 -34.99
C GLU A 560 -6.74 -2.60 -34.56
N ARG A 561 -6.29 -3.29 -33.50
CA ARG A 561 -4.92 -3.16 -33.03
C ARG A 561 -3.92 -3.42 -34.18
N ALA A 562 -4.21 -4.44 -34.97
CA ALA A 562 -3.34 -4.82 -36.09
C ALA A 562 -3.28 -3.74 -37.16
N TYR A 563 -4.38 -3.03 -37.37
CA TYR A 563 -4.46 -1.98 -38.38
C TYR A 563 -3.69 -0.74 -37.93
N THR A 564 -4.00 -0.26 -36.72
CA THR A 564 -3.52 1.06 -36.26
C THR A 564 -2.03 1.04 -35.90
N LEU A 565 -1.55 -0.12 -35.46
CA LEU A 565 -0.15 -0.30 -35.02
C LEU A 565 0.68 -0.98 -36.10
N ASN A 566 0.04 -1.33 -37.22
CA ASN A 566 0.71 -1.94 -38.36
C ASN A 566 1.43 -3.25 -38.01
N TYR A 567 0.65 -4.34 -37.90
CA TYR A 567 1.14 -5.70 -37.64
C TYR A 567 0.85 -6.63 -38.83
N THR A 568 1.63 -7.70 -38.98
CA THR A 568 1.42 -8.68 -40.04
C THR A 568 1.17 -10.08 -39.50
N CYS A 569 0.27 -10.78 -40.17
CA CYS A 569 0.05 -12.18 -39.93
C CYS A 569 1.37 -12.90 -40.10
N PRO A 570 1.82 -13.60 -39.07
CA PRO A 570 2.97 -14.49 -39.21
C PRO A 570 2.53 -15.84 -39.79
N THR A 571 3.51 -16.67 -40.16
CA THR A 571 3.22 -18.01 -40.63
C THR A 571 3.90 -19.00 -39.73
N PHE A 572 3.39 -20.21 -39.71
CA PHE A 572 3.94 -21.25 -38.87
C PHE A 572 4.67 -22.24 -39.74
N ILE A 573 5.63 -22.95 -39.16
CA ILE A 573 6.47 -23.89 -39.90
C ILE A 573 6.63 -25.17 -39.10
N ASP A 574 7.22 -26.19 -39.71
CA ASP A 574 7.21 -27.55 -39.15
C ASP A 574 8.30 -27.79 -38.12
N LYS A 575 9.46 -27.15 -38.30
CA LYS A 575 10.61 -27.35 -37.42
C LYS A 575 10.83 -26.13 -36.52
N PRO A 576 11.75 -26.18 -35.57
CA PRO A 576 12.03 -25.00 -34.72
C PRO A 576 12.74 -23.90 -35.52
N GLY A 577 12.33 -22.66 -35.28
CA GLY A 577 12.91 -21.53 -35.94
C GLY A 577 12.06 -20.29 -35.79
N ILE A 578 12.72 -19.15 -35.78
CA ILE A 578 12.05 -17.87 -35.71
C ILE A 578 12.75 -16.97 -36.72
N ARG A 579 11.98 -16.34 -37.58
CA ARG A 579 12.51 -15.55 -38.67
C ARG A 579 11.77 -14.23 -38.77
N ILE A 580 12.34 -13.20 -38.14
CA ILE A 580 11.76 -11.86 -38.09
C ILE A 580 12.44 -10.93 -39.10
N THR A 581 11.63 -10.26 -39.94
CA THR A 581 12.09 -9.15 -40.77
C THR A 581 11.53 -7.82 -40.19
N GLU A 582 12.44 -6.88 -39.93
CA GLU A 582 12.13 -5.56 -39.34
C GLU A 582 11.09 -5.62 -38.21
N GLY A 583 11.43 -6.34 -37.13
CA GLY A 583 10.54 -6.52 -36.00
C GLY A 583 10.84 -5.60 -34.82
N ARG A 584 9.81 -5.31 -34.03
CA ARG A 584 9.91 -4.33 -32.96
C ARG A 584 9.32 -4.83 -31.64
N HIS A 585 9.75 -4.23 -30.54
CA HIS A 585 9.14 -4.47 -29.24
C HIS A 585 7.77 -3.79 -29.27
N PRO A 586 6.69 -4.56 -29.29
CA PRO A 586 5.35 -3.98 -29.49
C PRO A 586 4.98 -2.92 -28.45
N VAL A 587 5.64 -2.92 -27.30
CA VAL A 587 5.35 -1.99 -26.22
C VAL A 587 6.25 -0.77 -26.31
N VAL A 588 7.55 -1.02 -26.29
CA VAL A 588 8.57 0.03 -26.16
C VAL A 588 8.58 0.95 -27.38
N GLU A 589 7.86 0.56 -28.43
CA GLU A 589 7.69 1.38 -29.62
C GLU A 589 6.48 2.30 -29.51
N GLN A 590 6.10 2.66 -28.29
CA GLN A 590 4.94 3.50 -28.04
C GLN A 590 5.27 4.45 -26.90
N VAL A 591 5.83 3.91 -25.83
CA VAL A 591 6.37 4.72 -24.75
C VAL A 591 7.52 5.62 -25.23
N LEU A 592 8.22 5.18 -26.28
CA LEU A 592 9.29 5.98 -26.88
C LEU A 592 8.72 7.08 -27.77
N ASN A 593 9.22 8.29 -27.62
CA ASN A 593 8.83 9.42 -28.48
C ASN A 593 9.88 9.67 -29.59
N GLU A 594 10.61 8.61 -29.94
CA GLU A 594 11.49 8.57 -31.12
C GLU A 594 11.24 7.25 -31.88
N PRO A 595 11.47 7.24 -33.20
CA PRO A 595 11.19 6.03 -33.99
C PRO A 595 11.93 4.78 -33.47
N PHE A 596 11.25 3.64 -33.49
CA PHE A 596 11.86 2.42 -32.98
C PHE A 596 12.64 1.71 -34.06
N ILE A 597 13.93 1.50 -33.79
CA ILE A 597 14.84 0.91 -34.77
C ILE A 597 14.47 -0.56 -34.83
N ALA A 598 13.81 -0.94 -35.92
CA ALA A 598 13.34 -2.31 -36.11
C ALA A 598 14.54 -3.23 -36.40
N ASN A 599 14.39 -4.53 -36.10
CA ASN A 599 15.52 -5.46 -36.17
C ASN A 599 15.18 -6.88 -36.61
N PRO A 600 16.14 -7.57 -37.23
CA PRO A 600 15.89 -8.89 -37.79
C PRO A 600 16.28 -10.00 -36.83
N LEU A 601 16.05 -11.23 -37.25
CA LEU A 601 16.38 -12.40 -36.46
C LEU A 601 16.17 -13.65 -37.30
N ASN A 602 17.19 -14.50 -37.36
CA ASN A 602 17.06 -15.78 -38.04
C ASN A 602 17.55 -16.89 -37.11
N LEU A 603 16.60 -17.54 -36.42
CA LEU A 603 16.86 -18.71 -35.58
C LEU A 603 16.40 -20.00 -36.30
N SER A 604 17.29 -20.98 -36.35
CA SER A 604 17.02 -22.26 -37.01
C SER A 604 17.75 -23.38 -36.26
N PRO A 605 17.51 -24.64 -36.62
CA PRO A 605 18.22 -25.76 -35.98
C PRO A 605 19.72 -25.73 -36.23
N GLN A 606 20.15 -25.06 -37.30
CA GLN A 606 21.58 -24.87 -37.57
C GLN A 606 22.16 -23.53 -37.05
N ARG A 607 21.29 -22.63 -36.57
CA ARG A 607 21.69 -21.30 -36.14
C ARG A 607 20.80 -20.95 -34.98
N ARG A 608 20.99 -21.69 -33.90
CA ARG A 608 20.00 -21.83 -32.82
C ARG A 608 20.41 -21.19 -31.50
N MET A 609 21.68 -20.80 -31.39
CA MET A 609 22.13 -19.92 -30.29
C MET A 609 22.85 -18.71 -30.83
N LEU A 610 22.43 -17.55 -30.35
CA LEU A 610 23.12 -16.29 -30.61
C LEU A 610 23.67 -15.78 -29.30
N ILE A 611 25.00 -15.83 -29.17
CA ILE A 611 25.70 -15.00 -28.19
C ILE A 611 25.47 -13.55 -28.65
N ILE A 612 24.87 -12.74 -27.78
CA ILE A 612 24.57 -11.34 -28.10
C ILE A 612 25.46 -10.41 -27.28
N THR A 613 26.45 -9.79 -27.92
CA THR A 613 27.25 -8.76 -27.25
C THR A 613 26.71 -7.39 -27.62
N GLY A 614 27.23 -6.38 -26.93
CA GLY A 614 26.81 -5.00 -27.10
C GLY A 614 27.05 -4.20 -25.83
N PRO A 615 27.24 -2.89 -25.95
CA PRO A 615 27.45 -2.07 -24.75
C PRO A 615 26.23 -2.09 -23.82
N ASN A 616 26.44 -1.63 -22.60
CA ASN A 616 25.36 -1.40 -21.66
C ASN A 616 24.45 -0.31 -22.21
N MET A 617 23.13 -0.54 -22.15
CA MET A 617 22.13 0.34 -22.77
C MET A 617 22.14 0.29 -24.32
N GLY A 618 22.69 -0.79 -24.89
CA GLY A 618 22.84 -0.94 -26.33
C GLY A 618 21.58 -1.43 -27.03
N GLY A 619 20.80 -2.24 -26.33
CA GLY A 619 19.53 -2.76 -26.83
C GLY A 619 19.40 -4.29 -26.84
N LYS A 620 20.15 -4.93 -25.96
CA LYS A 620 20.25 -6.38 -25.92
C LYS A 620 19.05 -7.01 -25.27
N SER A 621 18.72 -6.56 -24.07
CA SER A 621 17.60 -7.11 -23.35
C SER A 621 16.33 -6.91 -24.13
N THR A 622 16.21 -5.75 -24.78
CA THR A 622 15.01 -5.37 -25.53
C THR A 622 14.85 -6.24 -26.76
N TYR A 623 15.98 -6.62 -27.33
CA TYR A 623 16.01 -7.50 -28.50
C TYR A 623 15.50 -8.91 -28.18
N MET A 624 15.79 -9.38 -26.96
CA MET A 624 15.34 -10.69 -26.55
C MET A 624 13.88 -10.60 -26.13
N ARG A 625 13.53 -9.53 -25.43
CA ARG A 625 12.15 -9.35 -24.93
C ARG A 625 11.15 -9.36 -26.12
N GLN A 626 11.50 -8.67 -27.19
CA GLN A 626 10.61 -8.56 -28.33
C GLN A 626 10.49 -9.88 -29.07
N THR A 627 11.54 -10.70 -28.97
CA THR A 627 11.56 -11.97 -29.68
C THR A 627 10.54 -12.89 -29.07
N ALA A 628 10.39 -12.80 -27.76
CA ALA A 628 9.46 -13.61 -27.01
C ALA A 628 8.04 -13.09 -27.05
N LEU A 629 7.89 -11.78 -27.27
CA LEU A 629 6.58 -11.15 -27.38
C LEU A 629 6.03 -11.35 -28.78
N ILE A 630 6.92 -11.50 -29.76
CA ILE A 630 6.49 -11.79 -31.12
C ILE A 630 6.09 -13.27 -31.18
N ALA A 631 6.88 -14.13 -30.56
CA ALA A 631 6.50 -15.52 -30.39
C ALA A 631 5.20 -15.63 -29.57
N LEU A 632 5.04 -14.77 -28.56
CA LEU A 632 3.87 -14.80 -27.69
C LEU A 632 2.61 -14.40 -28.45
N MET A 633 2.70 -13.35 -29.24
CA MET A 633 1.53 -12.82 -29.96
C MET A 633 1.13 -13.79 -31.07
N ALA A 634 2.12 -14.18 -31.87
CA ALA A 634 1.94 -15.24 -32.84
C ALA A 634 1.09 -16.38 -32.32
N TYR A 635 1.36 -16.82 -31.08
CA TYR A 635 0.67 -17.99 -30.50
C TYR A 635 -0.61 -17.67 -29.71
N ILE A 636 -1.21 -16.51 -29.94
CA ILE A 636 -2.58 -16.22 -29.52
C ILE A 636 -3.47 -15.94 -30.73
N GLY A 637 -2.92 -16.13 -31.93
CA GLY A 637 -3.62 -15.81 -33.17
C GLY A 637 -3.54 -14.37 -33.64
N SER A 638 -2.89 -13.50 -32.88
CA SER A 638 -2.88 -12.08 -33.18
C SER A 638 -1.91 -11.82 -34.31
N TYR A 639 -2.04 -10.66 -34.96
CA TYR A 639 -0.99 -10.22 -35.89
C TYR A 639 0.16 -9.72 -35.04
N VAL A 640 1.32 -9.54 -35.67
CA VAL A 640 2.58 -9.42 -34.96
C VAL A 640 3.35 -8.15 -35.38
N PRO A 641 4.09 -7.55 -34.45
CA PRO A 641 4.79 -6.26 -34.69
C PRO A 641 6.09 -6.38 -35.50
N ALA A 642 5.95 -6.55 -36.82
CA ALA A 642 7.07 -6.72 -37.76
C ALA A 642 6.56 -6.77 -39.21
N GLN A 643 7.48 -6.91 -40.16
CA GLN A 643 7.16 -7.01 -41.59
C GLN A 643 6.89 -8.44 -42.10
N LYS A 644 7.52 -9.44 -41.49
CA LYS A 644 7.32 -10.85 -41.83
C LYS A 644 7.82 -11.73 -40.69
N VAL A 645 7.06 -12.77 -40.34
CA VAL A 645 7.48 -13.70 -39.29
C VAL A 645 7.12 -15.15 -39.63
N GLU A 646 8.12 -16.02 -39.57
CA GLU A 646 7.93 -17.46 -39.69
C GLU A 646 8.42 -18.07 -38.39
N ILE A 647 7.55 -18.83 -37.74
CA ILE A 647 7.84 -19.33 -36.40
C ILE A 647 7.49 -20.80 -36.27
N GLY A 648 8.38 -21.57 -35.66
CA GLY A 648 8.16 -22.98 -35.44
C GLY A 648 7.39 -23.23 -34.16
N PRO A 649 7.19 -24.52 -33.85
CA PRO A 649 6.58 -24.92 -32.57
C PRO A 649 7.46 -24.49 -31.41
N ILE A 650 6.82 -24.17 -30.30
CA ILE A 650 7.53 -23.66 -29.14
C ILE A 650 6.80 -24.17 -27.94
N ASP A 651 7.45 -25.02 -27.15
CA ASP A 651 6.76 -25.68 -26.04
C ASP A 651 6.78 -24.89 -24.73
N ARG A 652 7.88 -24.18 -24.50
CA ARG A 652 8.11 -23.58 -23.20
C ARG A 652 9.06 -22.40 -23.46
N ILE A 653 8.94 -21.34 -22.67
CA ILE A 653 9.87 -20.20 -22.74
C ILE A 653 10.52 -19.99 -21.40
N PHE A 654 11.85 -19.97 -21.37
CA PHE A 654 12.62 -19.72 -20.14
C PHE A 654 13.33 -18.36 -20.14
N THR A 655 13.43 -17.75 -18.98
CA THR A 655 14.14 -16.48 -18.84
C THR A 655 15.00 -16.53 -17.57
N ARG A 656 16.25 -16.10 -17.69
CA ARG A 656 17.15 -15.85 -16.56
C ARG A 656 17.69 -14.41 -16.71
N VAL A 657 17.61 -13.62 -15.65
CA VAL A 657 18.10 -12.24 -15.74
C VAL A 657 19.02 -11.94 -14.56
N GLY A 658 20.27 -11.62 -14.85
CA GLY A 658 21.27 -11.29 -13.84
C GLY A 658 20.93 -10.05 -13.03
N PHE A 670 21.98 -15.82 -6.84
CA PHE A 670 23.16 -16.35 -6.16
C PHE A 670 23.03 -17.87 -6.11
N MET A 671 22.56 -18.41 -5.00
CA MET A 671 22.00 -19.77 -4.96
C MET A 671 20.70 -19.81 -5.76
N VAL A 672 20.07 -18.65 -5.97
CA VAL A 672 18.84 -18.58 -6.75
C VAL A 672 19.13 -18.62 -8.25
N GLU A 673 20.10 -17.85 -8.74
CA GLU A 673 20.42 -17.95 -10.17
C GLU A 673 20.79 -19.39 -10.55
N MET A 674 21.60 -20.04 -9.71
CA MET A 674 22.06 -21.38 -10.00
C MET A 674 20.88 -22.33 -10.18
N THR A 675 19.89 -22.22 -9.30
CA THR A 675 18.76 -23.11 -9.34
C THR A 675 17.91 -22.83 -10.57
N GLU A 676 17.45 -21.60 -10.71
CA GLU A 676 16.76 -21.15 -11.92
C GLU A 676 17.42 -21.70 -13.20
N THR A 677 18.75 -21.65 -13.27
CA THR A 677 19.52 -22.09 -14.44
C THR A 677 19.46 -23.62 -14.62
N ALA A 678 19.55 -24.34 -13.52
CA ALA A 678 19.42 -25.78 -13.50
C ALA A 678 18.06 -26.24 -13.99
N ASN A 679 17.02 -25.45 -13.70
CA ASN A 679 15.67 -25.77 -14.15
C ASN A 679 15.61 -25.66 -15.66
N ILE A 680 16.28 -24.63 -16.18
CA ILE A 680 16.33 -24.43 -17.63
C ILE A 680 17.08 -25.58 -18.27
N LEU A 681 18.10 -26.10 -17.59
CA LEU A 681 18.92 -27.17 -18.17
C LEU A 681 18.21 -28.52 -18.15
N HIS A 682 17.26 -28.67 -17.22
CA HIS A 682 16.54 -29.92 -17.03
C HIS A 682 15.24 -30.00 -17.82
N ASN A 683 14.58 -28.87 -18.06
CA ASN A 683 13.27 -28.91 -18.72
C ASN A 683 13.28 -28.33 -20.14
N ALA A 684 14.38 -27.71 -20.55
CA ALA A 684 14.47 -27.19 -21.91
C ALA A 684 14.61 -28.35 -22.88
N THR A 685 13.96 -28.18 -24.04
CA THR A 685 14.01 -29.12 -25.14
C THR A 685 14.33 -28.37 -26.45
N GLU A 686 14.40 -29.10 -27.56
CA GLU A 686 14.65 -28.53 -28.88
C GLU A 686 13.62 -27.46 -29.28
N TYR A 687 12.40 -27.58 -28.74
CA TYR A 687 11.26 -26.72 -29.10
C TYR A 687 11.09 -25.52 -28.16
N SER A 688 11.91 -25.43 -27.11
CA SER A 688 11.87 -24.29 -26.20
C SER A 688 12.68 -23.09 -26.70
N LEU A 689 12.20 -21.89 -26.40
CA LEU A 689 12.95 -20.64 -26.60
C LEU A 689 13.55 -20.20 -25.26
N VAL A 690 14.88 -20.14 -25.18
CA VAL A 690 15.58 -19.80 -23.95
C VAL A 690 16.31 -18.46 -24.03
N LEU A 691 16.04 -17.58 -23.07
CA LEU A 691 16.74 -16.29 -22.97
C LEU A 691 17.56 -16.24 -21.68
N MET A 692 18.86 -16.52 -21.80
CA MET A 692 19.81 -16.22 -20.71
C MET A 692 20.24 -14.80 -20.91
N ASP A 693 20.06 -13.96 -19.90
CA ASP A 693 20.40 -12.55 -20.01
C ASP A 693 21.51 -12.15 -19.02
N GLU A 694 22.75 -12.31 -19.48
CA GLU A 694 23.96 -11.94 -18.74
C GLU A 694 24.08 -12.79 -17.49
N ILE A 695 23.94 -14.10 -17.65
CA ILE A 695 24.13 -15.00 -16.49
C ILE A 695 25.61 -15.23 -16.29
N GLY A 696 25.93 -15.90 -15.17
CA GLY A 696 27.28 -16.33 -14.86
C GLY A 696 27.84 -15.47 -13.75
N ARG A 697 27.56 -15.86 -12.52
CA ARG A 697 28.08 -15.16 -11.35
C ARG A 697 28.96 -16.10 -10.54
N GLY A 698 30.16 -15.64 -10.22
CA GLY A 698 31.11 -16.38 -9.41
C GLY A 698 31.69 -15.53 -8.31
N THR A 699 32.57 -16.12 -7.51
CA THR A 699 33.24 -15.42 -6.42
C THR A 699 34.63 -15.00 -6.83
N SER A 700 35.04 -15.40 -8.02
CA SER A 700 36.30 -14.97 -8.57
C SER A 700 36.05 -14.57 -10.02
N THR A 701 37.15 -14.34 -10.74
CA THR A 701 37.09 -13.77 -12.09
C THR A 701 36.39 -14.66 -13.06
N TYR A 702 36.87 -15.90 -13.14
CA TYR A 702 36.50 -16.81 -14.21
C TYR A 702 35.59 -17.93 -13.73
N ASP A 703 35.34 -17.95 -12.44
CA ASP A 703 34.25 -18.68 -11.82
C ASP A 703 32.98 -18.71 -12.66
N GLY A 704 32.31 -17.58 -12.76
CA GLY A 704 30.96 -17.51 -13.28
C GLY A 704 30.93 -17.61 -14.79
N LEU A 705 31.96 -17.09 -15.44
CA LEU A 705 32.09 -17.15 -16.88
C LEU A 705 32.15 -18.63 -17.30
N SER A 706 32.93 -19.39 -16.56
CA SER A 706 33.05 -20.84 -16.72
C SER A 706 31.70 -21.56 -16.70
N LEU A 707 30.84 -21.19 -15.77
CA LEU A 707 29.52 -21.79 -15.69
C LEU A 707 28.65 -21.41 -16.86
N ALA A 708 28.75 -20.15 -17.27
CA ALA A 708 27.97 -19.66 -18.41
C ALA A 708 28.42 -20.36 -19.64
N TRP A 709 29.71 -20.62 -19.71
CA TRP A 709 30.29 -21.32 -20.83
C TRP A 709 29.72 -22.74 -20.93
N ALA A 710 29.84 -23.48 -19.82
CA ALA A 710 29.39 -24.85 -19.74
C ALA A 710 27.88 -24.94 -19.95
N CYS A 711 27.16 -23.93 -19.47
CA CYS A 711 25.73 -23.84 -19.66
C CYS A 711 25.39 -23.58 -21.12
N ALA A 712 26.20 -22.75 -21.77
CA ALA A 712 25.91 -22.36 -23.13
C ALA A 712 26.18 -23.57 -24.00
N GLU A 713 27.29 -24.21 -23.71
CA GLU A 713 27.71 -25.46 -24.35
C GLU A 713 26.61 -26.50 -24.27
N ASN A 714 26.16 -26.78 -23.05
CA ASN A 714 25.15 -27.80 -22.80
C ASN A 714 23.86 -27.49 -23.54
N LEU A 715 23.51 -26.20 -23.62
CA LEU A 715 22.26 -25.77 -24.23
C LEU A 715 22.37 -25.91 -25.73
N ALA A 716 23.55 -25.67 -26.28
CA ALA A 716 23.76 -25.74 -27.72
C ALA A 716 23.90 -27.17 -28.21
N ASN A 717 24.69 -27.99 -27.52
CA ASN A 717 25.12 -29.28 -28.04
C ASN A 717 24.25 -30.47 -27.59
N LYS A 718 23.75 -30.44 -26.35
CA LYS A 718 22.85 -31.47 -25.83
C LYS A 718 21.36 -31.13 -25.91
N ILE A 719 20.97 -29.94 -25.48
CA ILE A 719 19.56 -29.59 -25.41
C ILE A 719 19.05 -29.22 -26.78
N LYS A 720 19.82 -28.42 -27.47
CA LYS A 720 19.49 -27.87 -28.79
C LYS A 720 18.21 -27.04 -28.79
N ALA A 721 18.02 -26.25 -27.75
CA ALA A 721 16.93 -25.29 -27.70
C ALA A 721 17.29 -24.09 -28.55
N LEU A 722 16.32 -23.24 -28.84
CA LEU A 722 16.58 -21.95 -29.45
C LEU A 722 17.01 -21.02 -28.32
N THR A 723 18.01 -20.20 -28.54
CA THR A 723 18.61 -19.47 -27.42
C THR A 723 19.15 -18.07 -27.78
N LEU A 724 18.77 -17.07 -26.98
CA LEU A 724 19.34 -15.75 -27.08
C LEU A 724 20.12 -15.53 -25.79
N PHE A 725 21.46 -15.50 -25.91
CA PHE A 725 22.37 -15.44 -24.78
C PHE A 725 23.13 -14.10 -24.69
N ALA A 726 22.49 -13.04 -24.19
CA ALA A 726 23.17 -11.76 -23.99
C ALA A 726 24.34 -11.91 -23.01
N THR A 727 25.45 -11.19 -23.24
CA THR A 727 26.66 -11.33 -22.39
C THR A 727 27.63 -10.16 -22.33
N HIS A 728 28.17 -9.98 -21.14
CA HIS A 728 29.26 -9.04 -20.90
C HIS A 728 30.62 -9.69 -21.19
N TYR A 729 30.78 -10.95 -20.82
CA TYR A 729 31.97 -11.73 -21.13
C TYR A 729 32.31 -11.79 -22.62
N PHE A 730 33.44 -11.23 -23.00
CA PHE A 730 33.89 -11.35 -24.37
C PHE A 730 34.40 -12.76 -24.67
N GLU A 731 34.68 -13.49 -23.60
CA GLU A 731 35.20 -14.84 -23.70
C GLU A 731 34.20 -15.78 -24.40
N LEU A 732 32.91 -15.45 -24.28
CA LEU A 732 31.84 -16.20 -24.87
C LEU A 732 31.62 -15.95 -26.37
N THR A 733 32.23 -14.90 -26.91
CA THR A 733 32.19 -14.69 -28.37
C THR A 733 33.07 -15.71 -29.10
N GLN A 734 33.94 -16.40 -28.37
CA GLN A 734 34.71 -17.51 -28.94
C GLN A 734 33.86 -18.80 -29.07
N LEU A 735 32.64 -18.78 -28.55
CA LEU A 735 31.80 -19.98 -28.55
C LEU A 735 31.44 -20.48 -29.94
N PRO A 736 30.98 -19.65 -30.85
CA PRO A 736 30.73 -20.09 -32.24
C PRO A 736 31.90 -20.86 -32.84
N GLU A 737 33.12 -20.37 -32.67
CA GLU A 737 34.32 -21.06 -33.13
C GLU A 737 34.31 -22.57 -32.85
N LYS A 738 33.93 -22.91 -31.61
CA LYS A 738 34.12 -24.24 -31.04
C LYS A 738 32.86 -25.09 -31.08
N MET A 739 31.74 -24.48 -30.70
CA MET A 739 30.41 -25.08 -30.65
C MET A 739 29.75 -25.14 -32.02
N GLU A 740 29.06 -26.24 -32.32
CA GLU A 740 28.19 -26.27 -33.49
C GLU A 740 26.88 -25.57 -33.16
N GLY A 741 26.27 -24.91 -34.14
CA GLY A 741 25.00 -24.25 -33.92
C GLY A 741 25.04 -22.92 -33.19
N VAL A 742 26.23 -22.43 -32.89
CA VAL A 742 26.38 -21.17 -32.16
C VAL A 742 26.97 -20.07 -33.03
N ALA A 743 26.43 -18.86 -32.88
CA ALA A 743 26.81 -17.68 -33.67
C ALA A 743 26.77 -16.40 -32.86
N ASN A 744 27.64 -15.46 -33.27
CA ASN A 744 27.75 -14.15 -32.64
C ASN A 744 26.97 -13.09 -33.38
N VAL A 745 26.14 -12.36 -32.65
CA VAL A 745 25.52 -11.12 -33.10
C VAL A 745 25.91 -10.04 -32.09
N HIS A 746 25.64 -8.78 -32.44
CA HIS A 746 26.01 -7.65 -31.59
C HIS A 746 25.12 -6.42 -31.85
N LEU A 747 24.89 -5.62 -30.83
CA LEU A 747 24.19 -4.35 -31.02
C LEU A 747 25.19 -3.20 -31.19
N ASP A 748 25.01 -2.48 -32.29
CA ASP A 748 26.06 -1.63 -32.83
C ASP A 748 26.26 -0.41 -31.93
N ALA A 749 27.51 0.05 -31.93
CA ALA A 749 27.88 1.21 -31.15
C ALA A 749 28.92 2.03 -31.90
N LEU A 750 28.89 3.34 -31.72
CA LEU A 750 29.83 4.20 -32.41
C LEU A 750 30.58 5.08 -31.41
N GLU A 751 31.72 4.57 -30.95
CA GLU A 751 32.63 5.36 -30.11
C GLU A 751 33.10 6.55 -30.94
N HIS A 752 33.31 6.28 -32.23
CA HIS A 752 33.48 7.28 -33.27
C HIS A 752 33.24 8.71 -32.74
N GLY A 753 34.32 9.50 -32.71
CA GLY A 753 34.39 10.70 -31.90
C GLY A 753 34.79 10.33 -30.48
N ASP A 754 34.40 11.16 -29.52
CA ASP A 754 34.66 10.90 -28.10
C ASP A 754 33.44 10.25 -27.41
N THR A 755 32.25 10.44 -27.98
CA THR A 755 30.98 10.09 -27.33
C THR A 755 30.58 8.62 -27.53
N ILE A 756 29.28 8.34 -27.39
CA ILE A 756 28.73 6.98 -27.38
C ILE A 756 27.97 6.64 -28.66
N ALA A 757 26.68 6.97 -28.70
CA ALA A 757 25.77 6.59 -29.78
C ALA A 757 25.37 5.13 -29.68
N PHE A 758 24.10 4.92 -29.33
CA PHE A 758 23.49 3.60 -29.36
C PHE A 758 22.59 3.52 -30.61
N MET A 759 23.04 2.73 -31.58
CA MET A 759 22.35 2.64 -32.86
C MET A 759 21.17 1.66 -32.78
N HIS A 760 21.12 0.87 -31.71
CA HIS A 760 20.00 -0.03 -31.44
C HIS A 760 19.72 -1.01 -32.60
N SER A 761 20.77 -1.46 -33.27
CA SER A 761 20.61 -2.27 -34.50
C SER A 761 21.44 -3.54 -34.45
N VAL A 762 20.77 -4.68 -34.56
CA VAL A 762 21.43 -5.97 -34.44
C VAL A 762 22.23 -6.25 -35.72
N GLN A 763 23.40 -6.83 -35.51
CA GLN A 763 24.33 -7.05 -36.60
C GLN A 763 24.99 -8.40 -36.40
N ASP A 764 25.52 -8.94 -37.48
CA ASP A 764 26.17 -10.24 -37.42
C ASP A 764 27.60 -10.09 -36.89
N GLY A 765 28.14 -11.19 -36.39
CA GLY A 765 29.51 -11.28 -35.89
C GLY A 765 29.69 -10.81 -34.46
N ALA A 766 30.89 -11.04 -33.92
CA ALA A 766 31.25 -10.46 -32.62
C ALA A 766 31.34 -8.94 -32.71
N ALA A 767 31.14 -8.28 -31.57
CA ALA A 767 31.30 -6.83 -31.52
C ALA A 767 32.77 -6.43 -31.69
N SER A 768 32.99 -5.20 -32.15
CA SER A 768 34.34 -4.64 -32.31
C SER A 768 35.12 -4.71 -31.01
N LYS A 769 34.45 -4.33 -29.93
CA LYS A 769 35.07 -4.30 -28.61
C LYS A 769 34.01 -4.19 -27.51
N SER A 770 34.44 -4.39 -26.27
CA SER A 770 33.62 -4.01 -25.13
C SER A 770 33.82 -2.51 -24.92
N TYR A 771 32.82 -1.86 -24.34
CA TYR A 771 32.82 -0.40 -24.15
C TYR A 771 32.83 0.03 -22.65
N GLY A 772 33.06 -0.92 -21.75
CA GLY A 772 33.14 -0.66 -20.32
C GLY A 772 33.75 0.68 -19.93
N LEU A 773 34.93 0.98 -20.45
CA LEU A 773 35.64 2.21 -20.09
C LEU A 773 34.91 3.45 -20.55
N ALA A 774 34.39 3.42 -21.78
CA ALA A 774 33.61 4.52 -22.35
C ALA A 774 32.35 4.83 -21.54
N VAL A 775 31.69 3.78 -21.05
CA VAL A 775 30.46 3.89 -20.26
C VAL A 775 30.78 4.41 -18.85
N ALA A 776 31.87 3.92 -18.27
CA ALA A 776 32.42 4.49 -17.04
C ALA A 776 32.81 5.96 -17.19
N ALA A 777 33.27 6.35 -18.37
CA ALA A 777 33.67 7.74 -18.61
C ALA A 777 32.42 8.62 -18.72
N LEU A 778 31.35 8.04 -19.26
CA LEU A 778 30.08 8.74 -19.45
C LEU A 778 29.40 8.97 -18.11
N ALA A 779 29.71 8.11 -17.15
CA ALA A 779 29.16 8.21 -15.80
C ALA A 779 29.84 9.33 -15.03
N GLY A 780 31.03 9.74 -15.46
CA GLY A 780 31.77 10.82 -14.84
C GLY A 780 32.98 10.39 -14.04
N VAL A 781 33.45 9.16 -14.27
CA VAL A 781 34.64 8.65 -13.62
C VAL A 781 35.78 9.52 -14.10
N PRO A 782 36.58 10.07 -13.18
CA PRO A 782 37.58 11.08 -13.52
C PRO A 782 38.52 10.63 -14.63
N LYS A 783 38.94 11.55 -15.49
CA LYS A 783 39.70 11.24 -16.69
C LYS A 783 41.01 10.52 -16.36
N GLU A 784 41.78 11.07 -15.43
CA GLU A 784 43.05 10.43 -15.03
C GLU A 784 42.93 8.92 -14.78
N VAL A 785 41.77 8.50 -14.26
CA VAL A 785 41.46 7.10 -13.96
C VAL A 785 41.08 6.27 -15.20
N ILE A 786 40.20 6.82 -16.04
CA ILE A 786 39.89 6.17 -17.31
C ILE A 786 41.16 6.06 -18.17
N LYS A 787 42.02 7.08 -18.14
CA LYS A 787 43.28 7.06 -18.85
C LYS A 787 44.16 5.91 -18.39
N ARG A 788 44.17 5.64 -17.09
CA ARG A 788 45.02 4.59 -16.52
C ARG A 788 44.38 3.22 -16.61
N ALA A 789 43.06 3.17 -16.72
CA ALA A 789 42.36 1.89 -16.93
C ALA A 789 42.67 1.40 -18.34
N ARG A 790 42.85 2.35 -19.24
CA ARG A 790 43.17 2.06 -20.63
C ARG A 790 44.62 1.60 -20.75
N GLN A 791 45.50 2.21 -19.98
CA GLN A 791 46.87 1.76 -19.91
C GLN A 791 46.85 0.29 -19.49
N LYS A 792 45.94 -0.06 -18.58
CA LYS A 792 45.83 -1.42 -18.06
C LYS A 792 45.21 -2.35 -19.08
N LEU A 793 44.19 -1.89 -19.78
CA LEU A 793 43.49 -2.69 -20.80
C LEU A 793 44.42 -3.16 -21.90
N ARG A 794 45.28 -2.28 -22.42
CA ARG A 794 46.27 -2.65 -23.43
C ARG A 794 47.26 -3.69 -22.87
N GLU A 795 47.52 -3.64 -21.57
CA GLU A 795 48.26 -4.69 -20.85
C GLU A 795 47.59 -6.05 -21.10
N LEU A 796 46.32 -6.12 -20.74
CA LEU A 796 45.59 -7.36 -20.72
C LEU A 796 45.31 -7.86 -22.13
N GLU A 797 45.22 -6.94 -23.07
CA GLU A 797 44.89 -7.28 -24.44
C GLU A 797 46.05 -7.99 -25.13
N SER A 798 47.26 -7.71 -24.64
CA SER A 798 48.48 -8.27 -25.22
C SER A 798 48.71 -9.78 -24.95
N ILE A 799 47.96 -10.39 -24.04
CA ILE A 799 48.19 -11.81 -23.69
C ILE A 799 48.01 -12.70 -24.93
N SER A 800 46.78 -12.71 -25.46
CA SER A 800 46.51 -13.31 -26.77
C SER A 800 46.84 -12.27 -27.86
N MET B 14 -24.94 24.63 -5.21
CA MET B 14 -23.61 24.00 -5.45
C MET B 14 -22.78 24.78 -6.46
N GLN B 15 -23.19 26.02 -6.75
CA GLN B 15 -22.48 26.89 -7.69
C GLN B 15 -21.47 27.80 -6.93
N GLN B 16 -21.56 27.83 -5.60
CA GLN B 16 -20.76 28.72 -4.78
C GLN B 16 -19.37 28.13 -4.48
N TYR B 17 -19.19 26.84 -4.78
CA TYR B 17 -17.89 26.18 -4.65
C TYR B 17 -16.88 26.70 -5.67
N LEU B 18 -17.30 26.77 -6.94
CA LEU B 18 -16.39 27.09 -8.04
C LEU B 18 -15.76 28.47 -7.89
N ARG B 19 -16.61 29.49 -7.66
CA ARG B 19 -16.17 30.89 -7.60
C ARG B 19 -15.19 31.15 -6.44
N LEU B 20 -15.23 30.28 -5.43
CA LEU B 20 -14.39 30.37 -4.24
C LEU B 20 -13.26 29.32 -4.22
N LYS B 21 -13.11 28.56 -5.30
CA LYS B 21 -11.91 27.76 -5.54
C LYS B 21 -10.80 28.70 -6.01
N ALA B 22 -11.18 29.75 -6.76
CA ALA B 22 -10.28 30.83 -7.15
C ALA B 22 -9.36 31.26 -6.01
N GLN B 23 -9.94 31.43 -4.81
CA GLN B 23 -9.20 31.86 -3.61
C GLN B 23 -7.87 31.11 -3.36
N HIS B 24 -7.90 29.78 -3.51
CA HIS B 24 -6.70 28.94 -3.43
C HIS B 24 -6.70 27.84 -4.51
N PRO B 25 -5.96 28.05 -5.62
CA PRO B 25 -5.98 27.13 -6.78
C PRO B 25 -5.15 25.83 -6.63
N GLU B 26 -3.93 25.95 -6.10
CA GLU B 26 -2.96 24.85 -6.00
C GLU B 26 -3.17 23.96 -4.74
N ILE B 27 -4.38 23.96 -4.17
CA ILE B 27 -4.67 23.26 -2.92
C ILE B 27 -6.01 22.51 -3.01
N LEU B 28 -6.05 21.31 -2.44
CA LEU B 28 -7.29 20.52 -2.41
C LEU B 28 -8.35 21.25 -1.60
N LEU B 29 -9.56 21.35 -2.13
CA LEU B 29 -10.62 22.11 -1.46
C LEU B 29 -11.73 21.20 -0.95
N PHE B 30 -11.68 20.89 0.34
CA PHE B 30 -12.77 20.23 1.05
C PHE B 30 -13.91 21.23 1.23
N TYR B 31 -15.13 20.80 0.86
CA TYR B 31 -16.32 21.67 0.87
C TYR B 31 -17.43 20.95 1.62
N ARG B 32 -18.14 21.66 2.49
CA ARG B 32 -19.15 21.03 3.35
C ARG B 32 -20.46 20.85 2.60
N MET B 33 -20.97 19.62 2.60
CA MET B 33 -22.32 19.31 2.15
C MET B 33 -22.95 18.33 3.13
N GLY B 34 -23.56 18.85 4.20
CA GLY B 34 -24.12 18.03 5.25
C GLY B 34 -23.06 17.52 6.22
N ASP B 35 -22.95 16.20 6.38
CA ASP B 35 -21.98 15.56 7.29
C ASP B 35 -20.74 15.02 6.57
N PHE B 36 -20.54 15.46 5.33
CA PHE B 36 -19.39 15.04 4.53
C PHE B 36 -18.63 16.27 4.00
N TYR B 37 -17.51 16.05 3.33
CA TYR B 37 -16.71 17.14 2.75
C TYR B 37 -16.42 16.84 1.29
N GLU B 38 -17.32 17.23 0.41
CA GLU B 38 -17.22 16.82 -0.99
C GLU B 38 -16.11 17.62 -1.72
N LEU B 39 -15.60 17.04 -2.78
CA LEU B 39 -14.53 17.62 -3.62
C LEU B 39 -14.97 17.51 -5.07
N PHE B 40 -14.64 18.50 -5.89
CA PHE B 40 -15.15 18.55 -7.27
C PHE B 40 -14.03 18.69 -8.31
N TYR B 41 -14.43 18.56 -9.58
CA TYR B 41 -13.59 18.81 -10.75
C TYR B 41 -12.21 18.12 -10.66
N ASP B 42 -11.17 18.74 -11.22
CA ASP B 42 -9.81 18.18 -11.25
C ASP B 42 -9.31 17.65 -9.89
N ASP B 43 -9.85 18.17 -8.78
CA ASP B 43 -9.41 17.81 -7.42
C ASP B 43 -9.95 16.49 -6.87
N ALA B 44 -11.04 15.98 -7.42
CA ALA B 44 -11.61 14.71 -6.97
C ALA B 44 -10.82 13.53 -7.53
N LYS B 45 -10.46 13.59 -8.81
CA LYS B 45 -9.67 12.54 -9.45
C LYS B 45 -8.46 12.20 -8.58
N ARG B 46 -7.69 13.23 -8.22
CA ARG B 46 -6.46 13.09 -7.47
C ARG B 46 -6.70 12.71 -5.99
N ALA B 47 -7.79 13.19 -5.41
CA ALA B 47 -8.09 12.93 -3.99
C ALA B 47 -8.60 11.51 -3.73
N SER B 48 -9.25 10.90 -4.73
CA SER B 48 -9.69 9.52 -4.65
C SER B 48 -8.53 8.59 -4.98
N GLN B 49 -7.60 9.14 -5.77
CA GLN B 49 -6.38 8.47 -6.20
C GLN B 49 -5.29 8.51 -5.11
N LEU B 50 -5.59 9.14 -3.98
CA LEU B 50 -4.68 9.21 -2.85
C LEU B 50 -5.19 8.51 -1.59
N LEU B 51 -6.51 8.53 -1.38
CA LEU B 51 -7.10 8.13 -0.10
C LEU B 51 -7.94 6.86 -0.12
N ASP B 52 -8.03 6.20 -1.28
CA ASP B 52 -8.90 5.03 -1.47
C ASP B 52 -10.37 5.35 -1.19
N ILE B 53 -10.95 6.21 -2.03
CA ILE B 53 -12.40 6.44 -2.08
C ILE B 53 -12.87 6.55 -3.53
N SER B 54 -14.18 6.53 -3.73
CA SER B 54 -14.76 6.46 -5.07
C SER B 54 -15.10 7.85 -5.62
N LEU B 55 -15.04 7.99 -6.94
CA LEU B 55 -15.33 9.25 -7.62
C LEU B 55 -16.62 9.13 -8.45
N THR B 56 -17.57 10.02 -8.20
CA THR B 56 -18.92 9.89 -8.75
C THR B 56 -19.25 10.97 -9.77
N PRO B 67 -18.12 14.94 -10.82
CA PRO B 67 -16.89 14.40 -10.22
C PRO B 67 -16.80 14.64 -8.70
N MET B 68 -17.67 13.97 -7.95
CA MET B 68 -17.77 14.10 -6.49
C MET B 68 -16.68 13.26 -5.79
N ALA B 69 -16.67 13.33 -4.46
CA ALA B 69 -15.84 12.49 -3.58
C ALA B 69 -15.79 13.17 -2.21
N GLY B 70 -16.02 12.41 -1.13
CA GLY B 70 -16.07 13.01 0.20
C GLY B 70 -15.87 12.11 1.41
N ILE B 71 -15.70 12.72 2.58
CA ILE B 71 -15.39 12.01 3.84
C ILE B 71 -16.34 12.42 4.98
N PRO B 72 -16.49 11.57 6.02
CA PRO B 72 -17.36 11.90 7.17
C PRO B 72 -16.70 12.87 8.16
N TYR B 73 -17.51 13.55 8.98
CA TYR B 73 -17.01 14.65 9.84
C TYR B 73 -16.23 14.17 11.08
N HIS B 74 -16.65 13.06 11.69
CA HIS B 74 -15.94 12.52 12.85
C HIS B 74 -14.74 11.66 12.44
N ALA B 75 -14.28 11.83 11.20
CA ALA B 75 -13.03 11.21 10.72
C ALA B 75 -12.29 12.09 9.68
N VAL B 76 -12.57 13.38 9.64
CA VAL B 76 -11.86 14.28 8.72
C VAL B 76 -10.38 14.32 9.06
N GLU B 77 -10.07 14.20 10.35
CA GLU B 77 -8.70 14.37 10.86
C GLU B 77 -7.77 13.19 10.54
N ASN B 78 -8.30 12.14 9.92
CA ASN B 78 -7.48 11.05 9.39
C ASN B 78 -7.33 11.22 7.89
N TYR B 79 -8.45 11.39 7.18
CA TYR B 79 -8.42 11.75 5.76
C TYR B 79 -7.86 13.18 5.56
N LEU B 80 -7.37 13.80 6.64
CA LEU B 80 -6.57 15.01 6.57
C LEU B 80 -5.12 14.65 6.80
N ALA B 81 -4.84 13.97 7.92
CA ALA B 81 -3.47 13.53 8.24
C ALA B 81 -2.85 12.67 7.14
N LYS B 82 -3.70 12.10 6.27
CA LYS B 82 -3.26 11.15 5.26
C LYS B 82 -3.00 11.80 3.92
N LEU B 83 -3.71 12.90 3.63
CA LEU B 83 -3.35 13.75 2.47
C LEU B 83 -2.13 14.58 2.80
N VAL B 84 -2.08 15.01 4.06
CA VAL B 84 -0.97 15.79 4.58
C VAL B 84 0.30 14.95 4.61
N ASN B 85 0.15 13.65 4.82
CA ASN B 85 1.30 12.74 4.76
C ASN B 85 1.93 12.75 3.36
N GLN B 86 1.08 12.87 2.33
CA GLN B 86 1.52 12.82 0.95
C GLN B 86 1.74 14.19 0.30
N GLY B 87 2.07 15.21 1.10
CA GLY B 87 2.44 16.51 0.56
C GLY B 87 1.30 17.29 -0.05
N GLU B 88 0.13 17.19 0.57
CA GLU B 88 -1.04 17.88 0.08
C GLU B 88 -1.49 18.86 1.13
N SER B 89 -1.46 20.14 0.79
CA SER B 89 -2.14 21.14 1.60
C SER B 89 -3.63 20.93 1.33
N VAL B 90 -4.43 21.25 2.33
CA VAL B 90 -5.87 21.05 2.24
C VAL B 90 -6.58 22.34 2.71
N ALA B 91 -7.84 22.49 2.29
CA ALA B 91 -8.59 23.69 2.61
C ALA B 91 -10.02 23.28 2.87
N ILE B 92 -10.47 23.48 4.11
CA ILE B 92 -11.84 23.20 4.50
C ILE B 92 -12.73 24.41 4.16
N CYS B 93 -14.02 24.18 3.97
CA CYS B 93 -14.95 25.22 3.51
C CYS B 93 -16.34 25.01 4.13
N GLU B 94 -16.80 25.97 4.93
CA GLU B 94 -17.99 25.77 5.78
C GLU B 94 -19.16 26.65 5.35
N ARG B 108 -20.59 31.49 2.70
CA ARG B 108 -19.76 30.67 3.58
C ARG B 108 -18.37 30.41 2.95
N LYS B 109 -17.31 30.66 3.74
CA LYS B 109 -15.92 30.78 3.26
C LYS B 109 -14.90 29.75 3.82
N VAL B 110 -13.68 29.79 3.27
CA VAL B 110 -12.59 28.88 3.68
C VAL B 110 -12.12 29.18 5.12
N VAL B 111 -12.39 28.25 6.04
CA VAL B 111 -12.21 28.48 7.48
C VAL B 111 -10.92 27.92 8.04
N ARG B 112 -10.45 26.81 7.46
CA ARG B 112 -9.23 26.16 7.92
C ARG B 112 -8.43 25.64 6.74
N ILE B 113 -7.11 25.77 6.85
CA ILE B 113 -6.18 25.23 5.88
C ILE B 113 -5.09 24.55 6.65
N VAL B 114 -4.64 23.39 6.16
CA VAL B 114 -3.43 22.77 6.68
C VAL B 114 -2.42 22.58 5.56
N THR B 115 -1.16 22.42 5.95
CA THR B 115 -0.09 22.08 5.02
C THR B 115 0.85 21.06 5.67
N PRO B 116 1.44 20.18 4.87
CA PRO B 116 2.30 19.10 5.39
C PRO B 116 3.35 19.58 6.37
N GLY B 117 4.05 20.66 6.01
CA GLY B 117 5.13 21.20 6.81
C GLY B 117 4.78 22.13 7.96
N THR B 118 3.52 22.53 8.10
CA THR B 118 3.14 23.49 9.16
C THR B 118 2.18 22.96 10.23
N ILE B 119 1.83 21.70 10.20
CA ILE B 119 0.94 21.17 11.23
C ILE B 119 1.67 21.03 12.55
N SER B 120 0.89 21.04 13.62
CA SER B 120 1.40 20.86 14.98
C SER B 120 0.39 20.16 15.89
N ASP B 121 -0.60 19.49 15.28
CA ASP B 121 -1.62 18.77 16.05
C ASP B 121 -1.18 17.33 16.19
N GLU B 122 -1.46 16.72 17.34
CA GLU B 122 -0.93 15.39 17.62
C GLU B 122 -1.59 14.31 16.76
N ALA B 123 -2.78 14.62 16.26
CA ALA B 123 -3.50 13.74 15.34
C ALA B 123 -2.85 13.71 13.96
N LEU B 124 -2.32 14.85 13.53
CA LEU B 124 -1.72 14.97 12.18
C LEU B 124 -0.25 14.56 12.09
N LEU B 125 0.44 14.49 13.23
CA LEU B 125 1.85 14.15 13.27
C LEU B 125 2.10 12.70 13.68
N GLN B 126 3.20 12.14 13.21
CA GLN B 126 3.61 10.80 13.61
C GLN B 126 4.47 10.93 14.85
N GLU B 127 4.12 10.15 15.87
CA GLU B 127 4.70 10.25 17.20
C GLU B 127 6.22 10.50 17.20
N ARG B 128 6.98 9.64 16.51
CA ARG B 128 8.45 9.64 16.58
C ARG B 128 9.17 9.97 15.26
N GLN B 129 8.80 11.07 14.61
CA GLN B 129 9.41 11.43 13.33
C GLN B 129 9.33 12.93 13.08
N ASP B 130 10.47 13.55 12.78
CA ASP B 130 10.50 14.99 12.47
C ASP B 130 9.62 15.32 11.26
N ASN B 131 9.06 16.53 11.26
CA ASN B 131 8.23 17.01 10.18
C ASN B 131 8.62 18.43 9.83
N LEU B 132 9.41 18.60 8.78
CA LEU B 132 10.01 19.91 8.50
C LEU B 132 9.37 20.68 7.35
N LEU B 133 9.33 21.98 7.46
CA LEU B 133 9.12 22.84 6.31
C LEU B 133 10.51 23.20 5.83
N ALA B 134 10.75 23.13 4.53
CA ALA B 134 12.00 23.63 3.96
C ALA B 134 11.76 24.68 2.89
N ALA B 135 12.79 25.50 2.66
CA ALA B 135 12.87 26.34 1.47
C ALA B 135 14.24 26.18 0.83
N ILE B 136 14.24 26.11 -0.49
CA ILE B 136 15.47 26.01 -1.30
C ILE B 136 15.44 27.02 -2.43
N TRP B 137 16.60 27.63 -2.68
CA TRP B 137 16.74 28.52 -3.83
C TRP B 137 18.19 28.57 -4.33
N GLN B 138 18.39 29.26 -5.45
CA GLN B 138 19.64 29.15 -6.22
C GLN B 138 20.18 30.47 -6.80
N ASP B 139 21.36 30.87 -6.32
CA ASP B 139 22.19 31.87 -6.96
C ASP B 139 22.96 31.25 -8.13
N SER B 140 23.80 32.05 -8.77
CA SER B 140 24.79 31.53 -9.72
C SER B 140 25.92 30.84 -8.94
N LYS B 141 26.27 31.40 -7.79
CA LYS B 141 27.28 30.81 -6.90
C LYS B 141 26.86 29.40 -6.46
N GLY B 142 25.64 29.28 -5.93
CA GLY B 142 25.14 28.02 -5.41
C GLY B 142 23.78 28.09 -4.70
N PHE B 143 23.57 27.22 -3.71
CA PHE B 143 22.25 27.02 -3.13
C PHE B 143 22.14 27.57 -1.71
N GLY B 144 20.94 28.04 -1.36
CA GLY B 144 20.57 28.35 0.01
C GLY B 144 19.47 27.43 0.50
N TYR B 145 19.56 27.04 1.76
CA TYR B 145 18.63 26.08 2.35
C TYR B 145 18.24 26.47 3.77
N ALA B 146 17.05 26.03 4.15
CA ALA B 146 16.49 26.34 5.46
C ALA B 146 15.44 25.32 5.76
N THR B 147 15.50 24.74 6.96
CA THR B 147 14.45 23.84 7.42
C THR B 147 13.87 24.43 8.67
N LEU B 148 12.57 24.25 8.87
CA LEU B 148 11.90 24.57 10.12
C LEU B 148 11.16 23.33 10.59
N ASP B 149 11.34 22.99 11.84
CA ASP B 149 10.44 22.08 12.52
C ASP B 149 9.50 23.03 13.23
N ILE B 150 8.25 23.12 12.78
CA ILE B 150 7.33 24.10 13.38
C ILE B 150 7.01 23.82 14.84
N SER B 151 7.04 22.55 15.22
CA SER B 151 6.70 22.13 16.57
C SER B 151 7.81 22.52 17.55
N SER B 152 8.97 21.89 17.47
CA SER B 152 10.10 22.26 18.34
C SER B 152 10.55 23.71 18.23
N GLY B 153 10.32 24.33 17.08
CA GLY B 153 10.87 25.63 16.78
C GLY B 153 12.30 25.57 16.27
N ARG B 154 12.79 24.34 16.05
CA ARG B 154 14.16 24.12 15.63
C ARG B 154 14.34 24.64 14.21
N PHE B 155 15.06 25.75 14.08
CA PHE B 155 15.16 26.50 12.82
C PHE B 155 16.60 26.49 12.32
N ARG B 156 16.92 25.68 11.31
CA ARG B 156 18.29 25.62 10.77
C ARG B 156 18.36 26.15 9.33
N LEU B 157 19.55 26.59 8.93
CA LEU B 157 19.82 27.04 7.55
C LEU B 157 21.21 26.58 7.10
N SER B 158 21.34 26.26 5.81
CA SER B 158 22.66 25.94 5.24
C SER B 158 22.89 26.60 3.87
N GLU B 159 24.07 26.38 3.30
CA GLU B 159 24.41 26.93 2.00
C GLU B 159 25.28 25.96 1.20
N PRO B 160 24.68 24.86 0.72
CA PRO B 160 25.40 23.89 -0.12
C PRO B 160 26.13 24.57 -1.27
N ALA B 161 27.35 24.11 -1.56
CA ALA B 161 28.15 24.73 -2.61
C ALA B 161 27.85 24.09 -3.96
N ASP B 162 27.90 22.77 -4.02
CA ASP B 162 27.73 22.04 -5.28
C ASP B 162 26.38 21.32 -5.35
N ARG B 163 26.13 20.70 -6.49
CA ARG B 163 24.90 19.95 -6.71
C ARG B 163 24.65 18.83 -5.69
N GLU B 164 25.62 17.91 -5.55
CA GLU B 164 25.39 16.66 -4.82
C GLU B 164 25.24 16.85 -3.30
N THR B 165 25.77 17.95 -2.77
CA THR B 165 25.64 18.29 -1.35
C THR B 165 24.25 18.87 -1.04
N MET B 166 23.68 19.58 -2.00
CA MET B 166 22.30 20.02 -1.88
C MET B 166 21.41 18.77 -1.90
N ALA B 167 21.82 17.77 -2.68
CA ALA B 167 21.05 16.54 -2.82
C ALA B 167 21.14 15.71 -1.55
N ALA B 168 22.30 15.74 -0.91
CA ALA B 168 22.54 14.99 0.33
C ALA B 168 21.73 15.54 1.49
N GLU B 169 21.41 16.83 1.44
CA GLU B 169 20.65 17.48 2.50
C GLU B 169 19.16 17.21 2.27
N LEU B 170 18.70 17.39 1.04
CA LEU B 170 17.31 17.06 0.72
C LEU B 170 16.99 15.66 1.18
N GLN B 171 17.96 14.75 1.06
CA GLN B 171 17.82 13.39 1.55
C GLN B 171 17.67 13.36 3.07
N ARG B 172 18.68 13.92 3.75
CA ARG B 172 18.81 13.79 5.20
C ARG B 172 17.61 14.36 5.94
N THR B 173 17.24 15.58 5.57
CA THR B 173 16.20 16.34 6.25
C THR B 173 14.79 15.88 5.85
N ASN B 174 14.67 15.40 4.62
CA ASN B 174 13.41 14.92 4.09
C ASN B 174 12.24 15.87 4.30
N PRO B 175 12.29 17.08 3.74
CA PRO B 175 11.26 18.07 4.03
C PRO B 175 9.90 17.54 3.63
N ALA B 176 8.92 17.73 4.50
CA ALA B 176 7.55 17.36 4.21
C ALA B 176 6.90 18.34 3.25
N GLU B 177 7.45 19.55 3.20
CA GLU B 177 7.01 20.59 2.29
C GLU B 177 8.23 21.37 1.83
N LEU B 178 8.34 21.58 0.53
CA LEU B 178 9.49 22.26 -0.05
C LEU B 178 9.02 23.52 -0.74
N LEU B 179 9.48 24.66 -0.26
CA LEU B 179 9.28 25.91 -0.96
C LEU B 179 10.46 26.02 -1.89
N TYR B 180 10.23 26.51 -3.11
CA TYR B 180 11.29 26.74 -4.08
C TYR B 180 10.98 27.94 -4.98
N ALA B 181 11.96 28.82 -5.16
CA ALA B 181 11.82 29.93 -6.11
C ALA B 181 11.41 29.41 -7.49
N GLU B 182 10.58 30.18 -8.19
CA GLU B 182 10.19 29.82 -9.56
C GLU B 182 11.45 29.72 -10.44
N ASP B 183 12.34 30.71 -10.30
CA ASP B 183 13.57 30.81 -11.09
C ASP B 183 14.60 29.72 -10.78
N PHE B 184 14.40 28.96 -9.70
CA PHE B 184 15.21 27.78 -9.40
C PHE B 184 15.47 26.96 -10.66
N ALA B 185 16.74 26.80 -11.00
CA ALA B 185 17.14 26.19 -12.27
C ALA B 185 17.19 24.67 -12.21
N GLU B 186 17.95 24.12 -11.26
CA GLU B 186 18.22 22.67 -11.23
C GLU B 186 17.09 21.90 -10.55
N MET B 187 15.98 21.69 -11.26
CA MET B 187 14.79 21.06 -10.70
C MET B 187 14.89 19.54 -10.59
N SER B 188 15.78 18.94 -11.36
CA SER B 188 16.06 17.51 -11.26
C SER B 188 16.42 17.06 -9.83
N LEU B 189 16.77 18.02 -8.97
CA LEU B 189 17.04 17.76 -7.54
C LEU B 189 15.79 17.48 -6.72
N ILE B 190 14.78 18.32 -6.94
CA ILE B 190 13.53 18.29 -6.18
C ILE B 190 12.32 18.04 -7.09
N GLU B 191 12.54 17.29 -8.17
CA GLU B 191 11.54 17.14 -9.23
C GLU B 191 10.30 16.35 -8.80
N GLY B 192 10.53 15.20 -8.16
CA GLY B 192 9.45 14.31 -7.78
C GLY B 192 9.09 14.34 -6.30
N ARG B 193 9.58 15.35 -5.59
CA ARG B 193 9.35 15.46 -4.15
C ARG B 193 7.89 15.77 -3.86
N ARG B 194 7.38 15.19 -2.77
CA ARG B 194 6.02 15.46 -2.29
C ARG B 194 5.91 16.86 -1.70
N GLY B 195 4.74 17.48 -1.87
CA GLY B 195 4.46 18.77 -1.27
C GLY B 195 5.42 19.88 -1.68
N LEU B 196 5.72 19.98 -2.97
CA LEU B 196 6.46 21.10 -3.53
C LEU B 196 5.56 22.32 -3.57
N ARG B 197 6.15 23.50 -3.50
CA ARG B 197 5.40 24.75 -3.46
C ARG B 197 6.19 25.85 -4.19
N ARG B 198 5.82 26.11 -5.45
CA ARG B 198 6.46 27.17 -6.23
C ARG B 198 6.09 28.52 -5.65
N ARG B 199 7.09 29.36 -5.43
CA ARG B 199 6.89 30.67 -4.81
C ARG B 199 7.59 31.75 -5.63
N PRO B 200 7.06 32.97 -5.59
CA PRO B 200 7.66 34.11 -6.30
C PRO B 200 9.10 34.33 -5.89
N LEU B 201 9.90 34.92 -6.79
CA LEU B 201 11.31 35.18 -6.49
C LEU B 201 11.46 36.22 -5.37
N TRP B 202 10.56 37.21 -5.34
CA TRP B 202 10.65 38.30 -4.37
C TRP B 202 10.52 37.89 -2.90
N GLU B 203 10.12 36.64 -2.64
CA GLU B 203 10.11 36.11 -1.28
C GLU B 203 11.51 35.65 -0.85
N PHE B 204 12.47 35.74 -1.78
CA PHE B 204 13.87 35.43 -1.51
C PHE B 204 14.74 36.69 -1.68
N GLU B 205 14.21 37.85 -1.31
CA GLU B 205 14.98 39.10 -1.33
C GLU B 205 15.73 39.19 -0.02
N ILE B 206 17.01 39.54 -0.07
CA ILE B 206 17.87 39.50 1.12
C ILE B 206 17.41 40.45 2.26
N ASP B 207 17.08 41.69 1.95
CA ASP B 207 16.82 42.68 3.01
C ASP B 207 15.42 42.56 3.63
N THR B 208 14.45 42.07 2.86
CA THR B 208 13.14 41.74 3.41
C THR B 208 13.28 40.57 4.37
N ALA B 209 14.13 39.62 4.01
CA ALA B 209 14.40 38.45 4.84
C ALA B 209 15.11 38.83 6.13
N ARG B 210 16.13 39.65 6.02
CA ARG B 210 16.93 40.06 7.16
C ARG B 210 16.06 40.73 8.21
N GLN B 211 15.27 41.71 7.77
CA GLN B 211 14.38 42.43 8.68
C GLN B 211 13.48 41.43 9.38
N GLN B 212 12.76 40.66 8.59
CA GLN B 212 11.76 39.77 9.14
C GLN B 212 12.38 38.72 10.07
N LEU B 213 13.58 38.25 9.72
CA LEU B 213 14.28 37.32 10.58
C LEU B 213 14.62 38.00 11.91
N ASN B 214 15.09 39.25 11.82
CA ASN B 214 15.45 40.06 12.99
C ASN B 214 14.25 40.45 13.85
N LEU B 215 13.11 40.76 13.24
CA LEU B 215 11.87 41.02 13.98
C LEU B 215 11.38 39.79 14.76
N GLN B 216 11.48 38.62 14.12
CA GLN B 216 11.09 37.37 14.71
C GLN B 216 11.88 37.13 15.99
N PHE B 217 13.21 37.16 15.90
CA PHE B 217 14.05 36.85 17.06
C PHE B 217 14.21 38.05 18.01
N GLY B 218 13.76 39.24 17.59
CA GLY B 218 13.88 40.43 18.39
C GLY B 218 15.28 41.00 18.51
N THR B 219 15.97 41.15 17.37
CA THR B 219 17.35 41.64 17.34
C THR B 219 17.57 42.72 16.29
N ARG B 220 18.74 43.35 16.37
CA ARG B 220 19.17 44.33 15.35
C ARG B 220 19.85 43.59 14.21
N ASP B 221 20.71 42.64 14.59
CA ASP B 221 21.50 41.86 13.63
C ASP B 221 21.51 40.37 14.02
N LEU B 222 21.73 39.51 13.04
CA LEU B 222 21.73 38.06 13.26
C LEU B 222 23.12 37.50 13.56
N VAL B 223 24.01 38.34 14.05
CA VAL B 223 25.40 37.95 14.33
C VAL B 223 25.49 36.94 15.48
N GLY B 224 24.63 37.12 16.49
CA GLY B 224 24.62 36.26 17.66
C GLY B 224 24.20 34.83 17.38
N PHE B 225 23.69 34.61 16.16
CA PHE B 225 23.23 33.33 15.66
C PHE B 225 24.22 32.69 14.66
N GLY B 226 25.32 33.39 14.40
CA GLY B 226 26.36 32.94 13.48
C GLY B 226 26.03 33.00 11.99
N VAL B 227 25.06 33.80 11.59
CA VAL B 227 24.53 33.73 10.22
C VAL B 227 24.48 35.02 9.42
N GLU B 228 24.83 36.16 10.01
CA GLU B 228 24.71 37.44 9.29
C GLU B 228 25.56 37.47 7.99
N ASN B 229 26.68 36.79 7.97
CA ASN B 229 27.52 36.75 6.76
C ASN B 229 27.21 35.59 5.82
N ALA B 230 25.94 35.19 5.76
CA ALA B 230 25.52 34.00 5.01
C ALA B 230 24.19 34.27 4.30
N PRO B 231 24.21 35.12 3.28
CA PRO B 231 22.99 35.71 2.75
C PRO B 231 22.11 34.76 1.95
N ARG B 232 22.71 33.89 1.16
CA ARG B 232 21.95 32.86 0.45
C ARG B 232 21.04 32.14 1.43
N GLY B 233 21.66 31.55 2.45
CA GLY B 233 20.93 30.77 3.43
C GLY B 233 19.82 31.58 4.05
N LEU B 234 20.12 32.84 4.37
CA LEU B 234 19.18 33.73 5.04
C LEU B 234 17.96 34.04 4.17
N CYS B 235 18.09 33.83 2.87
CA CYS B 235 17.00 34.06 1.93
C CYS B 235 16.02 32.91 2.00
N ALA B 236 16.56 31.71 1.87
CA ALA B 236 15.82 30.50 2.14
C ALA B 236 15.04 30.65 3.44
N ALA B 237 15.69 31.21 4.46
CA ALA B 237 15.12 31.28 5.80
C ALA B 237 14.04 32.34 5.90
N GLY B 238 14.22 33.43 5.15
CA GLY B 238 13.27 34.53 5.17
C GLY B 238 11.98 34.16 4.48
N CYS B 239 12.09 33.33 3.45
CA CYS B 239 10.96 32.89 2.65
C CYS B 239 10.17 31.89 3.44
N LEU B 240 10.90 30.96 4.02
CA LEU B 240 10.30 29.94 4.84
C LEU B 240 9.54 30.62 5.96
N LEU B 241 10.23 31.48 6.72
CA LEU B 241 9.65 32.13 7.87
C LEU B 241 8.37 32.80 7.43
N GLN B 242 8.49 33.60 6.36
CA GLN B 242 7.38 34.34 5.78
C GLN B 242 6.15 33.45 5.64
N TYR B 243 6.37 32.26 5.08
CA TYR B 243 5.32 31.33 4.73
C TYR B 243 4.71 30.64 5.97
N ALA B 244 5.56 30.10 6.84
CA ALA B 244 5.06 29.54 8.09
C ALA B 244 4.05 30.49 8.70
N LYS B 245 4.49 31.72 8.95
CA LYS B 245 3.64 32.76 9.55
C LYS B 245 2.27 32.80 8.88
N ASP B 246 2.26 32.73 7.56
CA ASP B 246 1.03 32.79 6.76
C ASP B 246 0.07 31.62 7.06
N THR B 247 0.62 30.41 7.07
CA THR B 247 -0.17 29.21 7.31
C THR B 247 -0.79 29.20 8.71
N GLN B 248 -0.14 29.91 9.65
CA GLN B 248 -0.58 30.00 11.05
C GLN B 248 -1.47 31.20 11.34
N ARG B 249 -1.11 32.35 10.74
CA ARG B 249 -1.66 33.67 11.10
C ARG B 249 -1.59 33.97 12.60
N THR B 250 -0.48 33.57 13.22
CA THR B 250 -0.17 33.89 14.61
C THR B 250 1.33 34.19 14.80
N THR B 251 1.69 34.73 15.96
CA THR B 251 3.08 34.73 16.39
C THR B 251 3.54 33.28 16.53
N LEU B 252 4.85 33.13 16.57
CA LEU B 252 5.47 31.84 16.81
C LEU B 252 6.68 32.15 17.72
N PRO B 253 6.39 32.40 18.99
CA PRO B 253 7.41 32.82 19.95
C PRO B 253 8.30 31.68 20.42
N HIS B 254 8.06 30.47 19.94
CA HIS B 254 8.97 29.36 20.18
C HIS B 254 10.09 29.36 19.15
N ILE B 255 9.86 29.97 18.00
CA ILE B 255 10.90 30.15 17.01
C ILE B 255 11.71 31.40 17.37
N ARG B 256 12.73 31.21 18.18
CA ARG B 256 13.46 32.34 18.75
C ARG B 256 14.92 32.41 18.32
N SER B 257 15.32 31.56 17.38
CA SER B 257 16.73 31.49 16.99
C SER B 257 16.95 30.70 15.71
N ILE B 258 18.15 30.81 15.16
CA ILE B 258 18.52 30.05 13.97
C ILE B 258 20.00 29.70 13.97
N THR B 259 20.33 28.54 13.42
CA THR B 259 21.70 28.06 13.37
C THR B 259 22.04 27.56 11.99
N MET B 260 23.31 27.65 11.63
CA MET B 260 23.74 27.26 10.32
C MET B 260 24.59 26.02 10.44
N GLU B 261 24.44 25.11 9.47
CA GLU B 261 25.05 23.79 9.51
C GLU B 261 26.27 23.75 8.59
N ARG B 262 27.43 24.13 9.10
CA ARG B 262 28.66 24.19 8.29
C ARG B 262 29.06 22.80 7.77
N GLU B 263 29.67 22.76 6.59
CA GLU B 263 30.07 21.52 5.91
C GLU B 263 31.13 20.74 6.69
N GLN B 264 32.16 21.48 7.10
CA GLN B 264 33.29 20.94 7.83
C GLN B 264 32.95 20.47 9.25
N ASP B 265 31.80 20.87 9.76
CA ASP B 265 31.33 20.40 11.07
C ASP B 265 30.95 18.93 11.08
N SER B 266 30.44 18.41 9.96
CA SER B 266 29.86 17.07 9.95
C SER B 266 30.68 16.11 9.12
N ILE B 267 30.57 14.83 9.43
CA ILE B 267 30.96 13.79 8.48
C ILE B 267 29.86 13.79 7.41
N ILE B 268 30.28 13.93 6.16
CA ILE B 268 29.34 14.09 5.09
C ILE B 268 28.98 12.71 4.59
N MET B 269 27.72 12.52 4.25
CA MET B 269 27.25 11.25 3.73
C MET B 269 26.21 11.53 2.65
N ASP B 270 26.65 11.40 1.39
CA ASP B 270 25.77 11.31 0.20
C ASP B 270 24.46 10.54 0.47
N ALA B 271 23.42 10.85 -0.31
CA ALA B 271 22.14 10.13 -0.19
C ALA B 271 22.30 8.63 -0.26
N ALA B 272 23.07 8.14 -1.22
CA ALA B 272 23.33 6.71 -1.41
C ALA B 272 23.97 6.04 -0.20
N THR B 273 24.91 6.71 0.43
CA THR B 273 25.57 6.20 1.63
C THR B 273 24.60 6.15 2.80
N ARG B 274 23.79 7.20 2.94
CA ARG B 274 22.75 7.22 3.96
C ARG B 274 21.86 6.01 3.83
N ARG B 275 21.51 5.69 2.58
CA ARG B 275 20.54 4.65 2.26
C ARG B 275 21.13 3.27 2.45
N ASN B 276 22.42 3.11 2.13
CA ASN B 276 23.07 1.80 2.17
C ASN B 276 23.37 1.37 3.59
N LEU B 277 23.53 2.34 4.49
CA LEU B 277 23.82 2.03 5.89
C LEU B 277 22.54 1.75 6.69
N GLU B 278 21.40 2.13 6.11
CA GLU B 278 20.10 1.95 6.76
C GLU B 278 20.14 2.52 8.18
N ILE B 279 20.39 3.83 8.25
CA ILE B 279 20.48 4.57 9.52
C ILE B 279 19.10 4.63 10.21
N THR B 280 18.09 5.11 9.48
CA THR B 280 16.71 5.13 9.96
C THR B 280 15.73 4.36 9.06
N GLN B 281 16.04 4.30 7.77
CA GLN B 281 15.14 3.73 6.78
C GLN B 281 15.85 2.61 6.05
N ASN B 282 15.37 1.39 6.17
CA ASN B 282 16.00 0.27 5.46
C ASN B 282 15.81 0.41 3.95
N LEU B 283 16.68 -0.26 3.20
CA LEU B 283 16.67 -0.15 1.74
C LEU B 283 15.30 -0.34 1.14
N ALA B 284 14.49 -1.23 1.73
CA ALA B 284 13.13 -1.53 1.23
C ALA B 284 12.01 -0.59 1.75
N GLY B 285 12.38 0.61 2.21
CA GLY B 285 11.41 1.64 2.55
C GLY B 285 10.93 1.65 3.98
N GLY B 286 10.94 0.48 4.63
CA GLY B 286 10.49 0.33 6.00
C GLY B 286 11.40 0.95 7.06
N ALA B 287 11.24 0.51 8.31
CA ALA B 287 12.02 1.06 9.42
C ALA B 287 12.49 0.04 10.46
N GLU B 288 12.32 -1.25 10.20
CA GLU B 288 12.84 -2.29 11.09
C GLU B 288 14.22 -2.70 10.55
N ASN B 289 14.87 -3.66 11.20
CA ASN B 289 16.21 -4.13 10.81
C ASN B 289 17.03 -2.97 10.27
N THR B 290 17.08 -1.91 11.06
CA THR B 290 17.84 -0.71 10.76
C THR B 290 18.63 -0.27 11.99
N LEU B 291 19.62 0.60 11.79
CA LEU B 291 20.48 1.05 12.89
C LEU B 291 19.69 1.72 14.00
N ALA B 292 18.65 2.46 13.65
CA ALA B 292 17.84 3.15 14.65
C ALA B 292 16.99 2.15 15.45
N SER B 293 16.45 1.15 14.78
CA SER B 293 15.70 0.05 15.43
C SER B 293 16.44 -0.55 16.61
N VAL B 294 17.75 -0.69 16.45
CA VAL B 294 18.59 -1.32 17.44
C VAL B 294 19.04 -0.33 18.49
N LEU B 295 19.29 0.90 18.08
CA LEU B 295 19.90 1.88 18.96
C LEU B 295 18.87 2.77 19.62
N ASP B 296 17.61 2.67 19.22
CA ASP B 296 16.63 3.65 19.65
C ASP B 296 15.69 3.06 20.63
N CYS B 297 16.19 2.86 21.84
CA CYS B 297 15.36 2.47 22.97
C CYS B 297 15.11 3.66 23.90
N THR B 298 14.73 4.80 23.32
CA THR B 298 14.38 5.99 24.09
C THR B 298 12.97 5.81 24.59
N VAL B 299 12.56 6.66 25.52
CA VAL B 299 11.24 6.56 26.15
C VAL B 299 10.28 7.71 25.81
N THR B 300 10.83 8.92 25.61
CA THR B 300 10.04 10.06 25.12
C THR B 300 10.05 10.09 23.61
N PRO B 301 8.96 10.49 22.99
CA PRO B 301 8.97 10.74 21.54
C PRO B 301 9.94 11.84 21.10
N MET B 302 10.14 12.87 21.93
CA MET B 302 11.06 13.93 21.56
C MET B 302 12.51 13.45 21.55
N GLY B 303 12.78 12.42 22.33
CA GLY B 303 14.09 11.82 22.39
C GLY B 303 14.34 10.83 21.27
N SER B 304 13.29 10.21 20.75
CA SER B 304 13.47 9.31 19.62
C SER B 304 13.87 10.16 18.43
N ARG B 305 13.21 11.31 18.30
CA ARG B 305 13.39 12.17 17.16
C ARG B 305 14.78 12.78 17.17
N MET B 306 15.26 13.15 18.35
CA MET B 306 16.63 13.66 18.52
C MET B 306 17.71 12.60 18.26
N LEU B 307 17.46 11.34 18.60
CA LEU B 307 18.49 10.32 18.43
C LEU B 307 18.72 10.17 16.94
N LYS B 308 17.62 10.11 16.20
CA LYS B 308 17.66 9.88 14.78
C LYS B 308 18.38 11.02 14.10
N ARG B 309 18.17 12.23 14.59
CA ARG B 309 18.86 13.42 14.08
C ARG B 309 20.36 13.21 14.28
N TRP B 310 20.78 13.01 15.52
CA TRP B 310 22.19 12.77 15.80
C TRP B 310 22.82 11.70 14.89
N LEU B 311 22.08 10.62 14.64
CA LEU B 311 22.60 9.48 13.89
C LEU B 311 22.91 9.90 12.46
N HIS B 312 22.10 10.81 11.92
CA HIS B 312 22.31 11.33 10.57
C HIS B 312 23.32 12.50 10.53
N MET B 313 23.79 12.94 11.69
CA MET B 313 24.71 14.07 11.76
C MET B 313 25.88 13.81 12.71
N PRO B 314 26.73 12.86 12.35
CA PRO B 314 27.96 12.65 13.11
C PRO B 314 28.76 13.93 13.03
N VAL B 315 29.41 14.35 14.10
CA VAL B 315 30.18 15.61 14.09
C VAL B 315 31.68 15.32 14.19
N ARG B 316 32.50 16.12 13.50
CA ARG B 316 33.93 15.86 13.43
C ARG B 316 34.69 16.31 14.69
N ASP B 317 34.04 17.15 15.49
CA ASP B 317 34.62 17.80 16.68
C ASP B 317 34.70 16.86 17.90
N THR B 318 35.87 16.30 18.18
CA THR B 318 36.01 15.38 19.31
C THR B 318 35.54 16.00 20.63
N ARG B 319 35.70 17.31 20.80
CA ARG B 319 35.19 17.97 22.00
C ARG B 319 33.80 17.45 22.35
N VAL B 320 32.80 17.82 21.55
CA VAL B 320 31.39 17.49 21.85
C VAL B 320 31.25 16.01 22.15
N LEU B 321 32.05 15.21 21.44
CA LEU B 321 32.01 13.75 21.55
C LEU B 321 32.60 13.29 22.87
N LEU B 322 33.90 13.46 23.06
CA LEU B 322 34.55 13.13 24.33
C LEU B 322 33.66 13.47 25.53
N GLU B 323 32.90 14.56 25.42
CA GLU B 323 31.95 14.97 26.44
C GLU B 323 30.68 14.09 26.46
N ARG B 324 30.18 13.74 25.30
CA ARG B 324 29.11 12.74 25.16
C ARG B 324 29.56 11.39 25.70
N GLN B 325 30.75 10.98 25.32
CA GLN B 325 31.30 9.72 25.79
C GLN B 325 31.18 9.68 27.31
N GLN B 326 31.64 10.74 27.98
CA GLN B 326 31.77 10.75 29.43
C GLN B 326 30.42 10.87 30.16
N THR B 327 29.51 11.60 29.56
CA THR B 327 28.12 11.64 30.00
C THR B 327 27.50 10.25 29.99
N ILE B 328 27.68 9.57 28.87
CA ILE B 328 27.08 8.26 28.61
C ILE B 328 27.54 7.21 29.60
N GLY B 329 28.81 7.27 29.98
CA GLY B 329 29.40 6.31 30.91
C GLY B 329 29.01 6.59 32.34
N ALA B 330 28.71 7.86 32.63
CA ALA B 330 28.32 8.28 33.98
C ALA B 330 26.94 7.72 34.33
N LEU B 331 26.02 7.82 33.38
CA LEU B 331 24.67 7.32 33.57
C LEU B 331 24.54 5.81 33.37
N GLN B 332 25.64 5.12 33.05
CA GLN B 332 25.64 3.64 32.97
C GLN B 332 24.85 3.04 34.14
N ASP B 333 25.24 3.42 35.36
CA ASP B 333 24.59 2.90 36.56
C ASP B 333 23.13 3.37 36.70
N PHE B 334 22.88 4.66 36.48
CA PHE B 334 21.59 5.31 36.81
C PHE B 334 20.44 5.08 35.81
N THR B 335 20.66 4.20 34.84
CA THR B 335 19.69 3.89 33.78
C THR B 335 18.35 3.41 34.29
N ALA B 336 18.36 2.34 35.08
CA ALA B 336 17.11 1.72 35.52
C ALA B 336 16.26 2.73 36.26
N GLY B 337 16.89 3.49 37.16
CA GLY B 337 16.21 4.49 37.96
C GLY B 337 15.67 5.71 37.24
N LEU B 338 16.23 6.02 36.06
CA LEU B 338 15.95 7.26 35.32
C LEU B 338 14.86 7.11 34.26
N GLN B 339 14.97 6.08 33.42
CA GLN B 339 14.07 5.89 32.27
C GLN B 339 12.57 5.85 32.60
N PRO B 340 12.12 5.04 33.55
CA PRO B 340 10.69 4.94 33.86
C PRO B 340 10.05 6.27 34.27
N VAL B 341 10.87 7.17 34.81
CA VAL B 341 10.43 8.51 35.19
C VAL B 341 10.45 9.42 33.97
N LEU B 342 11.57 9.39 33.24
CA LEU B 342 11.72 10.09 31.97
C LEU B 342 10.60 9.71 31.00
N ARG B 343 10.13 8.46 31.06
CA ARG B 343 9.03 8.02 30.19
C ARG B 343 7.78 8.84 30.49
N GLN B 344 7.54 9.12 31.77
CA GLN B 344 6.38 9.92 32.19
C GLN B 344 6.41 11.37 31.73
N VAL B 345 7.61 11.94 31.46
CA VAL B 345 7.73 13.32 30.93
C VAL B 345 6.93 13.48 29.64
N GLY B 346 7.13 12.54 28.71
CA GLY B 346 6.31 12.49 27.52
C GLY B 346 6.88 13.39 26.47
N ASP B 347 6.05 13.74 25.51
CA ASP B 347 6.42 14.58 24.37
C ASP B 347 6.29 16.08 24.72
N LEU B 348 7.02 16.55 25.72
CA LEU B 348 6.86 17.90 26.24
C LEU B 348 7.23 18.97 25.21
N GLU B 349 8.03 18.58 24.22
CA GLU B 349 8.40 19.49 23.15
C GLU B 349 7.17 19.91 22.36
N ARG B 350 6.43 18.92 21.84
CA ARG B 350 5.29 19.17 20.95
C ARG B 350 4.13 19.86 21.68
N ILE B 351 3.95 19.52 22.96
CA ILE B 351 2.98 20.17 23.82
C ILE B 351 3.35 21.63 24.02
N LEU B 352 4.64 21.91 24.09
CA LEU B 352 5.11 23.27 24.30
C LEU B 352 4.86 24.12 23.04
N ALA B 353 4.74 23.46 21.90
CA ALA B 353 4.41 24.16 20.65
C ALA B 353 2.95 24.58 20.61
N ARG B 354 2.06 23.74 21.12
CA ARG B 354 0.63 24.03 21.11
C ARG B 354 0.29 25.00 22.22
N LEU B 355 1.21 25.21 23.15
CA LEU B 355 1.13 26.34 24.07
C LEU B 355 1.49 27.65 23.37
N ALA B 356 2.55 27.64 22.55
CA ALA B 356 2.97 28.85 21.82
C ALA B 356 1.89 29.32 20.85
N LEU B 357 1.45 28.41 19.99
CA LEU B 357 0.35 28.67 19.04
C LEU B 357 -0.97 28.95 19.77
N ARG B 358 -1.05 28.54 21.03
CA ARG B 358 -2.21 28.75 21.91
C ARG B 358 -3.36 27.80 21.56
N THR B 359 -3.00 26.68 20.94
CA THR B 359 -3.96 25.64 20.58
C THR B 359 -4.01 24.51 21.61
N ALA B 360 -3.23 24.62 22.68
CA ALA B 360 -3.04 23.49 23.59
C ALA B 360 -4.34 23.16 24.29
N ARG B 361 -4.66 21.88 24.38
CA ARG B 361 -5.96 21.43 24.90
C ARG B 361 -5.84 20.94 26.36
N PRO B 362 -6.98 20.72 27.05
CA PRO B 362 -6.95 20.27 28.45
C PRO B 362 -5.99 19.13 28.73
N ARG B 363 -6.03 18.08 27.90
CA ARG B 363 -5.16 16.94 28.13
C ARG B 363 -3.68 17.28 27.92
N ASP B 364 -3.40 18.42 27.33
CA ASP B 364 -2.03 18.85 27.04
C ASP B 364 -1.40 19.56 28.22
N LEU B 365 -2.19 20.40 28.90
CA LEU B 365 -1.77 21.00 30.15
C LEU B 365 -1.68 19.91 31.22
N ALA B 366 -2.54 18.90 31.09
CA ALA B 366 -2.54 17.75 32.01
C ALA B 366 -1.28 16.93 31.86
N ARG B 367 -0.86 16.72 30.60
CA ARG B 367 0.38 16.00 30.29
C ARG B 367 1.62 16.87 30.58
N MET B 368 1.43 18.19 30.56
CA MET B 368 2.50 19.14 30.90
C MET B 368 2.71 19.09 32.41
N ARG B 369 1.63 19.09 33.17
CA ARG B 369 1.73 19.01 34.62
C ARG B 369 2.35 17.70 35.07
N HIS B 370 1.91 16.60 34.48
CA HIS B 370 2.42 15.28 34.85
C HIS B 370 3.92 15.19 34.70
N ALA B 371 4.45 15.92 33.71
CA ALA B 371 5.88 16.02 33.46
C ALA B 371 6.62 16.82 34.51
N PHE B 372 5.99 17.91 34.98
CA PHE B 372 6.57 18.74 36.04
C PHE B 372 6.76 17.97 37.33
N GLN B 373 5.86 17.02 37.58
CA GLN B 373 5.88 16.20 38.79
C GLN B 373 7.05 15.22 38.74
N GLN B 374 7.46 14.87 37.53
CA GLN B 374 8.63 14.02 37.33
C GLN B 374 9.93 14.74 37.60
N LEU B 375 9.97 16.05 37.32
CA LEU B 375 11.20 16.84 37.38
C LEU B 375 11.98 16.72 38.72
N PRO B 376 11.32 16.91 39.86
CA PRO B 376 11.92 16.69 41.18
C PRO B 376 12.54 15.31 41.45
N GLU B 377 11.87 14.24 41.04
CA GLU B 377 12.41 12.88 41.17
C GLU B 377 13.67 12.73 40.33
N LEU B 378 13.63 13.25 39.09
CA LEU B 378 14.79 13.25 38.19
C LEU B 378 15.93 14.09 38.73
N ARG B 379 15.61 15.23 39.33
CA ARG B 379 16.64 16.13 39.85
C ARG B 379 17.36 15.41 40.97
N ALA B 380 16.61 14.69 41.79
CA ALA B 380 17.15 13.95 42.92
C ALA B 380 18.18 12.91 42.49
N GLN B 381 17.94 12.28 41.34
CA GLN B 381 18.79 11.19 40.86
C GLN B 381 20.06 11.67 40.16
N LEU B 382 19.99 12.75 39.38
CA LEU B 382 21.17 13.28 38.70
C LEU B 382 22.10 14.03 39.65
N GLU B 383 21.60 14.34 40.84
CA GLU B 383 22.37 14.99 41.90
C GLU B 383 23.79 14.42 42.08
N THR B 384 23.89 13.09 42.21
CA THR B 384 25.16 12.39 42.51
C THR B 384 26.07 12.20 41.29
N VAL B 385 25.46 12.02 40.12
CA VAL B 385 26.19 11.74 38.88
C VAL B 385 27.34 12.74 38.72
N ASP B 386 28.56 12.23 38.71
CA ASP B 386 29.74 13.07 38.62
C ASP B 386 30.09 13.25 37.14
N SER B 387 29.38 14.15 36.49
CA SER B 387 29.71 14.56 35.13
C SER B 387 29.17 15.96 34.89
N ALA B 388 30.09 16.92 34.79
CA ALA B 388 29.78 18.34 34.59
C ALA B 388 28.66 18.67 33.57
N PRO B 389 28.58 17.95 32.46
CA PRO B 389 27.43 18.08 31.56
C PRO B 389 26.14 17.41 32.07
N VAL B 390 26.17 16.24 32.71
CA VAL B 390 24.95 15.66 33.31
C VAL B 390 24.31 16.63 34.31
N GLN B 391 25.15 17.35 35.05
CA GLN B 391 24.66 18.32 36.04
C GLN B 391 24.09 19.57 35.35
N ALA B 392 24.61 19.87 34.16
CA ALA B 392 24.11 20.98 33.36
C ALA B 392 22.70 20.71 32.82
N LEU B 393 22.44 19.46 32.43
CA LEU B 393 21.13 19.02 31.96
C LEU B 393 20.11 19.01 33.10
N ARG B 394 20.58 18.85 34.33
CA ARG B 394 19.72 18.89 35.50
C ARG B 394 19.38 20.33 35.84
N GLU B 395 20.32 21.24 35.60
CA GLU B 395 20.09 22.66 35.81
C GLU B 395 19.11 23.16 34.75
N LYS B 396 19.42 22.80 33.50
CA LYS B 396 18.63 23.18 32.33
C LYS B 396 17.24 22.54 32.32
N MET B 397 17.13 21.36 32.95
CA MET B 397 15.88 20.63 33.09
C MET B 397 14.84 21.43 33.86
N GLY B 398 15.32 22.22 34.82
CA GLY B 398 14.46 23.04 35.64
C GLY B 398 13.63 22.22 36.63
N GLU B 399 12.80 22.92 37.39
CA GLU B 399 11.86 22.30 38.31
C GLU B 399 10.46 22.82 38.04
N PHE B 400 10.33 24.12 37.83
CA PHE B 400 9.07 24.79 37.49
C PHE B 400 7.94 24.59 38.52
N ALA B 401 8.20 25.03 39.75
CA ALA B 401 7.29 24.77 40.87
C ALA B 401 5.94 25.51 40.78
N GLU B 402 5.98 26.83 40.58
CA GLU B 402 4.74 27.65 40.47
C GLU B 402 3.77 26.95 39.56
N LEU B 403 4.27 26.57 38.40
CA LEU B 403 3.47 26.08 37.29
C LEU B 403 2.92 24.69 37.61
N ARG B 404 3.73 23.86 38.27
CA ARG B 404 3.29 22.55 38.71
C ARG B 404 2.16 22.66 39.72
N ASP B 405 2.29 23.61 40.65
CA ASP B 405 1.28 23.84 41.67
C ASP B 405 0.06 24.51 41.07
N LEU B 406 0.27 25.34 40.06
CA LEU B 406 -0.81 26.07 39.40
C LEU B 406 -1.81 25.12 38.76
N LEU B 407 -1.32 24.19 37.96
CA LEU B 407 -2.18 23.28 37.19
C LEU B 407 -2.70 22.14 38.07
N GLU B 408 -2.00 21.86 39.17
CA GLU B 408 -2.48 20.95 40.22
C GLU B 408 -3.79 21.45 40.83
N ARG B 409 -3.88 22.75 41.03
CA ARG B 409 -5.08 23.40 41.55
C ARG B 409 -6.13 23.66 40.47
N ALA B 410 -5.69 23.88 39.24
CA ALA B 410 -6.56 24.45 38.20
C ALA B 410 -7.21 23.43 37.26
N ILE B 411 -6.72 22.19 37.28
CA ILE B 411 -7.27 21.14 36.43
C ILE B 411 -7.56 19.88 37.26
N ILE B 412 -8.57 19.11 36.85
CA ILE B 412 -8.90 17.85 37.52
C ILE B 412 -7.85 16.80 37.18
N ASP B 413 -7.93 15.63 37.78
CA ASP B 413 -6.96 14.56 37.51
C ASP B 413 -6.84 14.33 36.00
N THR B 414 -7.93 13.88 35.38
CA THR B 414 -7.96 13.58 33.95
C THR B 414 -9.13 14.29 33.27
N PRO B 415 -8.88 15.50 32.73
CA PRO B 415 -9.95 16.26 32.06
C PRO B 415 -10.43 15.58 30.77
N PRO B 416 -11.47 16.11 30.14
CA PRO B 416 -11.90 15.61 28.83
C PRO B 416 -11.01 16.19 27.75
N VAL B 417 -11.19 15.73 26.52
CA VAL B 417 -10.29 16.10 25.42
C VAL B 417 -10.23 17.61 25.17
N LEU B 418 -11.39 18.27 25.23
CA LEU B 418 -11.56 19.68 24.88
C LEU B 418 -12.13 20.50 26.04
N VAL B 419 -11.80 21.78 26.06
CA VAL B 419 -12.48 22.74 26.93
C VAL B 419 -13.94 22.95 26.54
N ARG B 420 -14.26 22.68 25.28
CA ARG B 420 -15.59 22.92 24.71
C ARG B 420 -16.76 22.71 25.66
N ASP B 421 -16.72 21.60 26.41
CA ASP B 421 -17.86 21.17 27.23
C ASP B 421 -17.64 21.29 28.75
N GLY B 422 -16.61 22.03 29.15
CA GLY B 422 -16.35 22.25 30.56
C GLY B 422 -15.97 21.00 31.31
N GLY B 423 -16.13 21.02 32.62
CA GLY B 423 -15.65 19.96 33.48
C GLY B 423 -14.13 19.74 33.36
N VAL B 424 -13.37 20.83 33.31
CA VAL B 424 -11.90 20.75 33.24
C VAL B 424 -11.19 21.46 34.39
N ILE B 425 -11.68 22.63 34.79
CA ILE B 425 -11.12 23.34 35.94
C ILE B 425 -11.55 22.66 37.24
N ALA B 426 -10.58 22.30 38.07
CA ALA B 426 -10.86 21.59 39.30
C ALA B 426 -11.72 22.40 40.25
N SER B 427 -12.43 21.69 41.13
CA SER B 427 -13.22 22.33 42.17
C SER B 427 -12.26 22.92 43.19
N GLY B 428 -12.50 24.17 43.56
CA GLY B 428 -11.72 24.82 44.60
C GLY B 428 -10.66 25.77 44.06
N TYR B 429 -10.62 25.95 42.74
CA TYR B 429 -9.64 26.85 42.10
C TYR B 429 -10.08 28.32 42.16
N ASN B 430 -11.38 28.58 42.07
CA ASN B 430 -11.88 29.94 41.94
C ASN B 430 -13.29 30.02 42.53
N GLU B 431 -13.43 30.69 43.68
CA GLU B 431 -14.70 30.74 44.42
C GLU B 431 -15.89 30.85 43.46
N GLU B 432 -15.85 31.90 42.63
CA GLU B 432 -16.95 32.20 41.72
C GLU B 432 -17.49 30.98 40.97
N LEU B 433 -16.60 30.23 40.31
CA LEU B 433 -17.01 29.03 39.58
C LEU B 433 -17.79 28.09 40.48
N ASP B 434 -17.17 27.69 41.60
CA ASP B 434 -17.76 26.73 42.53
C ASP B 434 -19.18 27.12 42.92
N GLU B 435 -19.40 28.43 43.09
CA GLU B 435 -20.73 28.97 43.45
C GLU B 435 -21.71 28.65 42.35
N TRP B 436 -21.34 28.99 41.12
CA TRP B 436 -22.19 28.76 39.94
C TRP B 436 -22.48 27.27 39.74
N ARG B 437 -21.56 26.41 40.16
CA ARG B 437 -21.74 24.96 40.05
C ARG B 437 -22.75 24.48 41.08
N ALA B 438 -22.50 24.82 42.34
CA ALA B 438 -23.39 24.45 43.44
C ALA B 438 -24.84 24.87 43.18
N LEU B 439 -25.02 25.96 42.44
CA LEU B 439 -26.33 26.43 42.05
C LEU B 439 -26.96 25.45 41.08
N ALA B 440 -26.25 25.16 40.00
CA ALA B 440 -26.69 24.19 39.00
C ALA B 440 -27.00 22.84 39.64
N ASP B 441 -26.15 22.41 40.56
CA ASP B 441 -26.28 21.09 41.17
C ASP B 441 -27.55 21.00 42.01
N GLY B 442 -27.89 22.07 42.73
CA GLY B 442 -29.10 22.13 43.54
C GLY B 442 -30.39 22.22 42.75
N ALA B 443 -30.27 22.48 41.44
CA ALA B 443 -31.40 22.40 40.53
C ALA B 443 -31.53 20.99 39.95
N THR B 444 -30.39 20.33 39.74
CA THR B 444 -30.36 18.91 39.37
C THR B 444 -30.94 18.07 40.49
N ASP B 445 -30.53 18.38 41.72
CA ASP B 445 -30.98 17.67 42.91
C ASP B 445 -32.47 17.86 43.12
N TYR B 446 -32.99 19.06 42.86
CA TYR B 446 -34.42 19.31 42.98
C TYR B 446 -35.16 18.41 42.01
N LEU B 447 -34.79 18.49 40.74
CA LEU B 447 -35.44 17.75 39.66
C LEU B 447 -35.40 16.22 39.81
N GLU B 448 -34.46 15.70 40.59
CA GLU B 448 -34.41 14.28 40.90
C GLU B 448 -35.50 13.96 41.91
N ARG B 449 -35.58 14.74 42.99
CA ARG B 449 -36.65 14.60 43.98
C ARG B 449 -38.03 14.92 43.39
N LEU B 450 -38.08 15.70 42.31
CA LEU B 450 -39.33 15.98 41.61
C LEU B 450 -39.76 14.74 40.83
N GLU B 451 -38.79 14.01 40.30
CA GLU B 451 -39.03 12.72 39.67
C GLU B 451 -39.69 11.76 40.67
N VAL B 452 -39.27 11.84 41.94
CA VAL B 452 -39.74 10.97 43.02
C VAL B 452 -41.01 11.54 43.69
N ARG B 453 -41.25 12.85 43.51
CA ARG B 453 -42.47 13.47 44.03
C ARG B 453 -43.63 13.10 43.12
N GLU B 454 -43.40 13.13 41.81
CA GLU B 454 -44.42 12.84 40.83
C GLU B 454 -44.68 11.34 40.73
N ARG B 455 -43.62 10.54 40.89
CA ARG B 455 -43.76 9.07 40.92
C ARG B 455 -44.64 8.63 42.08
N GLU B 456 -44.50 9.31 43.22
CA GLU B 456 -45.28 9.01 44.42
C GLU B 456 -46.71 9.54 44.28
N ARG B 457 -46.84 10.78 43.82
CA ARG B 457 -48.15 11.43 43.65
C ARG B 457 -48.79 11.09 42.29
N THR B 458 -48.61 9.85 41.83
CA THR B 458 -49.26 9.31 40.63
C THR B 458 -49.41 7.78 40.72
N GLY B 459 -48.53 7.10 41.45
CA GLY B 459 -48.50 5.66 41.52
C GLY B 459 -48.06 5.03 40.19
N LEU B 460 -47.34 5.80 39.38
CA LEU B 460 -46.95 5.39 38.03
C LEU B 460 -45.43 5.19 37.95
N ASP B 461 -45.01 3.94 37.86
CA ASP B 461 -43.61 3.53 38.01
C ASP B 461 -42.75 3.59 36.74
N THR B 462 -43.31 4.12 35.67
CA THR B 462 -42.53 4.41 34.45
C THR B 462 -42.31 5.92 34.29
N LEU B 463 -42.77 6.71 35.26
CA LEU B 463 -42.50 8.15 35.26
C LEU B 463 -41.01 8.41 35.48
N LYS B 464 -40.51 9.47 34.83
CA LYS B 464 -39.11 9.85 34.94
C LYS B 464 -38.85 11.20 34.27
N VAL B 465 -37.88 11.94 34.78
CA VAL B 465 -37.48 13.20 34.18
C VAL B 465 -36.33 12.95 33.20
N GLY B 466 -36.28 13.75 32.14
CA GLY B 466 -35.22 13.68 31.16
C GLY B 466 -34.80 15.05 30.64
N PHE B 467 -33.74 15.07 29.84
CA PHE B 467 -33.28 16.30 29.17
C PHE B 467 -32.92 16.05 27.71
N ASN B 468 -33.07 17.13 26.94
CA ASN B 468 -33.11 17.07 25.48
C ASN B 468 -33.07 18.51 24.98
N ALA B 469 -32.38 18.78 23.88
CA ALA B 469 -32.30 20.15 23.34
C ALA B 469 -33.63 20.63 22.74
N VAL B 470 -34.27 19.75 21.98
CA VAL B 470 -35.65 19.93 21.49
C VAL B 470 -36.60 20.54 22.55
N HIS B 471 -36.71 19.90 23.71
CA HIS B 471 -37.76 20.22 24.68
C HIS B 471 -37.30 20.74 26.04
N GLY B 472 -35.99 20.79 26.26
CA GLY B 472 -35.43 21.09 27.57
C GLY B 472 -35.68 19.95 28.53
N TYR B 473 -36.08 20.26 29.76
CA TYR B 473 -36.46 19.23 30.71
C TYR B 473 -37.91 18.78 30.43
N TYR B 474 -38.24 17.57 30.87
CA TYR B 474 -39.55 16.95 30.60
C TYR B 474 -39.82 15.72 31.49
N ILE B 475 -41.04 15.59 31.97
CA ILE B 475 -41.50 14.36 32.61
C ILE B 475 -41.90 13.38 31.51
N GLN B 476 -41.93 12.08 31.81
CA GLN B 476 -42.24 11.06 30.80
C GLN B 476 -42.98 9.86 31.37
N ILE B 477 -44.15 9.54 30.83
CA ILE B 477 -44.94 8.37 31.26
C ILE B 477 -44.96 7.32 30.16
N SER B 478 -44.88 6.05 30.52
CA SER B 478 -45.03 4.95 29.55
C SER B 478 -46.35 5.07 28.81
N ARG B 479 -46.44 4.43 27.65
CA ARG B 479 -47.61 4.58 26.78
C ARG B 479 -48.86 3.93 27.37
N GLY B 480 -48.70 2.70 27.87
CA GLY B 480 -49.79 2.01 28.56
C GLY B 480 -50.29 2.81 29.76
N GLN B 481 -49.37 3.54 30.40
CA GLN B 481 -49.65 4.33 31.61
C GLN B 481 -50.03 5.81 31.39
N SER B 482 -49.82 6.33 30.18
CA SER B 482 -49.84 7.77 29.93
C SER B 482 -51.20 8.47 30.06
N HIS B 483 -52.28 7.70 30.01
CA HIS B 483 -53.62 8.29 30.09
C HIS B 483 -54.00 8.72 31.50
N LEU B 484 -53.22 8.28 32.49
CA LEU B 484 -53.36 8.72 33.88
C LEU B 484 -52.39 9.86 34.19
N ALA B 485 -52.00 10.59 33.17
CA ALA B 485 -51.16 11.76 33.34
C ALA B 485 -52.03 12.81 33.99
N PRO B 486 -51.58 13.37 35.11
CA PRO B 486 -52.38 14.37 35.82
C PRO B 486 -52.81 15.53 34.91
N ILE B 487 -53.98 16.11 35.17
CA ILE B 487 -54.60 17.09 34.27
C ILE B 487 -53.77 18.36 34.09
N ASN B 488 -52.89 18.65 35.04
CA ASN B 488 -52.01 19.83 34.98
C ASN B 488 -50.82 19.65 34.01
N TYR B 489 -50.48 18.40 33.70
CA TYR B 489 -49.45 18.06 32.71
C TYR B 489 -49.83 18.52 31.32
N MET B 490 -48.95 19.29 30.69
CA MET B 490 -49.09 19.73 29.30
C MET B 490 -48.24 18.83 28.39
N ARG B 491 -48.84 18.28 27.34
CA ARG B 491 -48.14 17.36 26.43
C ARG B 491 -47.32 18.13 25.42
N ARG B 492 -46.26 17.49 24.93
CA ARG B 492 -45.30 18.14 24.04
C ARG B 492 -44.71 17.23 22.99
N GLN B 493 -44.49 15.96 23.31
CA GLN B 493 -43.96 15.03 22.34
C GLN B 493 -44.53 13.65 22.57
N THR B 494 -45.19 13.11 21.55
CA THR B 494 -45.63 11.73 21.59
C THR B 494 -44.55 10.91 20.92
N LEU B 495 -43.93 10.04 21.71
CA LEU B 495 -43.00 9.04 21.19
C LEU B 495 -43.78 7.75 20.88
N LYS B 496 -43.06 6.71 20.48
CA LYS B 496 -43.67 5.46 20.05
C LYS B 496 -44.33 4.78 21.24
N ASN B 497 -43.57 4.62 22.32
CA ASN B 497 -44.00 3.85 23.49
C ASN B 497 -44.04 4.66 24.80
N ALA B 498 -43.88 5.98 24.71
CA ALA B 498 -44.05 6.87 25.86
C ALA B 498 -44.58 8.25 25.45
N GLU B 499 -44.88 9.10 26.43
CA GLU B 499 -45.34 10.47 26.20
C GLU B 499 -44.59 11.42 27.14
N ARG B 500 -44.34 12.63 26.67
CA ARG B 500 -43.57 13.62 27.42
C ARG B 500 -44.41 14.86 27.71
N TYR B 501 -44.23 15.41 28.91
CA TYR B 501 -44.99 16.59 29.38
C TYR B 501 -44.06 17.63 30.01
N ILE B 502 -44.57 18.84 30.20
CA ILE B 502 -43.86 19.88 30.97
C ILE B 502 -44.82 20.59 31.94
N ILE B 503 -44.28 21.15 33.01
CA ILE B 503 -45.08 21.89 33.97
C ILE B 503 -44.33 23.17 34.40
N PRO B 504 -45.06 24.23 34.77
CA PRO B 504 -44.43 25.50 35.18
C PRO B 504 -43.23 25.31 36.11
N GLU B 505 -43.36 24.41 37.08
CA GLU B 505 -42.30 24.04 38.02
C GLU B 505 -41.06 23.51 37.27
N LEU B 506 -41.26 22.47 36.46
CA LEU B 506 -40.17 21.84 35.71
C LEU B 506 -39.38 22.81 34.83
N LYS B 507 -40.09 23.62 34.06
CA LYS B 507 -39.50 24.63 33.19
C LYS B 507 -38.77 25.71 34.00
N GLU B 508 -39.29 25.99 35.18
CA GLU B 508 -38.75 27.02 36.07
C GLU B 508 -37.36 26.64 36.60
N TYR B 509 -37.16 25.34 36.84
CA TYR B 509 -35.89 24.85 37.34
C TYR B 509 -34.93 24.51 36.20
N GLU B 510 -35.47 24.28 35.00
CA GLU B 510 -34.63 24.18 33.82
C GLU B 510 -33.91 25.50 33.73
N ASP B 511 -34.69 26.58 33.71
CA ASP B 511 -34.17 27.94 33.74
C ASP B 511 -33.00 28.01 34.73
N LYS B 512 -33.17 27.45 35.92
CA LYS B 512 -32.13 27.47 36.96
C LYS B 512 -30.87 26.71 36.56
N VAL B 513 -31.06 25.52 35.97
CA VAL B 513 -29.94 24.69 35.51
C VAL B 513 -29.19 25.42 34.40
N LEU B 514 -29.87 25.66 33.30
CA LEU B 514 -29.29 26.31 32.12
C LEU B 514 -28.50 27.56 32.45
N THR B 515 -29.08 28.42 33.28
CA THR B 515 -28.42 29.65 33.72
C THR B 515 -27.05 29.34 34.30
N SER B 516 -27.05 28.66 35.44
CA SER B 516 -25.82 28.27 36.15
C SER B 516 -24.80 27.55 35.25
N LYS B 517 -25.10 26.32 34.85
CA LYS B 517 -24.27 25.50 33.95
C LYS B 517 -23.60 26.29 32.82
N GLY B 518 -24.30 27.30 32.30
CA GLY B 518 -23.82 28.11 31.18
C GLY B 518 -22.87 29.21 31.59
N LYS B 519 -23.20 29.91 32.67
CA LYS B 519 -22.34 30.96 33.21
C LYS B 519 -21.00 30.37 33.65
N ALA B 520 -21.05 29.14 34.17
CA ALA B 520 -19.89 28.46 34.72
C ALA B 520 -19.04 27.82 33.64
N LEU B 521 -19.67 27.54 32.49
CA LEU B 521 -18.94 27.08 31.32
C LEU B 521 -18.12 28.23 30.75
N ALA B 522 -18.73 29.42 30.71
CA ALA B 522 -18.05 30.63 30.26
C ALA B 522 -16.89 31.00 31.21
N LEU B 523 -16.99 30.60 32.48
CA LEU B 523 -15.94 30.87 33.44
C LEU B 523 -14.76 29.92 33.25
N GLU B 524 -15.07 28.64 33.08
CA GLU B 524 -14.03 27.65 32.87
C GLU B 524 -13.12 28.07 31.72
N LYS B 525 -13.71 28.55 30.64
CA LYS B 525 -12.96 28.94 29.46
C LYS B 525 -12.08 30.17 29.76
N GLN B 526 -12.64 31.16 30.44
CA GLN B 526 -11.88 32.35 30.81
C GLN B 526 -10.78 31.96 31.76
N LEU B 527 -11.10 31.11 32.73
CA LEU B 527 -10.12 30.58 33.68
C LEU B 527 -9.02 29.80 32.97
N TYR B 528 -9.43 29.03 31.95
CA TYR B 528 -8.54 28.16 31.19
C TYR B 528 -7.63 28.98 30.27
N GLU B 529 -8.17 30.02 29.66
CA GLU B 529 -7.40 30.95 28.84
C GLU B 529 -6.37 31.68 29.68
N GLU B 530 -6.68 31.91 30.96
CA GLU B 530 -5.76 32.59 31.88
C GLU B 530 -4.58 31.69 32.25
N LEU B 531 -4.80 30.37 32.19
CA LEU B 531 -3.73 29.42 32.42
C LEU B 531 -2.68 29.56 31.33
N PHE B 532 -3.10 29.94 30.13
CA PHE B 532 -2.17 30.21 29.04
C PHE B 532 -1.34 31.47 29.29
N ASP B 533 -1.99 32.52 29.79
CA ASP B 533 -1.32 33.80 30.09
C ASP B 533 -0.26 33.66 31.17
N LEU B 534 -0.43 32.70 32.08
CA LEU B 534 0.51 32.52 33.18
C LEU B 534 1.61 31.60 32.80
N LEU B 535 1.35 30.72 31.83
CA LEU B 535 2.30 29.69 31.41
C LEU B 535 3.30 30.23 30.38
N LEU B 536 2.86 31.16 29.53
CA LEU B 536 3.65 31.60 28.37
C LEU B 536 4.92 32.41 28.69
N PRO B 537 4.92 33.24 29.73
CA PRO B 537 6.14 34.00 30.04
C PRO B 537 7.33 33.09 30.37
N HIS B 538 7.05 31.85 30.73
CA HIS B 538 8.10 30.87 31.01
C HIS B 538 8.31 29.94 29.82
N LEU B 539 7.79 30.32 28.66
CA LEU B 539 7.93 29.47 27.48
C LEU B 539 9.40 29.20 27.21
N GLU B 540 10.21 30.25 27.21
CA GLU B 540 11.64 30.08 26.96
C GLU B 540 12.21 28.99 27.85
N ALA B 541 12.11 29.17 29.16
CA ALA B 541 12.71 28.22 30.11
C ALA B 541 12.17 26.83 29.89
N LEU B 542 10.90 26.72 29.54
CA LEU B 542 10.23 25.44 29.30
C LEU B 542 10.77 24.72 28.05
N GLN B 543 11.01 25.46 26.96
CA GLN B 543 11.58 24.88 25.74
C GLN B 543 12.91 24.23 26.10
N GLN B 544 13.69 24.97 26.86
CA GLN B 544 14.96 24.49 27.36
C GLN B 544 14.80 23.20 28.19
N SER B 545 13.75 23.09 28.99
CA SER B 545 13.50 21.88 29.78
C SER B 545 13.25 20.70 28.88
N ALA B 546 12.31 20.84 27.95
CA ALA B 546 11.98 19.78 27.01
C ALA B 546 13.20 19.32 26.25
N SER B 547 14.07 20.26 25.91
CA SER B 547 15.25 19.97 25.13
C SER B 547 16.34 19.30 25.96
N ALA B 548 16.44 19.70 27.23
CA ALA B 548 17.39 19.12 28.14
C ALA B 548 16.89 17.71 28.44
N LEU B 549 15.57 17.60 28.62
CA LEU B 549 14.91 16.32 28.87
C LEU B 549 15.06 15.39 27.67
N ALA B 550 15.03 15.98 26.47
CA ALA B 550 15.14 15.23 25.23
C ALA B 550 16.55 14.64 25.09
N GLU B 551 17.57 15.42 25.43
CA GLU B 551 18.95 14.95 25.33
C GLU B 551 19.23 13.93 26.41
N LEU B 552 18.57 14.12 27.54
CA LEU B 552 18.75 13.26 28.71
C LEU B 552 18.21 11.90 28.38
N ASP B 553 17.15 11.86 27.57
CA ASP B 553 16.54 10.62 27.16
C ASP B 553 17.48 9.85 26.26
N VAL B 554 18.00 10.57 25.27
CA VAL B 554 18.88 10.03 24.26
C VAL B 554 20.12 9.43 24.89
N LEU B 555 20.73 10.17 25.80
CA LEU B 555 22.01 9.76 26.38
C LEU B 555 21.83 8.64 27.37
N VAL B 556 20.77 8.75 28.18
CA VAL B 556 20.41 7.67 29.09
C VAL B 556 20.19 6.41 28.26
N ASN B 557 19.59 6.57 27.08
CA ASN B 557 19.33 5.42 26.22
C ASN B 557 20.62 4.84 25.64
N LEU B 558 21.43 5.71 25.06
CA LEU B 558 22.71 5.29 24.49
C LEU B 558 23.58 4.63 25.54
N ALA B 559 23.42 5.04 26.79
CA ALA B 559 24.15 4.45 27.92
C ALA B 559 23.69 3.03 28.21
N GLU B 560 22.37 2.84 28.21
CA GLU B 560 21.73 1.53 28.43
C GLU B 560 22.10 0.57 27.32
N ARG B 561 21.98 1.04 26.09
CA ARG B 561 22.37 0.27 24.92
C ARG B 561 23.85 -0.14 24.99
N ALA B 562 24.71 0.80 25.36
CA ALA B 562 26.15 0.52 25.46
C ALA B 562 26.42 -0.58 26.45
N TYR B 563 25.70 -0.56 27.55
CA TYR B 563 25.92 -1.51 28.64
C TYR B 563 25.36 -2.91 28.31
N THR B 564 24.10 -2.93 27.88
CA THR B 564 23.42 -4.16 27.50
C THR B 564 24.14 -4.88 26.35
N LEU B 565 24.50 -4.14 25.31
CA LEU B 565 25.01 -4.72 24.07
C LEU B 565 26.53 -4.79 23.99
N ASN B 566 27.22 -4.61 25.10
CA ASN B 566 28.67 -4.84 25.18
C ASN B 566 29.44 -4.01 24.20
N TYR B 567 29.10 -2.74 24.11
CA TYR B 567 29.92 -1.79 23.38
C TYR B 567 31.04 -1.24 24.32
N THR B 568 32.13 -0.80 23.71
CA THR B 568 33.24 -0.17 24.41
C THR B 568 33.35 1.28 23.94
N CYS B 569 34.11 2.08 24.68
CA CYS B 569 34.26 3.49 24.33
C CYS B 569 35.42 3.69 23.35
N PRO B 570 35.16 4.33 22.21
CA PRO B 570 36.20 4.48 21.20
C PRO B 570 37.07 5.67 21.53
N THR B 571 38.38 5.54 21.31
CA THR B 571 39.32 6.62 21.55
C THR B 571 39.72 7.20 20.21
N PHE B 572 40.10 8.47 20.19
CA PHE B 572 40.43 9.17 18.95
C PHE B 572 41.91 9.42 18.79
N ILE B 573 42.39 9.31 17.56
CA ILE B 573 43.81 9.47 17.27
C ILE B 573 43.98 10.61 16.27
N ASP B 574 45.19 11.16 16.22
CA ASP B 574 45.48 12.38 15.46
C ASP B 574 45.56 12.13 13.97
N LYS B 575 46.31 11.10 13.58
CA LYS B 575 46.42 10.71 12.18
C LYS B 575 45.15 9.99 11.74
N PRO B 576 44.92 9.84 10.44
CA PRO B 576 43.77 9.05 9.94
C PRO B 576 43.99 7.56 10.13
N GLY B 577 43.02 6.86 10.71
CA GLY B 577 43.13 5.41 10.87
C GLY B 577 41.94 4.74 11.54
N ILE B 578 41.71 3.46 11.28
CA ILE B 578 40.70 2.72 12.03
C ILE B 578 41.26 1.42 12.56
N ARG B 579 41.52 1.37 13.87
CA ARG B 579 42.00 0.15 14.51
C ARG B 579 40.86 -0.45 15.33
N ILE B 580 40.30 -1.56 14.83
CA ILE B 580 39.24 -2.26 15.55
C ILE B 580 39.72 -3.63 16.04
N THR B 581 39.16 -4.05 17.16
CA THR B 581 39.39 -5.40 17.70
C THR B 581 38.05 -6.00 17.99
N GLU B 582 37.84 -7.22 17.48
CA GLU B 582 36.60 -7.98 17.67
C GLU B 582 35.38 -7.07 17.59
N GLY B 583 35.27 -6.38 16.46
CA GLY B 583 34.13 -5.51 16.23
C GLY B 583 33.06 -6.23 15.46
N ARG B 584 31.86 -5.64 15.46
CA ARG B 584 30.66 -6.28 14.90
C ARG B 584 29.77 -5.30 14.15
N HIS B 585 28.90 -5.86 13.31
CA HIS B 585 27.82 -5.09 12.71
C HIS B 585 26.64 -4.95 13.70
N PRO B 586 26.42 -3.75 14.24
CA PRO B 586 25.49 -3.58 15.36
C PRO B 586 24.08 -4.10 15.11
N VAL B 587 23.61 -4.17 13.87
CA VAL B 587 22.25 -4.62 13.57
C VAL B 587 22.22 -6.12 13.31
N VAL B 588 23.14 -6.59 12.46
CA VAL B 588 23.14 -7.99 12.10
C VAL B 588 23.29 -8.86 13.34
N GLU B 589 24.02 -8.39 14.35
CA GLU B 589 24.24 -9.18 15.54
C GLU B 589 22.97 -9.26 16.39
N GLN B 590 22.20 -8.17 16.43
CA GLN B 590 20.90 -8.17 17.14
C GLN B 590 19.78 -8.95 16.46
N VAL B 591 19.92 -9.23 15.16
CA VAL B 591 18.81 -9.70 14.34
C VAL B 591 18.90 -11.21 14.05
N LEU B 592 20.05 -11.65 13.54
CA LEU B 592 20.26 -13.05 13.21
C LEU B 592 20.48 -13.93 14.44
N ASN B 593 19.79 -15.07 14.49
CA ASN B 593 19.86 -16.01 15.64
C ASN B 593 20.97 -17.06 15.49
N GLU B 594 21.78 -16.93 14.43
CA GLU B 594 23.09 -17.59 14.34
C GLU B 594 24.04 -16.68 15.10
N PRO B 595 25.21 -17.19 15.51
CA PRO B 595 26.20 -16.32 16.15
C PRO B 595 26.65 -15.27 15.16
N PHE B 596 26.93 -14.05 15.61
CA PHE B 596 27.75 -13.15 14.80
C PHE B 596 29.20 -13.62 14.92
N ILE B 597 30.06 -13.12 14.05
CA ILE B 597 31.48 -13.35 14.18
C ILE B 597 32.22 -12.03 14.11
N ALA B 598 33.03 -11.77 15.12
CA ALA B 598 33.75 -10.52 15.20
C ALA B 598 35.07 -10.54 14.42
N ASN B 599 35.36 -9.44 13.74
CA ASN B 599 36.60 -9.29 12.97
C ASN B 599 37.40 -8.10 13.40
N PRO B 600 38.69 -8.15 13.17
CA PRO B 600 39.55 -6.98 13.38
C PRO B 600 39.59 -6.11 12.14
N LEU B 601 40.01 -4.86 12.31
CA LEU B 601 40.44 -4.01 11.20
C LEU B 601 41.63 -3.18 11.63
N ASN B 602 42.55 -2.96 10.69
CA ASN B 602 43.73 -2.15 10.96
C ASN B 602 44.10 -1.34 9.73
N LEU B 603 43.44 -0.20 9.58
CA LEU B 603 43.84 0.82 8.61
C LEU B 603 44.61 1.95 9.29
N SER B 604 45.74 2.31 8.68
CA SER B 604 46.56 3.48 9.02
C SER B 604 47.07 4.12 7.70
N PRO B 605 47.87 5.18 7.76
CA PRO B 605 48.49 5.67 6.54
C PRO B 605 49.47 4.64 5.96
N GLN B 606 50.12 3.81 6.77
CA GLN B 606 51.03 2.77 6.27
C GLN B 606 50.28 1.51 5.74
N ARG B 607 48.96 1.46 5.98
CA ARG B 607 48.11 0.35 5.54
C ARG B 607 46.74 0.91 5.21
N ARG B 608 46.66 1.66 4.12
CA ARG B 608 45.47 2.42 3.77
C ARG B 608 44.33 1.60 3.16
N MET B 609 44.65 0.50 2.48
CA MET B 609 43.69 -0.17 1.61
C MET B 609 43.79 -1.67 1.71
N LEU B 610 42.66 -2.30 2.02
CA LEU B 610 42.57 -3.75 2.02
C LEU B 610 41.86 -4.18 0.74
N ILE B 611 42.49 -5.08 0.01
CA ILE B 611 41.87 -5.73 -1.11
C ILE B 611 41.20 -6.96 -0.52
N ILE B 612 39.88 -6.94 -0.42
CA ILE B 612 39.16 -8.04 0.23
C ILE B 612 38.69 -9.01 -0.84
N THR B 613 39.38 -10.15 -0.95
CA THR B 613 38.97 -11.22 -1.85
C THR B 613 38.22 -12.31 -1.11
N GLY B 614 37.66 -13.23 -1.91
CA GLY B 614 36.87 -14.35 -1.45
C GLY B 614 35.43 -14.27 -1.91
N PRO B 615 34.61 -15.22 -1.46
CA PRO B 615 33.18 -15.16 -1.74
C PRO B 615 32.60 -13.94 -1.06
N ASN B 616 31.46 -13.46 -1.53
CA ASN B 616 30.73 -12.40 -0.85
C ASN B 616 29.61 -12.95 0.06
N MET B 617 28.46 -13.32 -0.52
CA MET B 617 27.29 -13.81 0.24
C MET B 617 26.89 -12.91 1.44
N GLY B 618 27.07 -11.59 1.31
CA GLY B 618 26.77 -10.67 2.41
C GLY B 618 27.95 -10.43 3.34
N GLY B 619 28.76 -11.48 3.56
CA GLY B 619 29.94 -11.44 4.42
C GLY B 619 30.94 -10.30 4.20
N LYS B 620 31.38 -10.06 2.97
CA LYS B 620 32.29 -8.96 2.66
C LYS B 620 31.57 -7.62 2.86
N SER B 621 30.35 -7.54 2.32
CA SER B 621 29.51 -6.35 2.43
C SER B 621 29.27 -5.98 3.88
N THR B 622 29.18 -6.99 4.75
CA THR B 622 28.91 -6.76 6.17
C THR B 622 30.16 -6.20 6.86
N TYR B 623 31.30 -6.80 6.60
CA TYR B 623 32.58 -6.37 7.15
C TYR B 623 32.83 -4.90 6.85
N MET B 624 32.38 -4.47 5.68
CA MET B 624 32.56 -3.11 5.25
C MET B 624 31.59 -2.24 6.01
N ARG B 625 30.29 -2.46 5.84
CA ARG B 625 29.28 -1.68 6.55
C ARG B 625 29.47 -1.55 8.05
N GLN B 626 29.90 -2.61 8.71
CA GLN B 626 30.17 -2.53 10.14
C GLN B 626 31.30 -1.54 10.42
N THR B 627 32.28 -1.47 9.51
CA THR B 627 33.25 -0.37 9.49
C THR B 627 32.60 1.03 9.37
N ALA B 628 31.95 1.33 8.26
CA ALA B 628 31.22 2.60 8.19
C ALA B 628 30.42 2.87 9.45
N LEU B 629 29.75 1.86 9.98
CA LEU B 629 28.84 2.07 11.09
C LEU B 629 29.59 2.32 12.38
N ILE B 630 30.56 1.45 12.67
CA ILE B 630 31.40 1.66 13.84
C ILE B 630 31.99 3.07 13.84
N ALA B 631 32.38 3.59 12.69
CA ALA B 631 32.90 4.97 12.60
C ALA B 631 31.79 5.97 12.85
N LEU B 632 30.70 5.85 12.12
CA LEU B 632 29.52 6.71 12.29
C LEU B 632 29.20 6.86 13.79
N MET B 633 29.05 5.73 14.47
CA MET B 633 28.68 5.69 15.89
C MET B 633 29.76 6.36 16.75
N ALA B 634 31.02 6.00 16.56
CA ALA B 634 32.14 6.68 17.22
C ALA B 634 31.97 8.17 17.11
N TYR B 635 31.65 8.62 15.89
CA TYR B 635 31.60 10.05 15.61
C TYR B 635 30.24 10.69 15.86
N ILE B 636 29.46 10.01 16.69
CA ILE B 636 28.22 10.51 17.25
C ILE B 636 28.29 10.58 18.78
N GLY B 637 29.37 10.09 19.36
CA GLY B 637 29.53 10.09 20.81
C GLY B 637 29.14 8.76 21.45
N SER B 638 28.50 7.89 20.69
CA SER B 638 28.08 6.61 21.20
C SER B 638 29.25 5.66 21.44
N TYR B 639 28.99 4.61 22.20
CA TYR B 639 29.89 3.48 22.30
C TYR B 639 29.64 2.57 21.11
N VAL B 640 30.59 1.69 20.85
CA VAL B 640 30.67 0.97 19.59
C VAL B 640 30.80 -0.53 19.81
N PRO B 641 30.17 -1.33 18.97
CA PRO B 641 30.16 -2.80 19.11
C PRO B 641 31.50 -3.49 18.82
N ALA B 642 32.37 -3.54 19.83
CA ALA B 642 33.77 -3.97 19.69
C ALA B 642 34.52 -4.00 21.03
N GLN B 643 35.49 -4.90 21.16
CA GLN B 643 36.35 -4.87 22.33
C GLN B 643 37.15 -3.59 22.40
N LYS B 644 37.50 -3.01 21.25
CA LYS B 644 38.30 -1.78 21.26
C LYS B 644 38.32 -1.08 19.88
N VAL B 645 38.06 0.23 19.86
CA VAL B 645 38.18 1.03 18.64
C VAL B 645 39.02 2.28 18.86
N GLU B 646 40.18 2.35 18.21
CA GLU B 646 40.88 3.61 17.94
C GLU B 646 40.47 4.15 16.56
N ILE B 647 40.32 5.46 16.41
CA ILE B 647 39.92 5.99 15.12
C ILE B 647 40.40 7.42 14.90
N GLY B 648 40.78 7.73 13.66
CA GLY B 648 41.22 9.06 13.29
C GLY B 648 40.06 9.96 12.87
N PRO B 649 40.38 11.17 12.42
CA PRO B 649 39.36 12.08 11.88
C PRO B 649 38.87 11.61 10.52
N ILE B 650 37.56 11.55 10.38
CA ILE B 650 36.92 11.24 9.12
C ILE B 650 35.99 12.37 8.72
N ASP B 651 36.00 12.68 7.42
CA ASP B 651 35.34 13.84 6.84
C ASP B 651 34.14 13.45 5.98
N ARG B 652 34.28 12.36 5.25
CA ARG B 652 33.19 11.74 4.48
C ARG B 652 33.19 10.22 4.69
N ILE B 653 32.02 9.61 4.55
CA ILE B 653 31.91 8.15 4.52
C ILE B 653 31.25 7.81 3.19
N PHE B 654 31.87 6.91 2.43
CA PHE B 654 31.35 6.49 1.15
C PHE B 654 31.09 5.00 1.20
N THR B 655 29.94 4.56 0.70
CA THR B 655 29.55 3.15 0.75
C THR B 655 28.82 2.79 -0.51
N ARG B 656 29.58 2.38 -1.52
CA ARG B 656 29.06 1.76 -2.73
C ARG B 656 28.92 0.28 -2.39
N VAL B 657 27.86 -0.05 -1.67
CA VAL B 657 27.58 -1.43 -1.30
C VAL B 657 26.10 -1.67 -1.46
N GLY B 658 25.70 -2.11 -2.66
CA GLY B 658 24.27 -2.26 -2.96
C GLY B 658 23.91 -3.28 -4.03
N THR B 669 22.04 -1.09 -12.59
CA THR B 669 22.89 -0.99 -13.75
C THR B 669 24.35 -1.04 -13.34
N PHE B 670 25.21 -1.26 -14.35
CA PHE B 670 26.64 -0.95 -14.28
C PHE B 670 26.77 0.54 -14.13
N MET B 671 25.94 1.29 -14.86
CA MET B 671 25.94 2.76 -14.82
C MET B 671 25.88 3.35 -13.42
N VAL B 672 24.90 2.91 -12.61
CA VAL B 672 24.77 3.37 -11.23
C VAL B 672 26.10 3.16 -10.53
N GLU B 673 26.54 1.91 -10.45
CA GLU B 673 27.84 1.57 -9.92
C GLU B 673 28.94 2.59 -10.30
N MET B 674 29.06 2.92 -11.58
CA MET B 674 30.16 3.77 -12.06
C MET B 674 29.97 5.24 -11.70
N THR B 675 28.72 5.70 -11.73
CA THR B 675 28.35 7.06 -11.32
C THR B 675 28.64 7.25 -9.84
N GLU B 676 28.26 6.26 -9.04
CA GLU B 676 28.54 6.28 -7.61
C GLU B 676 30.04 6.24 -7.41
N THR B 677 30.72 5.43 -8.20
CA THR B 677 32.17 5.28 -8.10
C THR B 677 32.86 6.54 -8.55
N ALA B 678 32.23 7.26 -9.46
CA ALA B 678 32.72 8.54 -9.94
C ALA B 678 32.71 9.56 -8.83
N ASN B 679 31.58 9.67 -8.14
CA ASN B 679 31.44 10.64 -7.06
C ASN B 679 32.48 10.36 -5.97
N ILE B 680 32.80 9.10 -5.72
CA ILE B 680 33.79 8.76 -4.72
C ILE B 680 35.19 9.23 -5.13
N LEU B 681 35.53 9.08 -6.40
CA LEU B 681 36.89 9.39 -6.85
C LEU B 681 37.12 10.90 -6.97
N HIS B 682 36.04 11.64 -7.20
CA HIS B 682 36.05 13.07 -7.36
C HIS B 682 36.14 13.82 -6.02
N ASN B 683 35.69 13.17 -4.94
CA ASN B 683 35.51 13.84 -3.66
C ASN B 683 36.24 13.27 -2.45
N ALA B 684 36.84 12.10 -2.58
CA ALA B 684 37.48 11.51 -1.41
C ALA B 684 38.72 12.32 -1.09
N THR B 685 38.87 12.65 0.18
CA THR B 685 40.10 13.20 0.69
C THR B 685 40.81 12.03 1.39
N GLU B 686 41.99 12.31 1.95
CA GLU B 686 42.78 11.27 2.62
C GLU B 686 42.31 11.03 4.04
N TYR B 687 41.33 11.82 4.48
CA TYR B 687 40.57 11.55 5.68
C TYR B 687 39.18 11.00 5.33
N SER B 688 39.04 10.28 4.23
CA SER B 688 37.75 9.71 3.90
C SER B 688 37.78 8.23 4.26
N LEU B 689 36.63 7.69 4.60
CA LEU B 689 36.43 6.25 4.67
C LEU B 689 35.64 5.88 3.43
N VAL B 690 36.16 4.93 2.68
CA VAL B 690 35.61 4.55 1.39
C VAL B 690 35.41 3.04 1.35
N LEU B 691 34.19 2.60 1.08
CA LEU B 691 33.87 1.17 1.04
C LEU B 691 33.36 0.85 -0.35
N MET B 692 33.94 -0.17 -0.98
CA MET B 692 33.67 -0.46 -2.38
C MET B 692 33.45 -1.94 -2.59
N ASP B 693 32.37 -2.25 -3.28
CA ASP B 693 31.87 -3.60 -3.44
C ASP B 693 32.06 -4.13 -4.86
N GLU B 694 32.87 -5.17 -4.99
CA GLU B 694 33.19 -5.76 -6.27
C GLU B 694 32.76 -4.90 -7.48
N ILE B 695 33.44 -3.77 -7.65
CA ILE B 695 33.26 -2.95 -8.84
C ILE B 695 33.97 -3.63 -10.00
N GLY B 696 33.42 -3.45 -11.19
CA GLY B 696 33.78 -4.26 -12.34
C GLY B 696 32.69 -5.22 -12.77
N ARG B 697 31.95 -5.80 -11.82
CA ARG B 697 30.87 -6.73 -12.19
C ARG B 697 29.90 -5.98 -13.10
N GLY B 698 29.44 -6.65 -14.15
CA GLY B 698 28.46 -6.05 -15.05
C GLY B 698 28.95 -5.69 -16.44
N THR B 699 30.27 -5.54 -16.60
CA THR B 699 30.89 -5.36 -17.91
C THR B 699 31.97 -6.42 -18.11
N SER B 700 32.77 -6.30 -19.18
CA SER B 700 33.66 -7.37 -19.62
C SER B 700 34.83 -7.62 -18.68
N THR B 701 35.19 -8.88 -18.51
CA THR B 701 36.35 -9.27 -17.71
C THR B 701 37.42 -8.21 -17.64
N TYR B 702 37.83 -7.72 -18.81
CA TYR B 702 39.03 -6.89 -18.95
C TYR B 702 38.76 -5.42 -18.72
N ASP B 703 37.62 -4.91 -19.20
CA ASP B 703 37.24 -3.53 -18.88
C ASP B 703 37.04 -3.35 -17.40
N GLY B 704 36.48 -4.35 -16.73
CA GLY B 704 36.21 -4.26 -15.31
C GLY B 704 37.46 -4.48 -14.48
N LEU B 705 38.31 -5.44 -14.88
CA LEU B 705 39.58 -5.69 -14.20
C LEU B 705 40.36 -4.41 -14.20
N SER B 706 40.30 -3.71 -15.34
CA SER B 706 41.05 -2.52 -15.61
C SER B 706 40.47 -1.35 -14.85
N LEU B 707 39.17 -1.10 -14.96
CA LEU B 707 38.51 -0.11 -14.12
C LEU B 707 38.78 -0.29 -12.61
N ALA B 708 38.79 -1.55 -12.14
CA ALA B 708 38.95 -1.84 -10.71
C ALA B 708 40.38 -1.59 -10.28
N TRP B 709 41.32 -2.14 -11.04
CA TRP B 709 42.75 -1.83 -10.91
C TRP B 709 43.05 -0.34 -10.91
N ALA B 710 42.42 0.40 -11.82
CA ALA B 710 42.69 1.82 -11.95
C ALA B 710 42.09 2.58 -10.76
N CYS B 711 41.02 2.05 -10.18
CA CYS B 711 40.37 2.70 -9.07
C CYS B 711 41.15 2.50 -7.78
N ALA B 712 41.76 1.33 -7.64
CA ALA B 712 42.48 1.01 -6.42
C ALA B 712 43.78 1.81 -6.40
N GLU B 713 44.52 1.75 -7.50
CA GLU B 713 45.65 2.66 -7.74
C GLU B 713 45.33 4.11 -7.36
N ASN B 714 44.16 4.61 -7.79
CA ASN B 714 43.82 6.00 -7.54
C ASN B 714 43.52 6.32 -6.09
N LEU B 715 42.90 5.39 -5.39
CA LEU B 715 42.49 5.60 -4.00
C LEU B 715 43.64 5.34 -3.05
N ALA B 716 44.68 4.70 -3.54
CA ALA B 716 45.77 4.30 -2.67
C ALA B 716 46.99 5.18 -2.90
N ASN B 717 47.21 5.63 -4.13
CA ASN B 717 48.34 6.52 -4.41
C ASN B 717 47.96 7.98 -4.50
N LYS B 718 46.76 8.28 -4.98
CA LYS B 718 46.39 9.66 -5.26
C LYS B 718 45.57 10.24 -4.13
N ILE B 719 44.41 9.66 -3.85
CA ILE B 719 43.60 10.13 -2.75
C ILE B 719 44.26 9.78 -1.40
N LYS B 720 44.69 8.53 -1.27
CA LYS B 720 45.24 7.96 -0.03
C LYS B 720 44.18 7.78 1.09
N ALA B 721 42.91 7.76 0.72
CA ALA B 721 41.82 7.53 1.67
C ALA B 721 41.82 6.09 2.18
N LEU B 722 41.33 5.91 3.41
CA LEU B 722 41.22 4.60 4.05
C LEU B 722 40.16 3.73 3.36
N THR B 723 40.59 2.72 2.61
CA THR B 723 39.71 1.99 1.71
C THR B 723 39.60 0.48 1.99
N LEU B 724 38.37 0.00 2.03
CA LEU B 724 38.09 -1.41 1.90
C LEU B 724 37.64 -1.64 0.46
N PHE B 725 38.42 -2.43 -0.28
CA PHE B 725 38.17 -2.70 -1.69
C PHE B 725 37.84 -4.17 -1.86
N ALA B 726 36.56 -4.48 -1.67
CA ALA B 726 36.03 -5.78 -2.03
C ALA B 726 36.25 -5.94 -3.51
N THR B 727 36.86 -7.05 -3.90
CA THR B 727 36.82 -7.42 -5.29
C THR B 727 36.87 -8.91 -5.48
N HIS B 728 36.53 -9.32 -6.70
CA HIS B 728 36.57 -10.72 -7.11
C HIS B 728 37.78 -11.02 -8.00
N TYR B 729 38.31 -9.98 -8.64
CA TYR B 729 39.45 -10.16 -9.53
C TYR B 729 40.64 -10.62 -8.70
N PHE B 730 41.13 -11.83 -8.98
CA PHE B 730 42.25 -12.38 -8.22
C PHE B 730 43.54 -11.68 -8.59
N GLU B 731 43.60 -11.30 -9.86
CA GLU B 731 44.64 -10.44 -10.41
C GLU B 731 44.91 -9.16 -9.59
N LEU B 732 43.90 -8.63 -8.92
CA LEU B 732 44.10 -7.47 -8.05
C LEU B 732 44.97 -7.75 -6.83
N THR B 733 45.16 -9.01 -6.49
CA THR B 733 45.92 -9.34 -5.28
C THR B 733 47.41 -9.15 -5.46
N GLN B 734 47.86 -8.93 -6.70
CA GLN B 734 49.26 -8.57 -6.96
C GLN B 734 49.55 -7.13 -6.53
N LEU B 735 48.49 -6.34 -6.33
CA LEU B 735 48.63 -4.92 -5.98
C LEU B 735 49.61 -4.62 -4.85
N PRO B 736 49.49 -5.26 -3.69
CA PRO B 736 50.44 -5.08 -2.58
C PRO B 736 51.94 -5.03 -2.96
N GLU B 737 52.36 -5.86 -3.92
CA GLU B 737 53.72 -5.82 -4.41
C GLU B 737 53.94 -4.55 -5.23
N LYS B 738 53.02 -4.29 -6.15
CA LYS B 738 53.14 -3.17 -7.08
C LYS B 738 52.91 -1.76 -6.47
N MET B 739 52.64 -1.65 -5.17
CA MET B 739 52.50 -0.33 -4.54
C MET B 739 52.34 -0.39 -3.04
N GLU B 740 52.95 0.59 -2.38
CA GLU B 740 53.03 0.61 -0.92
C GLU B 740 51.66 0.88 -0.32
N GLY B 741 51.45 0.38 0.90
CA GLY B 741 50.28 0.73 1.68
C GLY B 741 49.00 0.02 1.27
N VAL B 742 49.13 -0.97 0.41
CA VAL B 742 48.04 -1.90 0.15
C VAL B 742 48.35 -3.23 0.82
N ALA B 743 47.30 -3.90 1.27
CA ALA B 743 47.38 -5.25 1.86
C ALA B 743 46.23 -6.15 1.40
N ASN B 744 46.46 -7.46 1.48
CA ASN B 744 45.49 -8.45 1.09
C ASN B 744 44.83 -9.10 2.30
N VAL B 745 43.51 -9.17 2.31
CA VAL B 745 42.76 -9.92 3.30
C VAL B 745 41.67 -10.68 2.56
N HIS B 746 41.09 -11.70 3.21
CA HIS B 746 40.05 -12.49 2.57
C HIS B 746 39.03 -13.19 3.48
N LEU B 747 37.91 -13.55 2.86
CA LEU B 747 36.96 -14.47 3.44
C LEU B 747 37.16 -15.88 2.85
N ASP B 748 36.91 -16.89 3.66
CA ASP B 748 36.93 -18.25 3.16
C ASP B 748 35.64 -19.01 3.54
N ALA B 749 35.60 -20.28 3.15
CA ALA B 749 34.47 -21.16 3.45
C ALA B 749 34.95 -22.56 3.75
N LEU B 750 34.28 -23.24 4.69
CA LEU B 750 34.49 -24.67 4.91
C LEU B 750 33.46 -25.49 4.12
N GLU B 751 33.90 -26.63 3.58
CA GLU B 751 32.99 -27.55 2.89
C GLU B 751 32.79 -28.80 3.74
N HIS B 752 31.58 -28.97 4.28
CA HIS B 752 31.25 -30.17 5.05
C HIS B 752 29.99 -30.85 4.54
N GLY B 753 29.83 -32.13 4.88
CA GLY B 753 28.58 -32.85 4.66
C GLY B 753 28.00 -32.73 3.26
N ASP B 754 26.86 -32.05 3.13
CA ASP B 754 26.20 -31.79 1.84
C ASP B 754 26.01 -30.29 1.51
N THR B 755 26.58 -29.40 2.32
CA THR B 755 26.49 -27.96 2.09
C THR B 755 27.87 -27.30 2.16
N ILE B 756 27.88 -26.00 2.45
CA ILE B 756 29.13 -25.24 2.50
C ILE B 756 28.98 -24.08 3.49
N ALA B 757 29.91 -24.02 4.44
CA ALA B 757 29.92 -22.99 5.48
C ALA B 757 30.67 -21.73 5.04
N PHE B 758 29.95 -20.84 4.39
CA PHE B 758 30.45 -19.52 4.12
C PHE B 758 30.63 -18.84 5.46
N MET B 759 31.88 -18.50 5.76
CA MET B 759 32.26 -18.01 7.08
C MET B 759 31.92 -16.54 7.21
N HIS B 760 32.57 -15.87 8.14
CA HIS B 760 32.34 -14.46 8.37
C HIS B 760 33.68 -13.88 8.83
N SER B 761 34.77 -14.61 8.61
CA SER B 761 36.01 -14.32 9.30
C SER B 761 37.12 -13.89 8.33
N VAL B 762 37.62 -12.69 8.53
CA VAL B 762 38.59 -12.06 7.66
C VAL B 762 39.97 -12.48 8.14
N GLN B 763 40.80 -12.96 7.21
CA GLN B 763 42.17 -13.42 7.54
C GLN B 763 43.15 -12.82 6.58
N ASP B 764 44.41 -12.75 6.99
CA ASP B 764 45.43 -12.12 6.17
C ASP B 764 45.59 -12.87 4.84
N GLY B 765 46.02 -12.15 3.82
CA GLY B 765 46.39 -12.72 2.54
C GLY B 765 45.26 -12.84 1.56
N ALA B 766 45.55 -13.40 0.40
CA ALA B 766 44.57 -13.56 -0.65
C ALA B 766 43.81 -14.86 -0.50
N ALA B 767 42.66 -14.88 -1.15
CA ALA B 767 41.81 -16.06 -1.23
C ALA B 767 42.42 -17.00 -2.25
N SER B 768 42.63 -18.24 -1.86
CA SER B 768 43.16 -19.21 -2.79
C SER B 768 42.08 -20.14 -3.32
N LYS B 769 40.81 -19.77 -3.14
CA LYS B 769 39.69 -20.56 -3.66
C LYS B 769 38.50 -19.74 -4.18
N SER B 770 37.71 -20.39 -5.03
CA SER B 770 36.45 -19.86 -5.57
C SER B 770 35.33 -20.85 -5.23
N TYR B 771 34.07 -20.41 -5.22
CA TYR B 771 32.97 -21.30 -4.84
C TYR B 771 31.75 -21.25 -5.74
N GLY B 772 31.88 -20.69 -6.93
CA GLY B 772 30.74 -20.53 -7.82
C GLY B 772 30.32 -21.89 -8.33
N LEU B 773 31.30 -22.73 -8.65
CA LEU B 773 31.04 -24.09 -9.09
C LEU B 773 30.55 -24.91 -7.90
N ALA B 774 31.11 -24.62 -6.73
CA ALA B 774 30.70 -25.25 -5.48
C ALA B 774 29.18 -25.12 -5.25
N VAL B 775 28.65 -23.96 -5.61
CA VAL B 775 27.27 -23.59 -5.33
C VAL B 775 26.40 -24.07 -6.46
N ALA B 776 26.90 -23.95 -7.68
CA ALA B 776 26.28 -24.59 -8.85
C ALA B 776 25.96 -26.06 -8.55
N ALA B 777 26.90 -26.74 -7.90
CA ALA B 777 26.73 -28.14 -7.59
C ALA B 777 25.59 -28.32 -6.61
N LEU B 778 25.65 -27.61 -5.49
CA LEU B 778 24.59 -27.76 -4.49
C LEU B 778 23.24 -27.29 -5.02
N ALA B 779 23.25 -26.56 -6.12
CA ALA B 779 22.05 -25.92 -6.62
C ALA B 779 21.36 -26.75 -7.68
N GLY B 780 22.00 -27.86 -8.07
CA GLY B 780 21.35 -28.89 -8.87
C GLY B 780 21.79 -28.93 -10.33
N VAL B 781 22.87 -28.24 -10.68
CA VAL B 781 23.29 -28.17 -12.08
C VAL B 781 23.95 -29.50 -12.48
N PRO B 782 23.53 -30.07 -13.60
CA PRO B 782 24.01 -31.40 -14.01
C PRO B 782 25.51 -31.58 -13.81
N LYS B 783 25.86 -32.66 -13.13
CA LYS B 783 27.25 -33.06 -12.89
C LYS B 783 28.19 -32.83 -14.09
N GLU B 784 27.72 -33.15 -15.28
CA GLU B 784 28.53 -33.11 -16.50
C GLU B 784 28.87 -31.68 -16.93
N VAL B 785 27.90 -30.78 -16.73
CA VAL B 785 28.06 -29.36 -17.00
C VAL B 785 29.07 -28.73 -16.06
N ILE B 786 28.92 -29.05 -14.78
CA ILE B 786 29.83 -28.57 -13.75
C ILE B 786 31.28 -28.99 -14.01
N LYS B 787 31.46 -30.20 -14.53
CA LYS B 787 32.78 -30.77 -14.76
C LYS B 787 33.37 -30.11 -15.99
N ARG B 788 32.51 -29.67 -16.89
CA ARG B 788 32.94 -28.98 -18.09
C ARG B 788 33.29 -27.56 -17.74
N ALA B 789 32.60 -26.99 -16.75
CA ALA B 789 32.92 -25.66 -16.26
C ALA B 789 34.23 -25.68 -15.48
N ARG B 790 34.49 -26.79 -14.79
CA ARG B 790 35.70 -26.90 -13.95
C ARG B 790 36.91 -26.97 -14.87
N GLN B 791 36.69 -27.57 -16.04
CA GLN B 791 37.72 -27.68 -17.05
C GLN B 791 38.00 -26.31 -17.62
N LYS B 792 36.94 -25.64 -18.06
CA LYS B 792 37.08 -24.27 -18.52
C LYS B 792 37.77 -23.39 -17.47
N LEU B 793 37.47 -23.61 -16.19
CA LEU B 793 38.06 -22.76 -15.14
C LEU B 793 39.58 -22.89 -15.09
N ARG B 794 40.07 -24.11 -14.95
CA ARG B 794 41.52 -24.34 -14.81
C ARG B 794 42.26 -23.85 -16.02
N GLU B 795 41.59 -23.74 -17.16
CA GLU B 795 42.25 -23.31 -18.40
C GLU B 795 42.32 -21.79 -18.54
N LEU B 796 41.28 -21.09 -18.09
CA LEU B 796 41.26 -19.64 -18.11
C LEU B 796 42.22 -19.02 -17.09
N GLU B 797 42.26 -19.59 -15.89
CA GLU B 797 43.12 -19.07 -14.83
C GLU B 797 44.59 -19.31 -15.13
N SER B 798 44.93 -20.53 -15.52
CA SER B 798 46.29 -20.90 -15.86
C SER B 798 47.03 -19.90 -16.77
N ILE B 799 46.27 -19.22 -17.63
CA ILE B 799 46.82 -18.23 -18.57
C ILE B 799 47.30 -16.92 -17.91
N SER B 800 46.85 -16.65 -16.68
CA SER B 800 47.17 -15.41 -15.94
C SER B 800 48.19 -15.61 -14.81
#